data_5L6H
#
_entry.id   5L6H
#
_cell.length_a   72.048
_cell.length_b   194.098
_cell.length_c   230.172
_cell.angle_alpha   90.00
_cell.angle_beta   90.00
_cell.angle_gamma   90.00
#
_symmetry.space_group_name_H-M   'P 2 21 21'
#
loop_
_entity.id
_entity.type
_entity.pdbx_description
1 polymer 'Ubiquitin-activating enzyme E1 1'
2 polymer 'Ubiquitin-40S ribosomal protein S31'
3 non-polymer 'SULFATE ION'
4 non-polymer 'CHLORIDE ION'
5 non-polymer GLYCEROL
6 non-polymer '[(2~{R},3~{S},4~{R},5~{R})-5-[6-[(3-ethynylphenyl)amino]purin-9-yl]-3,4-bis(oxidanyl)oxolan-2-yl]methyl sulfamate'
7 non-polymer 'MAGNESIUM ION'
8 non-polymer 'ACETATE ION'
9 water water
#
loop_
_entity_poly.entity_id
_entity_poly.type
_entity_poly.pdbx_seq_one_letter_code
_entity_poly.pdbx_strand_id
1 'polypeptide(L)'
;MSSNNSGLSAAGEIDESLYSRQLYVLGKEAMLKMQTSNVLILGLKGLGVEIAKNVVLAGVKSMTVFDPEPVQLADLSTQF
FLTEKDIGQKRGDVTRAKLAELNAYVPVNVLDSLDDVTQLSQFQVVVATDTVSLEDKVKINEFCHSSGIRFISSETRGLF
GNTFVDLGDEFTVLDPTGEEPRTGMVSDIEPDGTVTMLDDNRHGLEDGNFVRFSEVEGLDKLNDGTLFKVEVLGPFAFRI
GSVKEYGEYKKGGIFTEVKVPRKISFKSLKQQLSNPEFVFSDFAKFDRAAQLHLGFQALHQFAVRHNGELPRTMNDEDAN
ELIKLVTDLSVQQPEVLGEGVDVNEDLIKELSYQARGDIPGVVAFFGGLVAQEVLKACSGKFTPLKQFMYFDSLESLPDP
KNFPRNEKTTQPVNSRYDNQIAVFGLDFQKKIANSKVFLVGSGAIGCEMLKNWALLGLGSGSDGYIVVTDNDSIEKSNLN
RQFLFRPKDVGKNKSEVAAEAVCAMNPDLKGKINAKIDKVGPETEEIFNDSFWESLDFVTNALDNVDARTYVDRRCVFYR
KPLLESGTLGTKGNTQVIIPRLTESYSSSRDPPEKSIPLCTLRSFPNKIDHTIAWAKSLFQGYFTDSAENVNMYLTQPNF
VEQTLKQSGDVKGVLESISDSLSSKPHNFEDCIKWARLEFEKKFNHDIKQLLFNFPKDAKTSNGEPFWSGAKRAPTPLEF
DIYNNDHFHFVVAGASLRAYNYGIKSDDSNSKPNVDEYKSVIDHMIIPEFTPNANLKIQVNDDDPDPNANAANGSDEIDQ
LVSSLPDPSTLAGFKLEPVDFEKDDDTNHHIEFITACSNCRAQNYFIETADRQKTKFIAGRIIPAIATTTSLVTGLVNLE
LYKLIDNKTDIEQYKNGFVNLALPFFGFSEPIASPKGEYNNKKYDKIWDRFDIKGDIKLSDLIEHFEKDEGLEITMLSYG
VSLLYASFFPPKKLKERLNLPITQLVKLVTKKDIPAHVSTMILEI(CSO)ADDKEGEDVEVPFITIHL
;
A,C
2 'polypeptide(L)' MQIFVKTLTGKTITLEVESSDTIDNVKSKIQDKEGIPPDQQRLIFAGKQLEDGRTLSDYNIQKESTLHLVLRLRGG B,D,E
#
loop_
_chem_comp.id
_chem_comp.type
_chem_comp.name
_chem_comp.formula
6O2 non-polymer '[(2~{R},3~{S},4~{R},5~{R})-5-[6-[(3-ethynylphenyl)amino]purin-9-yl]-3,4-bis(oxidanyl)oxolan-2-yl]methyl sulfamate' 'C18 H18 N6 O6 S'
ACT non-polymer 'ACETATE ION' 'C2 H3 O2 -1'
CL non-polymer 'CHLORIDE ION' 'Cl -1'
GOL non-polymer GLYCEROL 'C3 H8 O3'
MG non-polymer 'MAGNESIUM ION' 'Mg 2'
SO4 non-polymer 'SULFATE ION' 'O4 S -2'
#
# COMPACT_ATOMS: atom_id res chain seq x y z
N ALA A 10 -18.81 -5.65 -9.60
CA ALA A 10 -19.20 -4.46 -8.73
C ALA A 10 -18.55 -4.36 -7.25
N ALA A 11 -17.35 -4.95 -7.06
CA ALA A 11 -16.39 -4.62 -5.95
C ALA A 11 -14.99 -3.93 -6.45
N GLY A 12 -14.40 -3.16 -5.53
CA GLY A 12 -13.55 -2.00 -5.80
C GLY A 12 -14.31 -0.68 -5.41
N GLU A 13 -15.67 -0.74 -5.13
CA GLU A 13 -16.53 0.43 -4.62
C GLU A 13 -17.23 0.10 -3.24
N ILE A 14 -17.40 1.09 -2.37
CA ILE A 14 -18.03 0.91 -1.05
C ILE A 14 -19.41 1.59 -0.97
N ASP A 15 -20.42 0.91 -0.42
CA ASP A 15 -21.75 1.48 -0.28
C ASP A 15 -21.71 2.65 0.78
N GLU A 16 -21.44 3.86 0.32
CA GLU A 16 -21.44 5.00 1.20
C GLU A 16 -22.75 5.18 2.06
N SER A 17 -23.92 4.95 1.50
CA SER A 17 -25.13 5.14 2.20
C SER A 17 -25.29 4.20 3.39
N LEU A 18 -24.65 3.06 3.42
CA LEU A 18 -24.74 2.25 4.61
C LEU A 18 -23.54 2.40 5.52
N TYR A 19 -22.37 2.50 4.94
CA TYR A 19 -21.13 2.54 5.65
C TYR A 19 -20.53 3.87 5.93
N SER A 20 -21.24 4.94 5.68
CA SER A 20 -20.69 6.25 5.79
C SER A 20 -19.94 6.59 7.07
N ARG A 21 -20.50 6.30 8.22
CA ARG A 21 -19.84 6.60 9.46
C ARG A 21 -18.59 5.78 9.76
N GLN A 22 -18.62 4.51 9.42
CA GLN A 22 -17.50 3.60 9.57
C GLN A 22 -16.39 3.98 8.63
N LEU A 23 -16.77 4.42 7.45
CA LEU A 23 -15.86 4.82 6.43
C LEU A 23 -15.00 5.95 6.91
N TYR A 24 -15.55 6.88 7.66
CA TYR A 24 -14.75 7.90 8.22
C TYR A 24 -13.77 7.39 9.28
N VAL A 25 -13.98 6.24 9.90
CA VAL A 25 -13.03 5.76 10.87
C VAL A 25 -11.92 4.93 10.15
N LEU A 26 -12.29 4.05 9.24
CA LEU A 26 -11.38 3.08 8.66
C LEU A 26 -10.74 3.54 7.36
N GLY A 27 -11.47 4.32 6.55
CA GLY A 27 -11.00 4.71 5.22
C GLY A 27 -11.32 3.63 4.21
N LYS A 28 -11.32 4.04 2.97
CA LYS A 28 -11.69 3.25 1.82
C LYS A 28 -10.68 2.10 1.60
N GLU A 29 -9.38 2.33 1.72
CA GLU A 29 -8.41 1.21 1.39
C GLU A 29 -8.60 0.09 2.35
N ALA A 30 -8.67 0.44 3.61
CA ALA A 30 -8.85 -0.57 4.61
C ALA A 30 -10.11 -1.35 4.36
N MET A 31 -11.17 -0.64 3.97
CA MET A 31 -12.45 -1.35 3.73
C MET A 31 -12.43 -2.18 2.46
N LEU A 32 -11.73 -1.75 1.43
CA LEU A 32 -11.58 -2.59 0.28
C LEU A 32 -10.80 -3.88 0.66
N LYS A 33 -9.78 -3.83 1.52
CA LYS A 33 -9.07 -5.02 1.95
C LYS A 33 -10.01 -5.86 2.76
N MET A 34 -10.73 -5.24 3.69
CA MET A 34 -11.72 -6.04 4.51
C MET A 34 -12.70 -6.81 3.70
N GLN A 35 -13.12 -6.24 2.58
CA GLN A 35 -14.03 -6.88 1.58
C GLN A 35 -13.47 -7.99 0.72
N THR A 36 -12.15 -8.20 0.83
CA THR A 36 -11.54 -9.39 0.24
C THR A 36 -11.22 -10.38 1.34
N SER A 37 -11.52 -10.18 2.62
CA SER A 37 -11.09 -11.10 3.65
C SER A 37 -12.17 -12.02 4.10
N ASN A 38 -11.90 -13.30 4.12
CA ASN A 38 -12.84 -14.29 4.73
C ASN A 38 -12.42 -14.61 6.17
N VAL A 39 -13.37 -14.60 7.10
CA VAL A 39 -13.14 -14.73 8.49
C VAL A 39 -13.85 -15.91 8.97
N LEU A 40 -13.20 -16.62 9.90
CA LEU A 40 -13.75 -17.84 10.50
C LEU A 40 -13.76 -17.64 12.00
N ILE A 41 -14.90 -17.89 12.65
CA ILE A 41 -14.97 -17.87 14.08
C ILE A 41 -15.32 -19.22 14.61
N LEU A 42 -14.54 -19.68 15.59
CA LEU A 42 -14.73 -20.94 16.19
C LEU A 42 -15.34 -20.68 17.53
N GLY A 43 -16.57 -21.14 17.71
CA GLY A 43 -17.29 -20.96 18.97
C GLY A 43 -18.28 -19.83 18.83
N LEU A 44 -19.51 -20.09 19.19
CA LEU A 44 -20.57 -19.09 19.12
C LEU A 44 -21.40 -19.09 20.41
N LYS A 45 -20.69 -19.12 21.54
CA LYS A 45 -21.25 -18.62 22.72
C LYS A 45 -21.23 -17.10 22.64
N GLY A 46 -21.64 -16.47 23.73
CA GLY A 46 -21.57 -15.02 23.86
C GLY A 46 -20.42 -14.32 23.16
N LEU A 47 -19.20 -14.68 23.56
CA LEU A 47 -18.04 -14.06 22.98
C LEU A 47 -17.95 -14.17 21.43
N GLY A 48 -18.14 -15.34 20.95
CA GLY A 48 -18.08 -15.52 19.52
C GLY A 48 -19.14 -14.75 18.74
N VAL A 49 -20.37 -14.76 19.23
CA VAL A 49 -21.47 -14.10 18.53
C VAL A 49 -21.27 -12.57 18.61
N GLU A 50 -20.65 -12.10 19.68
CA GLU A 50 -20.34 -10.74 19.78
C GLU A 50 -19.25 -10.29 18.81
N ILE A 51 -18.20 -11.06 18.72
CA ILE A 51 -17.20 -10.81 17.72
C ILE A 51 -17.83 -10.84 16.36
N ALA A 52 -18.60 -11.87 16.12
CA ALA A 52 -19.12 -12.09 14.77
C ALA A 52 -20.07 -10.99 14.38
N LYS A 53 -20.92 -10.54 15.30
CA LYS A 53 -21.80 -9.41 14.99
C LYS A 53 -21.06 -8.19 14.60
N ASN A 54 -20.07 -7.83 15.36
CA ASN A 54 -19.30 -6.64 14.99
C ASN A 54 -18.58 -6.79 13.69
N VAL A 55 -18.04 -7.98 13.39
CA VAL A 55 -17.21 -8.16 12.18
C VAL A 55 -18.21 -8.15 11.00
N VAL A 56 -19.40 -8.72 11.16
CA VAL A 56 -20.33 -8.80 10.03
C VAL A 56 -20.85 -7.36 9.71
N LEU A 57 -21.10 -6.55 10.74
CA LEU A 57 -21.53 -5.17 10.53
C LEU A 57 -20.46 -4.40 9.79
N ALA A 58 -19.18 -4.68 10.14
CA ALA A 58 -18.06 -3.95 9.55
C ALA A 58 -17.89 -4.19 8.09
N GLY A 59 -18.26 -5.37 7.63
CA GLY A 59 -18.22 -5.65 6.21
C GLY A 59 -16.94 -6.41 5.77
N VAL A 60 -16.93 -7.69 5.93
CA VAL A 60 -15.87 -8.48 5.38
C VAL A 60 -16.47 -9.24 4.23
N LYS A 61 -15.61 -9.90 3.47
CA LYS A 61 -16.06 -10.64 2.32
C LYS A 61 -16.97 -11.79 2.70
N SER A 62 -16.66 -12.48 3.79
CA SER A 62 -17.53 -13.54 4.24
C SER A 62 -17.21 -13.84 5.67
N MET A 63 -18.17 -14.45 6.36
CA MET A 63 -18.02 -14.86 7.73
C MET A 63 -18.47 -16.30 7.79
N THR A 64 -17.70 -17.14 8.48
CA THR A 64 -18.01 -18.55 8.57
C THR A 64 -17.87 -18.84 10.02
N VAL A 65 -18.80 -19.62 10.56
CA VAL A 65 -18.86 -19.87 12.00
C VAL A 65 -18.80 -21.34 12.22
N PHE A 66 -18.14 -21.76 13.27
CA PHE A 66 -18.09 -23.14 13.56
C PHE A 66 -18.50 -23.27 14.99
N ASP A 67 -19.62 -23.94 15.26
CA ASP A 67 -19.98 -24.39 16.60
C ASP A 67 -21.03 -25.47 16.49
N PRO A 68 -20.59 -26.75 16.50
CA PRO A 68 -21.53 -27.85 16.50
C PRO A 68 -22.12 -28.18 17.87
N GLU A 69 -21.68 -27.54 18.97
CA GLU A 69 -22.22 -27.84 20.28
C GLU A 69 -23.75 -27.54 20.34
N PRO A 70 -24.49 -28.39 21.05
CA PRO A 70 -25.89 -28.06 21.23
C PRO A 70 -26.12 -26.93 22.24
N VAL A 71 -27.08 -26.10 21.92
CA VAL A 71 -27.54 -25.02 22.79
C VAL A 71 -28.09 -25.61 24.04
N GLN A 72 -27.54 -25.16 25.14
CA GLN A 72 -28.14 -25.32 26.46
C GLN A 72 -28.61 -23.97 27.05
N LEU A 73 -29.60 -24.06 27.96
CA LEU A 73 -30.19 -22.87 28.63
C LEU A 73 -29.19 -21.85 29.10
N ALA A 74 -28.10 -22.34 29.72
CA ALA A 74 -27.10 -21.43 30.28
C ALA A 74 -26.31 -20.64 29.27
N ASP A 75 -26.37 -21.06 28.00
CA ASP A 75 -25.64 -20.32 26.94
C ASP A 75 -26.21 -18.94 26.67
N LEU A 76 -27.52 -18.75 27.00
CA LEU A 76 -28.21 -17.52 26.76
C LEU A 76 -27.77 -16.39 27.69
N SER A 77 -26.93 -16.67 28.70
CA SER A 77 -26.37 -15.63 29.54
C SER A 77 -25.92 -14.44 28.74
N THR A 78 -25.15 -14.70 27.72
CA THR A 78 -24.66 -13.62 26.85
C THR A 78 -24.90 -13.79 25.31
N GLN A 79 -25.47 -14.90 24.88
CA GLN A 79 -25.65 -15.16 23.48
C GLN A 79 -27.03 -14.68 23.11
N PHE A 80 -27.06 -13.45 22.66
CA PHE A 80 -28.28 -12.69 22.46
C PHE A 80 -29.05 -13.13 21.23
N PHE A 81 -28.47 -13.91 20.34
CA PHE A 81 -29.21 -14.55 19.27
C PHE A 81 -29.76 -15.97 19.56
N LEU A 82 -29.56 -16.53 20.76
CA LEU A 82 -30.22 -17.77 21.14
C LEU A 82 -31.52 -17.52 21.87
N THR A 83 -32.41 -18.51 21.82
CA THR A 83 -33.73 -18.44 22.46
C THR A 83 -33.98 -19.78 23.10
N GLU A 84 -34.87 -19.85 24.07
CA GLU A 84 -35.21 -21.15 24.66
C GLU A 84 -35.69 -22.19 23.64
N LYS A 85 -36.30 -21.76 22.55
CA LYS A 85 -36.70 -22.69 21.46
C LYS A 85 -35.56 -23.50 20.78
N ASP A 86 -34.37 -22.92 20.75
CA ASP A 86 -33.19 -23.47 20.15
C ASP A 86 -32.52 -24.51 20.98
N ILE A 87 -32.93 -24.68 22.23
CA ILE A 87 -32.22 -25.64 23.06
C ILE A 87 -32.13 -27.06 22.39
N GLY A 88 -30.98 -27.70 22.39
CA GLY A 88 -30.83 -29.00 21.75
C GLY A 88 -30.26 -28.89 20.34
N GLN A 89 -30.48 -27.80 19.64
CA GLN A 89 -29.94 -27.66 18.30
C GLN A 89 -28.56 -27.04 18.32
N LYS A 90 -27.86 -27.11 17.20
CA LYS A 90 -26.46 -26.69 17.18
C LYS A 90 -26.32 -25.15 17.22
N ARG A 91 -25.40 -24.60 18.03
CA ARG A 91 -25.24 -23.13 18.15
C ARG A 91 -25.00 -22.47 16.81
N GLY A 92 -24.08 -23.04 16.03
CA GLY A 92 -23.73 -22.47 14.74
C GLY A 92 -24.92 -22.36 13.82
N ASP A 93 -25.68 -23.44 13.69
CA ASP A 93 -26.79 -23.51 12.73
C ASP A 93 -27.85 -22.46 13.05
N VAL A 94 -28.18 -22.37 14.32
CA VAL A 94 -29.24 -21.49 14.80
C VAL A 94 -28.87 -19.95 14.78
N THR A 95 -27.59 -19.64 14.89
CA THR A 95 -27.10 -18.29 14.99
C THR A 95 -26.95 -17.73 13.57
N ARG A 96 -26.66 -18.60 12.62
CA ARG A 96 -26.19 -18.16 11.32
C ARG A 96 -27.11 -17.16 10.67
N ALA A 97 -28.38 -17.49 10.55
CA ALA A 97 -29.38 -16.65 9.85
C ALA A 97 -29.55 -15.33 10.57
N LYS A 98 -29.41 -15.29 11.91
CA LYS A 98 -29.47 -13.98 12.60
C LYS A 98 -28.27 -13.12 12.28
N LEU A 99 -27.08 -13.73 12.17
CA LEU A 99 -25.87 -12.94 11.82
C LEU A 99 -26.07 -12.45 10.42
N ALA A 100 -26.60 -13.26 9.55
CA ALA A 100 -26.79 -12.81 8.17
C ALA A 100 -27.64 -11.57 7.98
N GLU A 101 -28.72 -11.45 8.75
CA GLU A 101 -29.61 -10.30 8.69
C GLU A 101 -28.87 -9.01 9.10
N LEU A 102 -27.74 -9.06 9.77
CA LEU A 102 -27.08 -7.85 10.14
C LEU A 102 -26.50 -7.06 8.96
N ASN A 103 -26.16 -7.76 7.86
CA ASN A 103 -25.47 -7.15 6.74
C ASN A 103 -25.57 -8.03 5.54
N ALA A 104 -26.56 -7.71 4.73
CA ALA A 104 -26.84 -8.38 3.50
C ALA A 104 -25.61 -8.48 2.56
N TYR A 105 -24.61 -7.61 2.72
CA TYR A 105 -23.43 -7.73 1.89
C TYR A 105 -22.47 -8.84 2.38
N VAL A 106 -22.68 -9.47 3.53
CA VAL A 106 -21.77 -10.42 4.03
C VAL A 106 -22.41 -11.77 4.15
N PRO A 107 -22.03 -12.72 3.29
CA PRO A 107 -22.54 -14.07 3.46
C PRO A 107 -22.09 -14.63 4.78
N VAL A 108 -22.95 -15.37 5.47
CA VAL A 108 -22.59 -16.01 6.72
C VAL A 108 -22.82 -17.52 6.49
N ASN A 109 -21.73 -18.32 6.56
CA ASN A 109 -21.83 -19.77 6.39
C ASN A 109 -21.49 -20.51 7.67
N VAL A 110 -21.95 -21.74 7.73
CA VAL A 110 -21.63 -22.64 8.81
C VAL A 110 -20.60 -23.66 8.31
N LEU A 111 -19.55 -23.86 9.09
CA LEU A 111 -18.57 -24.92 8.83
C LEU A 111 -19.02 -26.08 9.63
N ASP A 112 -19.38 -27.17 8.97
CA ASP A 112 -19.87 -28.40 9.64
C ASP A 112 -18.85 -29.08 10.57
N SER A 113 -17.59 -29.04 10.21
CA SER A 113 -16.61 -29.86 10.87
C SER A 113 -15.22 -29.28 10.75
N LEU A 114 -14.43 -29.46 11.79
CA LEU A 114 -13.04 -29.03 11.71
C LEU A 114 -12.04 -30.16 11.83
N ASP A 115 -12.51 -31.39 11.64
CA ASP A 115 -11.63 -32.55 11.73
C ASP A 115 -10.42 -32.41 10.80
N ASP A 116 -10.67 -31.99 9.55
CA ASP A 116 -9.67 -31.57 8.54
C ASP A 116 -9.15 -30.09 8.75
N VAL A 117 -8.05 -29.86 9.50
CA VAL A 117 -7.52 -28.50 9.66
C VAL A 117 -7.21 -27.75 8.39
N THR A 118 -6.84 -28.48 7.40
CA THR A 118 -6.56 -27.97 6.06
C THR A 118 -7.64 -27.05 5.48
N GLN A 119 -8.88 -27.22 5.92
CA GLN A 119 -9.98 -26.25 5.65
C GLN A 119 -9.66 -24.79 5.99
N LEU A 120 -8.88 -24.57 7.02
CA LEU A 120 -8.43 -23.28 7.45
C LEU A 120 -7.84 -22.42 6.37
N SER A 121 -7.29 -23.00 5.33
CA SER A 121 -6.64 -22.22 4.30
C SER A 121 -7.52 -21.36 3.52
N GLN A 122 -8.79 -21.72 3.42
CA GLN A 122 -9.80 -20.89 2.78
C GLN A 122 -9.98 -19.51 3.52
N PHE A 123 -9.38 -19.25 4.69
CA PHE A 123 -9.63 -18.09 5.52
C PHE A 123 -8.40 -17.22 5.73
N GLN A 124 -8.56 -15.91 5.87
CA GLN A 124 -7.46 -15.02 6.05
C GLN A 124 -7.27 -14.77 7.49
N VAL A 125 -8.35 -14.87 8.29
CA VAL A 125 -8.29 -14.57 9.73
C VAL A 125 -9.12 -15.63 10.44
N VAL A 126 -8.54 -16.29 11.46
CA VAL A 126 -9.22 -17.35 12.20
C VAL A 126 -9.22 -16.92 13.62
N VAL A 127 -10.38 -16.93 14.25
CA VAL A 127 -10.50 -16.48 15.58
C VAL A 127 -11.00 -17.65 16.38
N ALA A 128 -10.32 -17.97 17.48
CA ALA A 128 -10.71 -19.09 18.33
C ALA A 128 -11.17 -18.60 19.71
N THR A 129 -12.38 -18.94 20.14
CA THR A 129 -13.00 -18.37 21.36
C THR A 129 -12.87 -19.35 22.47
N ASP A 130 -13.71 -19.24 23.44
CA ASP A 130 -13.57 -19.94 24.71
C ASP A 130 -13.92 -21.42 24.56
N THR A 131 -14.48 -21.84 23.43
CA THR A 131 -14.97 -23.17 23.25
C THR A 131 -13.87 -24.08 22.75
N VAL A 132 -12.73 -23.55 22.38
CA VAL A 132 -11.66 -24.31 21.74
C VAL A 132 -10.64 -24.58 22.82
N SER A 133 -10.28 -25.84 22.98
CA SER A 133 -9.31 -26.24 23.97
C SER A 133 -7.95 -25.56 23.69
N LEU A 134 -7.09 -25.42 24.68
CA LEU A 134 -5.79 -24.80 24.47
C LEU A 134 -4.95 -25.65 23.49
N GLU A 135 -4.99 -26.96 23.68
CA GLU A 135 -4.29 -27.86 22.83
C GLU A 135 -4.69 -27.66 21.35
N ASP A 136 -6.00 -27.51 21.09
CA ASP A 136 -6.47 -27.25 19.76
C ASP A 136 -6.11 -25.87 19.30
N LYS A 137 -6.02 -24.92 20.23
CA LYS A 137 -5.59 -23.61 19.83
C LYS A 137 -4.14 -23.60 19.33
N VAL A 138 -3.28 -24.35 19.98
CA VAL A 138 -1.89 -24.39 19.62
C VAL A 138 -1.71 -25.09 18.21
N LYS A 139 -2.45 -26.14 17.96
CA LYS A 139 -2.41 -26.78 16.65
C LYS A 139 -2.87 -25.85 15.53
N ILE A 140 -3.99 -25.17 15.79
CA ILE A 140 -4.62 -24.30 14.84
C ILE A 140 -3.71 -23.12 14.61
N ASN A 141 -3.21 -22.54 15.69
CA ASN A 141 -2.29 -21.45 15.51
C ASN A 141 -1.01 -21.88 14.77
N GLU A 142 -0.49 -23.04 15.03
CA GLU A 142 0.69 -23.47 14.28
C GLU A 142 0.36 -23.59 12.79
N PHE A 143 -0.77 -24.19 12.51
CA PHE A 143 -1.19 -24.25 11.13
C PHE A 143 -1.35 -22.87 10.50
N CYS A 144 -1.99 -21.94 11.21
CA CYS A 144 -2.20 -20.60 10.73
C CYS A 144 -0.90 -19.86 10.55
N HIS A 145 -0.10 -19.84 11.58
CA HIS A 145 1.17 -19.11 11.52
C HIS A 145 2.08 -19.58 10.47
N SER A 146 2.24 -20.87 10.36
CA SER A 146 3.16 -21.43 9.37
C SER A 146 2.56 -21.25 7.96
N SER A 147 1.26 -20.98 7.84
CA SER A 147 0.77 -20.85 6.48
C SER A 147 0.27 -19.44 6.06
N GLY A 148 0.62 -18.41 6.78
CA GLY A 148 0.20 -17.05 6.48
C GLY A 148 -1.18 -16.65 6.90
N ILE A 149 -1.82 -17.39 7.78
CA ILE A 149 -3.19 -17.09 8.24
C ILE A 149 -3.12 -16.38 9.60
N ARG A 150 -3.82 -15.27 9.72
CA ARG A 150 -3.73 -14.46 10.88
C ARG A 150 -4.64 -15.13 11.87
N PHE A 151 -4.23 -15.11 13.14
CA PHE A 151 -4.87 -15.92 14.20
C PHE A 151 -5.12 -15.08 15.39
N ILE A 152 -6.33 -15.17 15.94
CA ILE A 152 -6.64 -14.48 17.17
C ILE A 152 -7.36 -15.45 18.08
N SER A 153 -7.07 -15.41 19.37
CA SER A 153 -7.95 -16.07 20.30
C SER A 153 -8.37 -15.20 21.43
N SER A 154 -9.46 -15.62 22.07
CA SER A 154 -9.97 -14.89 23.21
C SER A 154 -10.77 -15.82 24.11
N GLU A 155 -10.73 -15.52 25.39
CA GLU A 155 -11.55 -16.22 26.38
C GLU A 155 -12.03 -15.26 27.45
N THR A 156 -13.18 -15.57 28.02
CA THR A 156 -13.76 -14.86 29.16
C THR A 156 -14.13 -15.87 30.18
N ARG A 157 -13.82 -15.57 31.42
CA ARG A 157 -14.25 -16.38 32.48
C ARG A 157 -14.73 -15.47 33.63
N GLY A 158 -16.05 -15.42 33.81
CA GLY A 158 -16.62 -14.50 34.80
C GLY A 158 -16.06 -13.09 34.55
N LEU A 159 -15.54 -12.46 35.59
CA LEU A 159 -15.06 -11.07 35.44
C LEU A 159 -13.68 -10.98 34.83
N PHE A 160 -13.16 -12.07 34.25
CA PHE A 160 -11.74 -12.08 33.75
C PHE A 160 -11.80 -12.34 32.29
N GLY A 161 -10.81 -11.92 31.55
CA GLY A 161 -10.76 -12.30 30.16
C GLY A 161 -9.38 -12.10 29.55
N ASN A 162 -9.17 -12.61 28.34
CA ASN A 162 -7.97 -12.29 27.61
C ASN A 162 -8.14 -12.36 26.14
N THR A 163 -7.17 -11.82 25.47
CA THR A 163 -7.06 -12.02 24.01
C THR A 163 -5.59 -12.21 23.63
N PHE A 164 -5.38 -12.98 22.56
CA PHE A 164 -4.08 -13.22 21.99
C PHE A 164 -4.13 -13.00 20.53
N VAL A 165 -3.15 -12.27 20.01
CA VAL A 165 -3.07 -11.95 18.58
C VAL A 165 -1.74 -12.45 18.00
N ASP A 166 -1.80 -13.11 16.86
CA ASP A 166 -0.60 -13.56 16.12
C ASP A 166 -0.87 -13.39 14.62
N LEU A 167 -0.39 -12.32 14.08
CA LEU A 167 -0.60 -12.08 12.66
C LEU A 167 0.50 -12.58 11.81
N GLY A 168 1.37 -13.47 12.31
CA GLY A 168 2.42 -14.07 11.48
C GLY A 168 3.75 -13.37 11.55
N ASP A 169 4.68 -13.98 10.83
CA ASP A 169 6.06 -13.57 10.73
CA ASP A 169 6.08 -13.57 10.77
C ASP A 169 6.22 -12.27 10.02
N GLU A 170 5.41 -12.00 9.00
CA GLU A 170 5.43 -10.64 8.41
C GLU A 170 4.03 -10.03 8.29
N PHE A 171 3.87 -8.90 8.91
CA PHE A 171 2.63 -8.17 8.85
C PHE A 171 2.96 -6.74 8.65
N THR A 172 2.34 -6.10 7.69
CA THR A 172 2.63 -4.68 7.47
C THR A 172 1.52 -3.76 7.96
N VAL A 173 1.83 -2.89 8.91
CA VAL A 173 0.91 -1.86 9.39
C VAL A 173 1.04 -0.67 8.42
N LEU A 174 -0.05 -0.26 7.80
CA LEU A 174 -0.01 0.83 6.85
C LEU A 174 -0.24 2.16 7.50
N ASP A 175 -0.78 2.21 8.70
CA ASP A 175 -1.18 3.47 9.38
C ASP A 175 -1.37 3.11 10.79
N PRO A 176 -0.56 3.65 11.67
CA PRO A 176 -0.63 3.13 13.06
C PRO A 176 -1.73 3.69 13.94
N THR A 177 -2.24 4.86 13.64
CA THR A 177 -3.21 5.54 14.55
C THR A 177 -4.54 5.90 13.93
N GLY A 178 -4.57 6.12 12.63
CA GLY A 178 -5.81 6.58 12.02
C GLY A 178 -6.07 8.09 12.16
N GLU A 179 -5.16 8.85 12.77
CA GLU A 179 -5.27 10.28 12.86
C GLU A 179 -5.07 10.97 11.52
N GLU A 180 -5.68 12.12 11.33
CA GLU A 180 -5.37 13.01 10.24
C GLU A 180 -3.88 13.33 10.23
N PRO A 181 -3.23 13.17 9.09
CA PRO A 181 -1.89 13.66 8.99
C PRO A 181 -1.75 15.14 9.37
N ARG A 182 -0.73 15.44 10.17
CA ARG A 182 -0.36 16.82 10.49
C ARG A 182 0.05 17.53 9.23
N THR A 183 -0.25 18.80 9.17
CA THR A 183 0.05 19.63 8.05
C THR A 183 0.34 20.99 8.63
N GLY A 184 1.07 21.85 7.93
CA GLY A 184 1.35 23.18 8.43
C GLY A 184 2.15 24.03 7.49
N MET A 185 2.05 25.33 7.71
CA MET A 185 2.74 26.32 6.91
CA MET A 185 2.74 26.32 6.91
C MET A 185 4.08 26.68 7.51
N VAL A 186 5.02 26.95 6.60
CA VAL A 186 6.41 27.09 6.91
C VAL A 186 6.79 28.50 6.58
N SER A 187 7.60 29.09 7.43
CA SER A 187 8.10 30.43 7.12
C SER A 187 9.59 30.42 6.89
N ASP A 188 10.33 29.43 7.38
CA ASP A 188 11.71 29.33 7.01
C ASP A 188 12.25 27.90 6.99
N ILE A 189 13.18 27.64 6.09
CA ILE A 189 14.00 26.38 6.16
C ILE A 189 15.45 26.74 6.01
N GLU A 190 16.20 26.52 7.08
CA GLU A 190 17.64 26.87 7.10
CA GLU A 190 17.64 26.87 7.09
C GLU A 190 18.45 25.80 6.37
N PRO A 191 19.64 26.13 5.89
CA PRO A 191 20.53 25.08 5.27
C PRO A 191 20.77 23.73 6.05
N ASP A 192 20.82 23.71 7.36
CA ASP A 192 20.90 22.46 8.15
C ASP A 192 19.56 21.69 8.29
N GLY A 193 18.50 22.24 7.69
CA GLY A 193 17.18 21.61 7.69
C GLY A 193 16.27 22.01 8.80
N THR A 194 16.55 23.14 9.46
CA THR A 194 15.71 23.62 10.59
C THR A 194 14.54 24.35 9.94
N VAL A 195 13.37 23.76 10.13
CA VAL A 195 12.09 24.23 9.59
C VAL A 195 11.38 25.04 10.70
N THR A 196 11.19 26.33 10.45
CA THR A 196 10.39 27.17 11.37
C THR A 196 8.98 27.35 10.85
N MET A 197 8.00 27.16 11.73
CA MET A 197 6.58 27.32 11.39
C MET A 197 6.22 28.78 11.29
N LEU A 198 5.25 29.03 10.44
CA LEU A 198 4.63 30.34 10.30
C LEU A 198 4.08 30.81 11.61
N ASP A 199 4.49 31.98 12.08
CA ASP A 199 3.88 32.58 13.27
C ASP A 199 3.88 31.63 14.44
N ASP A 200 2.73 31.47 15.09
CA ASP A 200 2.59 30.59 16.25
C ASP A 200 1.78 29.30 15.90
N ASN A 201 2.06 28.69 14.76
CA ASN A 201 1.32 27.54 14.38
C ASN A 201 2.20 26.39 14.85
N ARG A 202 1.59 25.45 15.55
CA ARG A 202 2.34 24.30 16.03
C ARG A 202 2.42 23.26 14.96
N HIS A 203 3.56 22.63 14.81
CA HIS A 203 3.65 21.57 13.82
C HIS A 203 2.92 20.34 14.30
N GLY A 204 2.99 20.08 15.60
CA GLY A 204 2.30 18.94 16.19
C GLY A 204 2.90 17.58 15.90
N LEU A 205 4.08 17.53 15.28
CA LEU A 205 4.79 16.33 15.04
C LEU A 205 5.55 15.82 16.26
N GLU A 206 6.13 14.66 16.08
CA GLU A 206 6.83 13.84 17.08
C GLU A 206 8.11 13.34 16.35
N ASP A 207 9.20 13.16 17.09
CA ASP A 207 10.43 12.53 16.58
C ASP A 207 10.17 11.24 15.84
N GLY A 208 10.73 11.08 14.69
CA GLY A 208 10.52 9.90 13.88
C GLY A 208 9.37 10.01 12.91
N ASN A 209 8.43 11.01 13.01
CA ASN A 209 7.40 11.15 11.99
C ASN A 209 8.15 11.46 10.70
N PHE A 210 7.48 11.31 9.57
CA PHE A 210 8.03 11.72 8.26
C PHE A 210 7.17 12.78 7.65
N VAL A 211 7.75 13.65 6.83
CA VAL A 211 6.96 14.65 6.12
C VAL A 211 7.36 14.83 4.72
N ARG A 212 6.41 15.26 3.88
CA ARG A 212 6.69 15.75 2.54
C ARG A 212 6.43 17.23 2.49
N PHE A 213 6.84 17.90 1.44
CA PHE A 213 6.65 19.32 1.27
C PHE A 213 6.05 19.67 -0.05
N SER A 214 5.34 20.80 -0.07
CA SER A 214 4.93 21.52 -1.31
C SER A 214 5.16 23.00 -1.20
N GLU A 215 5.29 23.67 -2.32
CA GLU A 215 5.34 25.16 -2.40
C GLU A 215 6.53 25.81 -1.80
N VAL A 216 7.54 25.05 -1.40
CA VAL A 216 8.79 25.61 -0.85
C VAL A 216 9.56 26.18 -2.03
N GLU A 217 9.60 27.49 -2.19
CA GLU A 217 10.33 28.07 -3.32
C GLU A 217 11.78 28.18 -2.98
N GLY A 218 12.62 27.90 -3.98
CA GLY A 218 14.08 27.82 -3.80
C GLY A 218 14.69 26.46 -3.43
N LEU A 219 13.88 25.48 -3.04
CA LEU A 219 14.40 24.16 -2.73
C LEU A 219 13.71 23.14 -3.58
N ASP A 220 13.58 23.45 -4.84
CA ASP A 220 12.66 22.77 -5.76
C ASP A 220 12.41 21.23 -5.53
N LYS A 221 13.43 20.44 -5.36
CA LYS A 221 13.16 19.02 -5.34
C LYS A 221 12.69 18.53 -3.99
N LEU A 222 12.89 19.34 -2.96
CA LEU A 222 12.23 19.09 -1.70
C LEU A 222 10.69 18.98 -1.77
N ASN A 223 10.09 19.50 -2.85
CA ASN A 223 8.68 19.36 -3.16
C ASN A 223 8.26 18.12 -3.98
N ASP A 224 9.16 17.22 -4.32
CA ASP A 224 8.82 16.16 -5.28
C ASP A 224 8.23 14.90 -4.67
N GLY A 225 8.05 14.92 -3.38
CA GLY A 225 7.35 13.87 -2.67
C GLY A 225 8.29 13.04 -1.82
N THR A 226 9.59 13.35 -1.89
CA THR A 226 10.54 12.82 -0.96
C THR A 226 10.08 13.01 0.49
N LEU A 227 10.27 11.97 1.28
CA LEU A 227 10.10 12.03 2.66
C LEU A 227 11.31 12.39 3.44
N PHE A 228 11.08 13.16 4.48
CA PHE A 228 12.10 13.58 5.41
C PHE A 228 11.66 13.21 6.81
N LYS A 229 12.62 12.72 7.56
CA LYS A 229 12.42 12.26 8.87
C LYS A 229 12.54 13.49 9.79
N VAL A 230 11.64 13.58 10.73
CA VAL A 230 11.52 14.74 11.60
C VAL A 230 12.28 14.54 12.89
N GLU A 231 13.09 15.53 13.22
CA GLU A 231 13.58 15.75 14.57
C GLU A 231 12.94 17.01 15.19
N VAL A 232 12.23 16.85 16.28
CA VAL A 232 11.51 17.93 16.88
C VAL A 232 12.41 18.81 17.68
N LEU A 233 12.42 20.12 17.39
CA LEU A 233 13.25 21.09 18.14
C LEU A 233 12.50 21.79 19.28
N GLY A 234 11.33 22.34 19.04
CA GLY A 234 10.34 22.49 20.10
C GLY A 234 8.99 22.48 19.42
N PRO A 235 7.99 23.09 20.00
CA PRO A 235 6.65 23.19 19.44
C PRO A 235 6.55 23.88 18.12
N PHE A 236 7.47 24.81 17.82
CA PHE A 236 7.36 25.62 16.60
C PHE A 236 8.46 25.40 15.57
N ALA A 237 9.32 24.41 15.80
CA ALA A 237 10.37 24.11 14.84
C ALA A 237 10.64 22.62 14.83
N PHE A 238 11.08 22.11 13.68
CA PHE A 238 11.60 20.77 13.58
C PHE A 238 12.68 20.74 12.58
N ARG A 239 13.42 19.65 12.54
CA ARG A 239 14.63 19.58 11.64
C ARG A 239 14.58 18.37 10.75
N ILE A 240 15.01 18.52 9.48
CA ILE A 240 14.86 17.46 8.47
C ILE A 240 16.15 17.01 7.79
N GLY A 241 17.26 17.40 8.35
CA GLY A 241 18.57 17.06 7.77
C GLY A 241 18.99 18.15 6.79
N SER A 242 20.25 18.19 6.49
CA SER A 242 20.75 19.20 5.58
C SER A 242 19.94 19.29 4.31
N VAL A 243 19.57 20.49 3.95
CA VAL A 243 19.03 20.73 2.67
C VAL A 243 19.87 21.59 1.80
N LYS A 244 21.12 21.91 2.13
CA LYS A 244 21.90 22.77 1.18
C LYS A 244 22.07 22.16 -0.22
N GLU A 245 22.16 20.84 -0.32
CA GLU A 245 22.18 20.18 -1.62
C GLU A 245 20.94 20.59 -2.52
N TYR A 246 19.79 20.85 -1.93
CA TYR A 246 18.54 21.17 -2.68
C TYR A 246 18.41 22.62 -3.21
N GLY A 247 19.21 23.56 -2.72
CA GLY A 247 19.14 24.97 -3.09
C GLY A 247 19.19 25.91 -1.85
N GLU A 248 18.47 27.03 -1.89
CA GLU A 248 18.41 27.97 -0.80
C GLU A 248 16.95 28.42 -0.64
N TYR A 249 16.36 28.23 0.55
CA TYR A 249 15.00 28.65 0.84
C TYR A 249 14.74 30.11 0.52
N LYS A 250 13.66 30.38 -0.21
CA LYS A 250 13.23 31.77 -0.49
C LYS A 250 11.98 32.14 0.31
N LYS A 251 10.88 31.41 0.08
CA LYS A 251 9.61 31.68 0.77
C LYS A 251 8.62 30.54 0.55
N GLY A 252 7.46 30.62 1.23
CA GLY A 252 6.34 29.70 1.07
C GLY A 252 6.61 28.35 1.76
N GLY A 253 5.67 27.45 1.62
CA GLY A 253 5.88 26.09 2.02
C GLY A 253 4.76 25.48 2.84
N ILE A 254 4.40 24.23 2.51
CA ILE A 254 3.53 23.44 3.36
C ILE A 254 4.12 22.07 3.54
N PHE A 255 4.22 21.63 4.80
CA PHE A 255 4.61 20.27 5.08
C PHE A 255 3.35 19.43 5.31
N THR A 256 3.39 18.16 4.91
CA THR A 256 2.28 17.20 5.16
C THR A 256 2.92 15.92 5.69
N GLU A 257 2.51 15.49 6.85
CA GLU A 257 2.93 14.25 7.46
C GLU A 257 2.60 13.07 6.61
N VAL A 258 3.52 12.13 6.51
CA VAL A 258 3.21 10.88 5.76
C VAL A 258 3.44 9.70 6.72
N LYS A 259 2.47 8.81 6.81
CA LYS A 259 2.64 7.57 7.59
C LYS A 259 3.33 6.50 6.74
N VAL A 260 4.51 6.08 7.17
CA VAL A 260 5.24 5.07 6.40
C VAL A 260 4.80 3.71 6.88
N PRO A 261 4.87 2.71 6.03
CA PRO A 261 4.63 1.38 6.44
C PRO A 261 5.58 0.83 7.41
N ARG A 262 5.12 -0.10 8.25
CA ARG A 262 5.97 -0.72 9.19
C ARG A 262 5.80 -2.21 9.22
N LYS A 263 6.89 -2.94 9.08
CA LYS A 263 6.81 -4.40 9.13
C LYS A 263 7.02 -4.88 10.54
N ILE A 264 6.18 -5.78 10.98
CA ILE A 264 6.27 -6.31 12.29
C ILE A 264 6.05 -7.82 12.28
N SER A 265 6.56 -8.41 13.32
CA SER A 265 6.67 -9.80 13.49
C SER A 265 6.04 -10.28 14.73
N PHE A 266 5.25 -11.33 14.60
CA PHE A 266 4.55 -11.91 15.75
C PHE A 266 5.13 -13.32 16.00
N LYS A 267 5.06 -13.80 17.22
CA LYS A 267 5.40 -15.16 17.50
C LYS A 267 4.16 -15.98 17.68
N SER A 268 4.33 -17.29 17.64
CA SER A 268 3.22 -18.25 17.73
C SER A 268 2.65 -18.31 19.17
N LEU A 269 1.45 -18.88 19.28
CA LEU A 269 0.88 -19.07 20.56
C LEU A 269 1.83 -19.90 21.44
N LYS A 270 2.42 -20.98 20.90
CA LYS A 270 3.23 -21.85 21.74
C LYS A 270 4.43 -21.04 22.27
N GLN A 271 5.13 -20.30 21.42
CA GLN A 271 6.24 -19.45 21.93
C GLN A 271 5.72 -18.42 23.02
N GLN A 272 4.55 -17.79 22.80
CA GLN A 272 4.13 -16.71 23.68
C GLN A 272 3.54 -17.25 24.96
N LEU A 273 3.02 -18.47 24.96
CA LEU A 273 2.67 -19.10 26.21
C LEU A 273 3.87 -19.09 27.15
N SER A 274 5.06 -19.35 26.60
CA SER A 274 6.20 -19.48 27.57
C SER A 274 6.90 -18.14 27.76
N ASN A 275 6.91 -17.30 26.74
N ASN A 275 6.89 -17.29 26.74
CA ASN A 275 7.55 -15.96 26.85
CA ASN A 275 7.52 -15.96 26.84
C ASN A 275 6.59 -14.87 26.26
C ASN A 275 6.58 -14.88 26.25
N PRO A 276 5.59 -14.47 27.04
CA PRO A 276 4.57 -13.55 26.50
C PRO A 276 5.00 -12.11 26.38
N GLU A 277 4.49 -11.41 25.40
CA GLU A 277 4.55 -10.00 25.34
C GLU A 277 3.12 -9.40 25.64
N PHE A 278 3.05 -8.59 26.67
CA PHE A 278 1.77 -8.13 27.19
C PHE A 278 1.49 -6.72 26.71
N VAL A 279 0.23 -6.46 26.43
CA VAL A 279 -0.30 -5.12 26.49
C VAL A 279 -1.22 -5.03 27.68
N PHE A 280 -1.11 -3.98 28.50
CA PHE A 280 -1.93 -3.88 29.71
C PHE A 280 -3.28 -3.27 29.49
N SER A 281 -4.27 -3.76 30.22
CA SER A 281 -5.64 -3.33 30.06
C SER A 281 -5.92 -2.30 31.09
N ASP A 282 -5.01 -2.16 32.07
CA ASP A 282 -5.19 -1.23 33.17
C ASP A 282 -3.93 -1.14 33.97
N PHE A 283 -3.21 -0.02 33.88
CA PHE A 283 -1.91 0.04 34.44
C PHE A 283 -1.90 -0.09 35.97
N ALA A 284 -2.98 0.27 36.64
CA ALA A 284 -3.05 0.03 38.09
C ALA A 284 -2.96 -1.42 38.43
N LYS A 285 -3.25 -2.30 37.47
CA LYS A 285 -3.25 -3.72 37.63
C LYS A 285 -2.08 -4.48 36.85
N PHE A 286 -0.95 -3.83 36.57
CA PHE A 286 -0.01 -4.43 35.61
C PHE A 286 0.64 -5.75 36.16
N ASP A 287 0.81 -5.80 37.48
CA ASP A 287 1.31 -6.94 38.21
CA ASP A 287 1.39 -6.95 38.19
C ASP A 287 0.47 -8.19 38.01
N ARG A 288 -0.80 -7.99 37.71
CA ARG A 288 -1.68 -9.11 37.51
C ARG A 288 -1.59 -9.76 36.18
N ALA A 289 -1.06 -9.06 35.19
CA ALA A 289 -1.05 -9.61 33.83
C ALA A 289 -0.14 -10.94 33.84
N ALA A 290 0.96 -10.94 34.54
CA ALA A 290 1.74 -12.24 34.62
C ALA A 290 0.99 -13.34 35.41
N GLN A 291 0.17 -12.95 36.37
CA GLN A 291 -0.53 -13.92 37.22
C GLN A 291 -1.66 -14.60 36.47
N LEU A 292 -2.43 -13.79 35.76
CA LEU A 292 -3.46 -14.28 34.96
C LEU A 292 -2.94 -15.08 33.75
N HIS A 293 -1.77 -14.74 33.25
CA HIS A 293 -1.22 -15.48 32.17
C HIS A 293 -1.00 -16.92 32.62
N LEU A 294 -0.39 -17.07 33.78
CA LEU A 294 -0.25 -18.41 34.48
C LEU A 294 -1.61 -19.01 34.81
N GLY A 295 -2.50 -18.20 35.37
CA GLY A 295 -3.82 -18.69 35.73
C GLY A 295 -4.69 -19.23 34.62
N PHE A 296 -4.72 -18.57 33.48
CA PHE A 296 -5.50 -19.07 32.32
C PHE A 296 -4.86 -20.33 31.77
N GLN A 297 -3.54 -20.43 31.79
CA GLN A 297 -2.89 -21.73 31.42
C GLN A 297 -3.31 -22.80 32.40
N ALA A 298 -3.42 -22.41 33.66
CA ALA A 298 -3.76 -23.39 34.66
C ALA A 298 -5.20 -23.89 34.52
N LEU A 299 -6.08 -23.03 34.05
CA LEU A 299 -7.47 -23.50 33.79
C LEU A 299 -7.49 -24.60 32.82
N HIS A 300 -6.70 -24.42 31.79
CA HIS A 300 -6.61 -25.41 30.73
C HIS A 300 -5.99 -26.71 31.23
N GLN A 301 -4.99 -26.62 32.10
CA GLN A 301 -4.45 -27.83 32.69
C GLN A 301 -5.48 -28.47 33.55
N PHE A 302 -6.23 -27.63 34.30
CA PHE A 302 -7.29 -28.13 35.14
C PHE A 302 -8.28 -28.91 34.26
N ALA A 303 -8.67 -28.33 33.13
CA ALA A 303 -9.58 -29.03 32.25
C ALA A 303 -9.04 -30.38 31.69
N VAL A 304 -7.78 -30.43 31.30
CA VAL A 304 -7.17 -31.68 30.89
C VAL A 304 -7.25 -32.75 31.98
N ARG A 305 -6.95 -32.41 33.22
CA ARG A 305 -7.07 -33.33 34.37
C ARG A 305 -8.52 -33.66 34.77
N HIS A 306 -9.54 -32.94 34.29
CA HIS A 306 -10.94 -33.23 34.65
C HIS A 306 -11.86 -33.46 33.49
N ASN A 307 -11.39 -34.12 32.45
CA ASN A 307 -12.21 -34.49 31.31
C ASN A 307 -12.93 -33.34 30.58
N GLY A 308 -12.18 -32.27 30.33
CA GLY A 308 -12.70 -31.12 29.62
C GLY A 308 -13.41 -30.15 30.48
N GLU A 309 -13.63 -30.40 31.77
CA GLU A 309 -14.44 -29.52 32.64
C GLU A 309 -13.60 -28.42 33.37
N LEU A 310 -14.21 -27.25 33.53
CA LEU A 310 -13.65 -26.17 34.35
C LEU A 310 -13.90 -26.35 35.85
N PRO A 311 -13.20 -25.58 36.67
CA PRO A 311 -13.45 -25.66 38.11
C PRO A 311 -14.88 -25.40 38.41
N ARG A 312 -15.37 -26.01 39.47
CA ARG A 312 -16.72 -25.77 39.97
C ARG A 312 -16.84 -24.37 40.64
N THR A 313 -18.02 -23.82 40.41
CA THR A 313 -18.43 -22.53 40.81
C THR A 313 -18.31 -22.49 42.32
N MET A 314 -17.60 -21.46 42.78
CA MET A 314 -17.35 -21.14 44.18
C MET A 314 -16.82 -22.34 44.99
N ASN A 315 -16.16 -23.27 44.31
CA ASN A 315 -15.68 -24.47 44.96
C ASN A 315 -14.24 -24.36 45.43
N ASP A 316 -14.04 -24.53 46.73
CA ASP A 316 -12.71 -24.43 47.35
C ASP A 316 -11.69 -25.47 46.94
N GLU A 317 -12.10 -26.72 46.83
CA GLU A 317 -11.18 -27.83 46.51
C GLU A 317 -10.54 -27.54 45.15
N ASP A 318 -11.41 -27.26 44.16
CA ASP A 318 -10.96 -26.94 42.80
C ASP A 318 -10.12 -25.69 42.78
N ALA A 319 -10.49 -24.64 43.55
CA ALA A 319 -9.64 -23.45 43.63
C ALA A 319 -8.21 -23.71 44.17
N ASN A 320 -8.07 -24.48 45.24
CA ASN A 320 -6.76 -24.93 45.70
C ASN A 320 -5.98 -25.75 44.70
N GLU A 321 -6.72 -26.51 43.87
CA GLU A 321 -6.09 -27.22 42.75
C GLU A 321 -5.60 -26.25 41.72
N LEU A 322 -6.40 -25.21 41.44
CA LEU A 322 -5.93 -24.17 40.53
C LEU A 322 -4.72 -23.38 41.05
N ILE A 323 -4.75 -23.00 42.30
CA ILE A 323 -3.63 -22.41 42.90
C ILE A 323 -2.40 -23.34 42.88
N LYS A 324 -2.55 -24.68 43.15
CA LYS A 324 -1.39 -25.61 43.10
C LYS A 324 -0.83 -25.60 41.69
N LEU A 325 -1.73 -25.60 40.70
CA LEU A 325 -1.30 -25.63 39.33
C LEU A 325 -0.52 -24.36 38.95
N VAL A 326 -0.93 -23.20 39.48
CA VAL A 326 -0.25 -21.96 39.17
C VAL A 326 1.06 -21.92 39.88
N THR A 327 1.05 -22.34 41.13
CA THR A 327 2.25 -22.44 41.93
C THR A 327 3.24 -23.36 41.20
N ASP A 328 2.77 -24.45 40.65
CA ASP A 328 3.71 -25.33 39.92
C ASP A 328 4.30 -24.64 38.67
N LEU A 329 3.51 -23.80 38.01
CA LEU A 329 4.03 -23.10 36.83
C LEU A 329 5.07 -22.07 37.20
N SER A 330 4.93 -21.45 38.38
CA SER A 330 5.88 -20.38 38.79
C SER A 330 7.21 -20.96 39.26
N VAL A 331 7.16 -22.17 39.81
CA VAL A 331 8.38 -22.87 40.25
C VAL A 331 9.12 -23.35 39.01
N GLN A 332 8.41 -23.95 38.06
CA GLN A 332 8.99 -24.36 36.75
C GLN A 332 9.55 -23.20 35.94
N GLN A 333 8.95 -22.02 36.09
CA GLN A 333 9.32 -20.78 35.33
C GLN A 333 9.40 -19.53 36.23
N PRO A 334 10.49 -19.40 36.94
CA PRO A 334 10.54 -18.29 37.90
C PRO A 334 10.54 -16.90 37.26
N GLU A 335 10.97 -16.77 36.02
CA GLU A 335 11.06 -15.50 35.33
C GLU A 335 9.66 -14.95 35.02
N VAL A 336 8.69 -15.80 35.20
CA VAL A 336 7.35 -15.44 34.78
C VAL A 336 6.58 -14.40 35.63
N LEU A 337 6.56 -14.62 36.95
CA LEU A 337 6.16 -13.62 37.88
C LEU A 337 7.38 -12.81 38.21
N GLY A 338 8.57 -13.38 38.05
CA GLY A 338 9.84 -12.77 38.51
C GLY A 338 10.42 -13.51 39.71
N GLU A 339 11.75 -13.41 39.87
CA GLU A 339 12.49 -13.80 41.10
C GLU A 339 11.80 -13.40 42.40
N GLY A 340 11.39 -14.43 43.18
CA GLY A 340 10.78 -14.29 44.52
C GLY A 340 9.45 -13.54 44.60
N VAL A 341 8.70 -13.51 43.49
CA VAL A 341 7.38 -12.93 43.49
C VAL A 341 6.40 -14.08 43.69
N ASP A 342 5.59 -13.98 44.72
CA ASP A 342 4.72 -15.09 45.05
C ASP A 342 3.54 -15.11 44.08
N VAL A 343 2.91 -16.28 43.96
CA VAL A 343 1.56 -16.37 43.40
C VAL A 343 0.57 -15.51 44.21
N ASN A 344 -0.22 -14.70 43.50
CA ASN A 344 -1.33 -14.00 44.09
C ASN A 344 -2.48 -15.02 44.23
N GLU A 345 -2.52 -15.71 45.35
CA GLU A 345 -3.49 -16.73 45.57
C GLU A 345 -4.98 -16.24 45.62
N ASP A 346 -5.30 -15.10 46.19
CA ASP A 346 -6.71 -14.68 46.12
C ASP A 346 -7.14 -14.46 44.69
N LEU A 347 -6.25 -13.92 43.87
CA LEU A 347 -6.63 -13.65 42.49
C LEU A 347 -6.96 -14.95 41.74
N ILE A 348 -6.07 -15.92 41.88
CA ILE A 348 -6.21 -17.17 41.20
C ILE A 348 -7.43 -17.92 41.75
N LYS A 349 -7.67 -17.81 43.04
CA LYS A 349 -8.88 -18.36 43.67
C LYS A 349 -10.13 -17.80 42.99
N GLU A 350 -10.16 -16.48 42.76
CA GLU A 350 -11.31 -15.88 42.12
C GLU A 350 -11.47 -16.37 40.70
N LEU A 351 -10.34 -16.56 40.00
CA LEU A 351 -10.39 -17.07 38.68
C LEU A 351 -11.07 -18.45 38.70
N SER A 352 -10.69 -19.30 39.64
CA SER A 352 -11.31 -20.59 39.72
C SER A 352 -12.81 -20.48 40.05
N TYR A 353 -13.10 -19.66 41.04
CA TYR A 353 -14.46 -19.52 41.54
C TYR A 353 -15.40 -19.08 40.38
N GLN A 354 -14.87 -18.30 39.43
CA GLN A 354 -15.67 -17.61 38.45
C GLN A 354 -15.57 -18.22 37.11
N ALA A 355 -14.85 -19.30 37.03
CA ALA A 355 -14.41 -19.79 35.74
C ALA A 355 -15.57 -20.06 34.80
N ARG A 356 -16.70 -20.48 35.36
CA ARG A 356 -17.85 -20.77 34.54
C ARG A 356 -18.74 -19.57 34.24
N GLY A 357 -18.42 -18.42 34.77
CA GLY A 357 -19.29 -17.26 34.64
C GLY A 357 -19.18 -16.68 33.23
N ASP A 358 -20.25 -16.06 32.79
CA ASP A 358 -20.44 -15.58 31.40
C ASP A 358 -21.14 -14.22 31.59
N ILE A 359 -20.32 -13.19 31.71
CA ILE A 359 -20.77 -11.94 32.13
C ILE A 359 -20.92 -10.92 30.94
N PRO A 360 -22.10 -10.24 30.82
CA PRO A 360 -22.35 -9.46 29.62
C PRO A 360 -21.39 -8.36 29.35
N GLY A 361 -20.99 -7.61 30.35
CA GLY A 361 -20.04 -6.56 30.14
C GLY A 361 -18.64 -6.94 29.70
N VAL A 362 -18.18 -8.06 30.17
CA VAL A 362 -16.87 -8.55 29.84
C VAL A 362 -16.89 -9.14 28.45
N VAL A 363 -17.94 -9.86 28.13
CA VAL A 363 -18.12 -10.34 26.78
C VAL A 363 -18.22 -9.22 25.79
N ALA A 364 -18.97 -8.15 26.09
CA ALA A 364 -18.96 -6.98 25.22
C ALA A 364 -17.60 -6.35 25.09
N PHE A 365 -16.90 -6.16 26.17
CA PHE A 365 -15.55 -5.55 26.10
C PHE A 365 -14.61 -6.38 25.18
N PHE A 366 -14.54 -7.68 25.40
CA PHE A 366 -13.74 -8.53 24.51
C PHE A 366 -14.26 -8.69 23.07
N GLY A 367 -15.56 -8.70 22.89
CA GLY A 367 -16.14 -8.76 21.60
C GLY A 367 -15.85 -7.56 20.73
N GLY A 368 -15.89 -6.39 21.31
CA GLY A 368 -15.49 -5.23 20.57
C GLY A 368 -14.02 -5.19 20.30
N LEU A 369 -13.21 -5.46 21.30
CA LEU A 369 -11.74 -5.38 21.15
C LEU A 369 -11.31 -6.43 20.08
N VAL A 370 -11.80 -7.65 20.17
CA VAL A 370 -11.34 -8.71 19.30
C VAL A 370 -11.83 -8.48 17.88
N ALA A 371 -13.08 -8.06 17.71
CA ALA A 371 -13.59 -7.67 16.42
C ALA A 371 -12.72 -6.65 15.76
N GLN A 372 -12.32 -5.63 16.51
CA GLN A 372 -11.52 -4.56 15.92
C GLN A 372 -10.14 -5.16 15.55
N GLU A 373 -9.60 -6.07 16.34
CA GLU A 373 -8.32 -6.76 15.96
C GLU A 373 -8.45 -7.60 14.70
N VAL A 374 -9.61 -8.18 14.49
CA VAL A 374 -9.89 -8.85 13.27
C VAL A 374 -9.78 -7.89 12.11
N LEU A 375 -10.31 -6.69 12.26
CA LEU A 375 -10.32 -5.72 11.13
C LEU A 375 -8.90 -5.16 10.89
N LYS A 376 -8.15 -4.94 11.93
CA LYS A 376 -6.74 -4.61 11.76
C LYS A 376 -6.00 -5.74 11.00
N ALA A 377 -6.26 -6.99 11.35
CA ALA A 377 -5.61 -8.10 10.70
C ALA A 377 -5.94 -8.15 9.23
N CYS A 378 -7.16 -7.82 8.85
CA CYS A 378 -7.55 -7.79 7.47
C CYS A 378 -6.97 -6.63 6.68
N SER A 379 -6.63 -5.50 7.31
CA SER A 379 -6.35 -4.27 6.57
C SER A 379 -4.97 -3.68 6.75
N GLY A 380 -4.33 -3.90 7.88
CA GLY A 380 -3.15 -3.16 8.12
C GLY A 380 -3.46 -1.76 8.59
N LYS A 381 -4.69 -1.48 8.95
CA LYS A 381 -5.05 -0.17 9.55
C LYS A 381 -5.02 -0.30 11.06
N PHE A 382 -4.32 0.60 11.70
CA PHE A 382 -4.17 0.67 13.15
C PHE A 382 -3.09 -0.29 13.64
N THR A 383 -2.70 -0.14 14.88
CA THR A 383 -1.66 -0.89 15.46
C THR A 383 -2.22 -2.13 16.16
N PRO A 384 -1.75 -3.34 15.75
CA PRO A 384 -2.32 -4.50 16.40
C PRO A 384 -1.86 -4.67 17.85
N LEU A 385 -2.74 -5.27 18.62
CA LEU A 385 -2.41 -5.77 19.96
C LEU A 385 -1.33 -6.76 19.84
N LYS A 386 -0.24 -6.58 20.58
CA LYS A 386 0.97 -7.39 20.36
C LYS A 386 1.62 -7.81 21.69
N GLN A 387 1.25 -8.97 22.26
CA GLN A 387 0.31 -9.96 21.70
C GLN A 387 -0.77 -10.44 22.64
N PHE A 388 -0.54 -10.38 23.93
CA PHE A 388 -1.50 -10.89 24.91
C PHE A 388 -2.01 -9.70 25.70
N MET A 389 -3.30 -9.68 25.96
CA MET A 389 -3.87 -8.76 26.98
CA MET A 389 -3.87 -8.76 26.98
C MET A 389 -4.81 -9.53 27.89
N TYR A 390 -4.64 -9.33 29.18
CA TYR A 390 -5.52 -9.85 30.18
C TYR A 390 -6.28 -8.62 30.80
N PHE A 391 -7.44 -8.96 31.37
CA PHE A 391 -8.36 -7.96 31.95
C PHE A 391 -9.02 -8.61 33.13
N ASP A 392 -9.32 -7.83 34.15
CA ASP A 392 -10.37 -8.20 35.13
C ASP A 392 -11.20 -6.99 35.58
N SER A 393 -12.45 -7.24 36.01
CA SER A 393 -13.27 -6.17 36.63
C SER A 393 -13.75 -6.67 37.99
N LEU A 394 -12.80 -7.06 38.85
CA LEU A 394 -13.15 -7.63 40.15
C LEU A 394 -13.84 -6.62 41.04
N GLU A 395 -13.55 -5.35 40.85
CA GLU A 395 -14.28 -4.30 41.60
C GLU A 395 -15.81 -4.36 41.43
N SER A 396 -16.28 -4.89 40.31
CA SER A 396 -17.68 -5.15 40.11
C SER A 396 -18.30 -6.11 41.12
N LEU A 397 -17.53 -6.97 41.77
CA LEU A 397 -18.13 -7.85 42.80
C LEU A 397 -18.77 -7.01 43.92
N PRO A 398 -19.96 -7.42 44.38
CA PRO A 398 -20.66 -6.75 45.46
C PRO A 398 -19.99 -7.04 46.72
N ASP A 399 -20.26 -6.27 47.74
CA ASP A 399 -19.74 -6.55 49.09
C ASP A 399 -20.37 -7.85 49.59
N PRO A 400 -19.51 -8.84 49.96
CA PRO A 400 -20.03 -10.14 50.44
C PRO A 400 -20.88 -10.02 51.71
N LYS A 401 -20.73 -8.95 52.48
CA LYS A 401 -21.63 -8.64 53.60
C LYS A 401 -23.08 -8.51 53.12
N ASN A 402 -23.33 -7.87 51.99
CA ASN A 402 -24.72 -7.71 51.49
C ASN A 402 -25.18 -8.88 50.63
N PHE A 403 -24.27 -9.41 49.82
CA PHE A 403 -24.59 -10.47 48.87
C PHE A 403 -23.57 -11.59 48.98
N PRO A 404 -23.74 -12.47 49.94
CA PRO A 404 -22.70 -13.49 50.11
C PRO A 404 -22.62 -14.43 48.95
N ARG A 405 -21.41 -14.72 48.55
CA ARG A 405 -21.15 -15.70 47.53
C ARG A 405 -20.64 -17.02 48.15
N ASN A 406 -21.33 -18.12 47.90
CA ASN A 406 -20.91 -19.48 48.30
C ASN A 406 -21.60 -20.47 47.31
N GLU A 407 -21.34 -21.76 47.48
CA GLU A 407 -21.87 -22.78 46.60
C GLU A 407 -23.39 -22.81 46.48
N LYS A 408 -24.10 -22.40 47.54
CA LYS A 408 -25.60 -22.37 47.51
C LYS A 408 -26.11 -21.16 46.76
N THR A 409 -25.59 -19.97 47.08
CA THR A 409 -26.15 -18.72 46.53
C THR A 409 -25.83 -18.55 45.08
N THR A 410 -24.72 -19.12 44.59
CA THR A 410 -24.28 -19.01 43.21
C THR A 410 -24.71 -20.24 42.35
N GLN A 411 -25.44 -21.17 42.93
CA GLN A 411 -25.73 -22.36 42.21
C GLN A 411 -26.71 -22.12 41.06
N PRO A 412 -26.63 -22.96 40.01
CA PRO A 412 -27.65 -22.79 38.93
C PRO A 412 -29.06 -23.02 39.40
N VAL A 413 -30.00 -22.36 38.78
CA VAL A 413 -31.37 -22.38 39.19
C VAL A 413 -32.27 -22.80 37.99
N ASN A 414 -31.66 -23.31 36.95
CA ASN A 414 -32.29 -23.67 35.68
C ASN A 414 -32.89 -22.48 34.94
N SER A 415 -32.02 -21.55 34.56
CA SER A 415 -32.42 -20.25 34.02
C SER A 415 -31.30 -19.68 33.14
N ARG A 416 -31.67 -18.85 32.17
CA ARG A 416 -30.72 -18.15 31.31
CA ARG A 416 -30.71 -18.16 31.30
C ARG A 416 -29.66 -17.34 32.05
N TYR A 417 -29.93 -16.99 33.29
CA TYR A 417 -29.02 -16.17 34.05
C TYR A 417 -28.04 -16.97 34.86
N ASP A 418 -28.10 -18.31 34.76
CA ASP A 418 -27.33 -19.16 35.66
C ASP A 418 -25.84 -18.85 35.69
N ASN A 419 -25.25 -18.51 34.57
CA ASN A 419 -23.84 -18.12 34.59
C ASN A 419 -23.54 -16.66 34.92
N GLN A 420 -24.56 -15.86 35.21
CA GLN A 420 -24.31 -14.59 35.93
C GLN A 420 -24.49 -14.83 37.42
N ILE A 421 -25.51 -15.61 37.76
CA ILE A 421 -25.66 -16.09 39.12
C ILE A 421 -24.37 -16.81 39.60
N ALA A 422 -23.75 -17.61 38.74
CA ALA A 422 -22.42 -18.21 39.13
C ALA A 422 -21.44 -17.20 39.78
N VAL A 423 -21.51 -15.93 39.38
CA VAL A 423 -20.55 -14.92 39.85
C VAL A 423 -21.15 -14.20 41.02
N PHE A 424 -22.34 -13.64 40.85
CA PHE A 424 -22.92 -12.64 41.77
C PHE A 424 -23.90 -13.17 42.81
N GLY A 425 -24.48 -14.33 42.53
CA GLY A 425 -25.47 -14.93 43.39
C GLY A 425 -26.90 -14.54 43.02
N LEU A 426 -27.83 -15.25 43.59
CA LEU A 426 -29.18 -15.17 43.15
C LEU A 426 -29.82 -13.79 43.54
N ASP A 427 -29.61 -13.37 44.79
CA ASP A 427 -30.22 -12.16 45.35
C ASP A 427 -29.75 -10.91 44.60
N PHE A 428 -28.46 -10.86 44.25
CA PHE A 428 -27.97 -9.73 43.50
C PHE A 428 -28.59 -9.69 42.10
N GLN A 429 -28.72 -10.84 41.52
CA GLN A 429 -29.32 -10.93 40.24
C GLN A 429 -30.83 -10.51 40.30
N LYS A 430 -31.52 -10.78 41.41
CA LYS A 430 -32.88 -10.33 41.60
C LYS A 430 -32.96 -8.84 41.75
N LYS A 431 -31.96 -8.26 42.37
CA LYS A 431 -31.92 -6.83 42.52
C LYS A 431 -31.69 -6.12 41.22
N ILE A 432 -30.87 -6.71 40.36
CA ILE A 432 -30.79 -6.24 39.01
C ILE A 432 -32.13 -6.29 38.30
N ALA A 433 -32.85 -7.39 38.42
CA ALA A 433 -34.13 -7.51 37.80
C ALA A 433 -35.11 -6.43 38.31
N ASN A 434 -34.97 -6.08 39.58
CA ASN A 434 -35.89 -5.13 40.22
C ASN A 434 -35.47 -3.66 40.17
N SER A 435 -34.55 -3.33 39.27
CA SER A 435 -34.01 -1.99 39.16
C SER A 435 -34.89 -1.22 38.22
N LYS A 436 -35.02 0.07 38.49
CA LYS A 436 -35.79 0.97 37.66
C LYS A 436 -34.78 1.89 37.01
N VAL A 437 -34.70 1.84 35.68
CA VAL A 437 -33.67 2.51 34.93
CA VAL A 437 -33.64 2.50 34.91
C VAL A 437 -34.21 3.37 33.79
N PHE A 438 -33.54 4.47 33.55
CA PHE A 438 -33.85 5.39 32.46
C PHE A 438 -32.67 5.44 31.55
N LEU A 439 -32.90 5.14 30.29
CA LEU A 439 -31.90 5.24 29.25
C LEU A 439 -32.24 6.38 28.30
N VAL A 440 -31.34 7.31 28.13
CA VAL A 440 -31.59 8.47 27.32
C VAL A 440 -30.77 8.31 26.05
N GLY A 441 -31.45 7.93 24.99
CA GLY A 441 -30.77 7.62 23.70
C GLY A 441 -30.92 6.14 23.34
N SER A 442 -31.29 5.85 22.09
CA SER A 442 -31.53 4.50 21.65
C SER A 442 -30.90 4.34 20.27
N GLY A 443 -29.74 4.98 20.11
CA GLY A 443 -28.91 4.88 18.94
C GLY A 443 -27.79 3.77 19.10
N ALA A 444 -26.55 4.11 18.80
CA ALA A 444 -25.48 3.08 18.89
C ALA A 444 -25.26 2.60 20.31
N ILE A 445 -24.93 3.49 21.21
CA ILE A 445 -24.73 3.10 22.57
C ILE A 445 -26.03 2.51 23.07
N GLY A 446 -27.14 3.08 22.64
CA GLY A 446 -28.37 2.70 23.26
C GLY A 446 -28.75 1.27 22.90
N CYS A 447 -28.59 0.87 21.61
CA CYS A 447 -28.88 -0.51 21.17
C CYS A 447 -27.99 -1.46 21.94
N GLU A 448 -26.72 -1.15 22.08
CA GLU A 448 -25.80 -1.99 22.81
C GLU A 448 -26.18 -2.08 24.27
N MET A 449 -26.65 -0.97 24.78
CA MET A 449 -27.00 -0.88 26.17
C MET A 449 -28.20 -1.77 26.41
N LEU A 450 -29.20 -1.69 25.56
CA LEU A 450 -30.42 -2.42 25.80
C LEU A 450 -30.18 -3.88 25.60
N LYS A 451 -29.32 -4.24 24.65
CA LYS A 451 -28.89 -5.65 24.50
C LYS A 451 -28.23 -6.16 25.82
N ASN A 452 -27.34 -5.40 26.37
CA ASN A 452 -26.71 -5.79 27.67
C ASN A 452 -27.75 -5.93 28.79
N TRP A 453 -28.76 -5.06 28.76
CA TRP A 453 -29.71 -5.04 29.83
C TRP A 453 -30.66 -6.15 29.66
N ALA A 454 -30.97 -6.46 28.43
CA ALA A 454 -31.80 -7.69 28.20
C ALA A 454 -31.05 -8.94 28.70
N LEU A 455 -29.76 -9.00 28.47
CA LEU A 455 -28.99 -10.12 28.94
C LEU A 455 -28.87 -10.16 30.48
N LEU A 456 -28.84 -9.00 31.14
CA LEU A 456 -28.82 -8.96 32.58
C LEU A 456 -30.15 -9.33 33.17
N GLY A 457 -31.21 -9.36 32.39
CA GLY A 457 -32.52 -9.28 33.03
C GLY A 457 -32.87 -7.95 33.75
N LEU A 458 -32.21 -6.86 33.41
CA LEU A 458 -32.35 -5.59 34.15
C LEU A 458 -33.77 -5.08 33.95
N GLY A 459 -34.46 -4.91 35.05
CA GLY A 459 -35.78 -4.37 35.03
C GLY A 459 -36.85 -5.39 34.68
N SER A 460 -36.50 -6.67 34.67
CA SER A 460 -37.45 -7.74 34.39
C SER A 460 -38.26 -8.18 35.58
N GLY A 461 -37.83 -7.85 36.79
CA GLY A 461 -38.52 -8.22 38.01
C GLY A 461 -39.79 -7.39 38.26
N SER A 462 -40.63 -7.85 39.17
CA SER A 462 -41.92 -7.19 39.31
C SER A 462 -41.76 -5.74 39.86
N ASP A 463 -40.73 -5.42 40.67
CA ASP A 463 -40.54 -4.01 41.15
C ASP A 463 -39.69 -3.19 40.10
N GLY A 464 -39.29 -3.78 38.96
CA GLY A 464 -38.35 -3.12 38.05
C GLY A 464 -38.97 -2.60 36.78
N TYR A 465 -38.23 -1.76 36.05
CA TYR A 465 -38.60 -1.48 34.68
C TYR A 465 -37.47 -0.73 34.00
N ILE A 466 -37.56 -0.61 32.68
CA ILE A 466 -36.73 0.25 31.88
C ILE A 466 -37.59 1.27 31.15
N VAL A 467 -37.16 2.52 31.17
CA VAL A 467 -37.67 3.53 30.29
C VAL A 467 -36.55 3.93 29.37
N VAL A 468 -36.88 4.05 28.08
CA VAL A 468 -35.93 4.49 27.14
C VAL A 468 -36.57 5.50 26.23
N THR A 469 -35.90 6.57 25.91
CA THR A 469 -36.47 7.57 25.10
C THR A 469 -35.48 8.08 24.14
N ASP A 470 -36.00 8.46 22.98
CA ASP A 470 -35.19 8.96 21.84
C ASP A 470 -36.26 9.55 20.92
N ASN A 471 -36.02 10.73 20.40
CA ASN A 471 -36.92 11.34 19.51
C ASN A 471 -36.65 11.09 18.09
N ASP A 472 -35.58 10.43 17.80
CA ASP A 472 -35.13 10.31 16.44
C ASP A 472 -35.64 8.98 15.82
N SER A 473 -35.72 9.04 14.51
CA SER A 473 -36.11 7.90 13.70
C SER A 473 -34.87 7.27 13.00
N ILE A 474 -35.04 6.04 12.53
CA ILE A 474 -33.91 5.21 12.12
C ILE A 474 -33.60 5.62 10.71
N GLU A 475 -32.33 5.87 10.43
CA GLU A 475 -31.85 6.21 9.10
C GLU A 475 -30.85 5.09 8.64
N LYS A 476 -30.66 5.00 7.35
CA LYS A 476 -29.95 3.93 6.77
C LYS A 476 -28.52 3.73 7.32
N SER A 477 -27.79 4.84 7.46
CA SER A 477 -26.41 4.74 7.86
C SER A 477 -26.33 4.27 9.32
N ASN A 478 -27.44 4.34 10.05
CA ASN A 478 -27.47 3.85 11.38
C ASN A 478 -27.29 2.31 11.40
N LEU A 479 -27.63 1.64 10.31
CA LEU A 479 -27.69 0.18 10.37
C LEU A 479 -26.26 -0.42 10.51
N ASN A 480 -25.24 0.36 10.29
CA ASN A 480 -23.89 -0.12 10.40
C ASN A 480 -23.42 -0.32 11.83
N ARG A 481 -24.12 0.32 12.78
CA ARG A 481 -23.72 0.18 14.17
C ARG A 481 -24.85 0.15 15.22
N GLN A 482 -26.10 0.08 14.79
CA GLN A 482 -27.28 0.15 15.72
C GLN A 482 -27.98 -1.14 15.40
N PHE A 483 -27.45 -2.17 16.01
CA PHE A 483 -27.61 -3.56 15.48
C PHE A 483 -29.00 -4.15 15.70
N LEU A 484 -29.84 -3.44 16.47
CA LEU A 484 -31.21 -3.88 16.63
C LEU A 484 -32.10 -3.47 15.45
N PHE A 485 -31.59 -2.66 14.52
CA PHE A 485 -32.41 -2.16 13.42
C PHE A 485 -32.07 -2.89 12.13
N ARG A 486 -33.06 -3.05 11.27
CA ARG A 486 -32.98 -3.71 9.96
C ARG A 486 -33.43 -2.74 8.84
N PRO A 487 -33.08 -3.03 7.62
CA PRO A 487 -33.50 -2.15 6.52
C PRO A 487 -34.96 -1.73 6.52
N LYS A 488 -35.83 -2.68 6.82
CA LYS A 488 -37.29 -2.42 6.89
C LYS A 488 -37.74 -1.47 8.06
N ASP A 489 -36.87 -1.25 9.05
CA ASP A 489 -37.17 -0.37 10.18
C ASP A 489 -36.85 1.10 9.87
N VAL A 490 -36.18 1.36 8.76
CA VAL A 490 -35.81 2.71 8.43
C VAL A 490 -37.10 3.57 8.40
N GLY A 491 -37.02 4.74 9.03
CA GLY A 491 -38.06 5.71 9.11
C GLY A 491 -38.96 5.59 10.33
N LYS A 492 -38.77 4.51 11.10
CA LYS A 492 -39.47 4.25 12.34
C LYS A 492 -38.71 4.79 13.55
N ASN A 493 -39.35 4.71 14.71
CA ASN A 493 -38.68 5.29 15.85
C ASN A 493 -37.69 4.35 16.51
N LYS A 494 -36.47 4.85 16.70
CA LYS A 494 -35.37 4.11 17.33
C LYS A 494 -35.72 3.43 18.58
N SER A 495 -36.34 4.12 19.52
CA SER A 495 -36.55 3.57 20.85
C SER A 495 -37.56 2.47 20.78
N GLU A 496 -38.59 2.69 19.97
CA GLU A 496 -39.70 1.72 19.88
C GLU A 496 -39.26 0.39 19.24
N VAL A 497 -38.47 0.49 18.17
CA VAL A 497 -37.96 -0.70 17.46
C VAL A 497 -36.93 -1.44 18.32
N ALA A 498 -36.05 -0.70 19.00
CA ALA A 498 -35.08 -1.31 19.94
C ALA A 498 -35.75 -2.06 21.07
N ALA A 499 -36.81 -1.48 21.61
CA ALA A 499 -37.44 -2.08 22.74
C ALA A 499 -38.04 -3.40 22.31
N GLU A 500 -38.65 -3.41 21.14
CA GLU A 500 -39.25 -4.63 20.64
C GLU A 500 -38.18 -5.69 20.35
N ALA A 501 -37.03 -5.30 19.77
CA ALA A 501 -35.99 -6.28 19.46
C ALA A 501 -35.46 -6.95 20.73
N VAL A 502 -35.27 -6.19 21.80
CA VAL A 502 -34.69 -6.84 22.95
C VAL A 502 -35.72 -7.68 23.68
N CYS A 503 -37.02 -7.43 23.53
CA CYS A 503 -37.94 -8.42 24.04
C CYS A 503 -37.96 -9.75 23.28
N ALA A 504 -37.66 -9.78 21.99
CA ALA A 504 -37.49 -11.02 21.22
C ALA A 504 -36.21 -11.79 21.71
N MET A 505 -35.20 -11.04 22.14
CA MET A 505 -33.98 -11.65 22.71
C MET A 505 -34.19 -12.16 24.09
N ASN A 506 -34.95 -11.46 24.87
CA ASN A 506 -35.27 -11.92 26.20
C ASN A 506 -36.70 -11.58 26.57
N PRO A 507 -37.66 -12.54 26.41
CA PRO A 507 -39.12 -12.28 26.70
C PRO A 507 -39.39 -11.91 28.14
N ASP A 508 -38.46 -12.12 29.09
CA ASP A 508 -38.66 -11.65 30.46
C ASP A 508 -38.92 -10.14 30.45
N LEU A 509 -38.45 -9.42 29.44
CA LEU A 509 -38.66 -7.98 29.37
C LEU A 509 -39.98 -7.56 28.70
N LYS A 510 -40.79 -8.50 28.28
CA LYS A 510 -42.00 -8.16 27.60
C LYS A 510 -42.87 -7.41 28.59
N GLY A 511 -43.36 -6.24 28.19
CA GLY A 511 -44.19 -5.38 29.05
C GLY A 511 -43.42 -4.64 30.15
N LYS A 512 -42.08 -4.68 30.13
CA LYS A 512 -41.30 -4.05 31.17
C LYS A 512 -40.44 -2.92 30.63
N ILE A 513 -40.51 -2.65 29.33
CA ILE A 513 -39.73 -1.58 28.75
C ILE A 513 -40.70 -0.57 28.24
N ASN A 514 -40.51 0.69 28.57
CA ASN A 514 -41.42 1.73 28.14
C ASN A 514 -40.60 2.55 27.18
N ALA A 515 -40.90 2.43 25.89
CA ALA A 515 -40.20 3.17 24.86
C ALA A 515 -40.94 4.50 24.61
N LYS A 516 -40.25 5.62 24.80
CA LYS A 516 -40.81 6.90 24.58
C LYS A 516 -40.07 7.54 23.49
N ILE A 517 -40.74 8.55 22.92
CA ILE A 517 -40.29 9.23 21.71
CA ILE A 517 -40.24 9.21 21.70
C ILE A 517 -39.96 10.69 21.98
N ASP A 518 -39.88 11.00 23.27
CA ASP A 518 -39.68 12.37 23.75
C ASP A 518 -38.23 12.71 23.86
N LYS A 519 -37.93 13.91 23.43
CA LYS A 519 -36.68 14.51 23.71
C LYS A 519 -36.55 14.79 25.21
N VAL A 520 -35.37 14.54 25.79
CA VAL A 520 -35.11 14.96 27.14
C VAL A 520 -34.44 16.32 27.11
N GLY A 521 -35.08 17.32 27.65
CA GLY A 521 -34.58 18.68 27.63
C GLY A 521 -35.44 19.62 28.46
N PRO A 522 -35.05 20.90 28.58
CA PRO A 522 -35.90 21.93 29.31
C PRO A 522 -37.39 22.03 28.92
N GLU A 523 -37.70 21.73 27.64
CA GLU A 523 -39.06 21.83 27.09
CA GLU A 523 -39.06 21.82 27.09
C GLU A 523 -39.95 20.60 27.41
N THR A 524 -39.39 19.53 28.04
CA THR A 524 -40.17 18.30 28.37
C THR A 524 -40.20 17.93 29.80
N GLU A 525 -39.98 18.88 30.68
CA GLU A 525 -40.17 18.68 32.16
C GLU A 525 -41.56 18.37 32.68
N GLU A 526 -42.60 18.66 31.90
CA GLU A 526 -43.95 18.12 32.26
C GLU A 526 -44.05 16.58 32.16
N ILE A 527 -43.50 16.00 31.12
CA ILE A 527 -43.52 14.53 30.98
C ILE A 527 -42.53 13.92 31.94
N PHE A 528 -41.31 14.45 31.95
CA PHE A 528 -40.20 13.95 32.78
C PHE A 528 -40.13 14.78 34.06
N ASN A 529 -41.11 14.54 34.89
CA ASN A 529 -41.41 15.38 36.05
C ASN A 529 -40.85 14.78 37.32
N ASP A 530 -41.05 15.45 38.43
CA ASP A 530 -40.55 14.97 39.71
C ASP A 530 -40.79 13.50 39.96
N SER A 531 -42.02 13.11 39.83
CA SER A 531 -42.41 11.78 40.15
C SER A 531 -41.65 10.73 39.27
N PHE A 532 -41.56 11.05 37.99
CA PHE A 532 -40.81 10.25 37.03
C PHE A 532 -39.34 9.98 37.44
N TRP A 533 -38.65 11.05 37.80
CA TRP A 533 -37.22 11.04 38.05
C TRP A 533 -36.99 10.39 39.40
N GLU A 534 -37.79 10.78 40.37
CA GLU A 534 -37.64 10.28 41.75
C GLU A 534 -37.78 8.80 41.96
N SER A 535 -38.58 8.18 41.11
CA SER A 535 -38.84 6.74 41.15
C SER A 535 -37.60 5.91 40.74
N LEU A 536 -36.71 6.48 39.95
CA LEU A 536 -35.63 5.76 39.29
C LEU A 536 -34.55 5.35 40.27
N ASP A 537 -33.89 4.22 40.00
CA ASP A 537 -32.68 3.90 40.71
C ASP A 537 -31.51 4.60 40.08
N PHE A 538 -31.39 4.60 38.75
CA PHE A 538 -30.30 5.31 38.12
C PHE A 538 -30.62 5.57 36.67
N VAL A 539 -29.78 6.36 36.05
CA VAL A 539 -29.94 6.87 34.74
C VAL A 539 -28.72 6.52 33.91
N THR A 540 -28.89 6.30 32.63
CA THR A 540 -27.79 6.05 31.79
C THR A 540 -27.93 6.85 30.52
N ASN A 541 -26.83 7.48 30.09
CA ASN A 541 -26.77 8.25 28.84
C ASN A 541 -26.26 7.41 27.68
N ALA A 542 -26.86 7.66 26.53
CA ALA A 542 -26.46 7.06 25.30
C ALA A 542 -26.61 8.12 24.20
N LEU A 543 -25.86 9.20 24.38
CA LEU A 543 -26.07 10.49 23.68
C LEU A 543 -24.99 10.88 22.60
N ASP A 544 -25.31 11.84 21.77
CA ASP A 544 -24.49 12.25 20.66
C ASP A 544 -24.14 13.68 20.69
N ASN A 545 -24.42 14.32 21.81
CA ASN A 545 -24.07 15.75 21.96
C ASN A 545 -23.91 16.15 23.42
N VAL A 546 -23.12 17.19 23.64
CA VAL A 546 -22.74 17.69 24.93
C VAL A 546 -23.87 18.37 25.63
N ASP A 547 -24.69 19.09 24.91
CA ASP A 547 -25.83 19.80 25.62
C ASP A 547 -26.76 18.85 26.30
N ALA A 548 -27.11 17.75 25.67
CA ALA A 548 -28.01 16.74 26.25
C ALA A 548 -27.39 16.12 27.42
N ARG A 549 -26.10 15.81 27.30
CA ARG A 549 -25.34 15.34 28.44
C ARG A 549 -25.33 16.26 29.63
N THR A 550 -25.01 17.53 29.46
CA THR A 550 -25.12 18.51 30.49
C THR A 550 -26.53 18.56 31.10
N TYR A 551 -27.56 18.50 30.26
CA TYR A 551 -28.89 18.58 30.80
C TYR A 551 -29.15 17.37 31.69
N VAL A 552 -28.86 16.18 31.22
CA VAL A 552 -29.18 14.99 32.04
C VAL A 552 -28.40 14.99 33.37
N ASP A 553 -27.15 15.41 33.26
CA ASP A 553 -26.27 15.51 34.41
C ASP A 553 -26.91 16.42 35.42
N ARG A 554 -27.43 17.57 34.99
CA ARG A 554 -28.04 18.49 35.98
C ARG A 554 -29.29 17.91 36.60
N ARG A 555 -30.03 17.11 35.86
CA ARG A 555 -31.20 16.51 36.42
C ARG A 555 -30.79 15.50 37.47
N CYS A 556 -29.78 14.68 37.13
CA CYS A 556 -29.31 13.66 38.02
C CYS A 556 -28.77 14.30 39.32
N VAL A 557 -28.13 15.47 39.23
CA VAL A 557 -27.73 16.18 40.40
C VAL A 557 -28.99 16.66 41.16
N PHE A 558 -29.92 17.24 40.45
CA PHE A 558 -31.04 17.79 41.17
C PHE A 558 -31.85 16.72 41.80
N TYR A 559 -32.07 15.62 41.12
CA TYR A 559 -32.82 14.55 41.74
C TYR A 559 -31.91 13.54 42.52
N ARG A 560 -30.63 13.77 42.63
CA ARG A 560 -29.75 12.82 43.32
C ARG A 560 -29.75 11.40 42.86
N LYS A 561 -29.62 11.21 41.57
CA LYS A 561 -29.53 9.89 41.02
C LYS A 561 -28.14 9.66 40.43
N PRO A 562 -27.66 8.43 40.48
CA PRO A 562 -26.47 8.11 39.74
C PRO A 562 -26.69 8.17 38.28
N LEU A 563 -25.63 8.46 37.55
CA LEU A 563 -25.62 8.54 36.09
C LEU A 563 -24.42 7.82 35.58
N LEU A 564 -24.65 6.96 34.60
CA LEU A 564 -23.60 6.31 33.83
C LEU A 564 -23.43 6.97 32.47
N GLU A 565 -22.25 7.53 32.16
CA GLU A 565 -22.03 8.29 30.97
C GLU A 565 -20.95 7.62 30.09
N SER A 566 -21.08 7.73 28.78
CA SER A 566 -20.10 7.23 27.90
C SER A 566 -20.20 7.95 26.60
N GLY A 567 -19.13 7.84 25.86
CA GLY A 567 -19.05 8.36 24.51
C GLY A 567 -18.01 7.70 23.63
N THR A 568 -18.11 7.93 22.32
CA THR A 568 -17.18 7.46 21.34
C THR A 568 -16.90 8.52 20.32
N LEU A 569 -15.76 8.40 19.66
CA LEU A 569 -15.42 9.07 18.48
C LEU A 569 -14.49 8.08 17.71
N GLY A 570 -14.97 7.42 16.67
CA GLY A 570 -14.16 6.49 15.99
C GLY A 570 -13.74 5.36 16.92
N THR A 571 -12.44 5.11 17.02
CA THR A 571 -11.96 4.06 17.91
C THR A 571 -11.80 4.49 19.33
N LYS A 572 -11.93 5.80 19.56
CA LYS A 572 -11.80 6.45 20.89
C LYS A 572 -13.08 6.39 21.70
N GLY A 573 -12.97 6.24 22.99
CA GLY A 573 -14.14 6.19 23.80
C GLY A 573 -13.86 6.45 25.24
N ASN A 574 -14.93 6.65 26.01
CA ASN A 574 -14.77 6.91 27.44
C ASN A 574 -16.02 6.55 28.22
N THR A 575 -15.85 6.27 29.52
CA THR A 575 -16.93 6.06 30.46
C THR A 575 -16.71 6.98 31.64
N GLN A 576 -17.82 7.45 32.22
CA GLN A 576 -17.77 8.26 33.48
C GLN A 576 -18.93 7.85 34.39
N VAL A 577 -18.65 7.67 35.69
CA VAL A 577 -19.72 7.37 36.61
C VAL A 577 -19.85 8.62 37.50
N ILE A 578 -21.12 8.97 37.77
CA ILE A 578 -21.43 10.13 38.61
C ILE A 578 -22.27 9.60 39.75
N ILE A 579 -21.80 9.70 40.99
CA ILE A 579 -22.42 9.08 42.05
C ILE A 579 -22.87 10.15 43.09
N PRO A 580 -24.15 10.17 43.46
CA PRO A 580 -24.61 11.15 44.43
C PRO A 580 -23.86 11.15 45.71
N ARG A 581 -23.59 12.33 46.20
CA ARG A 581 -22.87 12.57 47.46
C ARG A 581 -21.41 12.06 47.49
N LEU A 582 -20.83 11.76 46.34
CA LEU A 582 -19.52 11.07 46.28
C LEU A 582 -18.58 11.74 45.23
N THR A 583 -19.00 11.79 43.97
CA THR A 583 -18.19 12.29 42.89
C THR A 583 -18.63 13.62 42.30
N GLU A 584 -17.71 14.26 41.62
CA GLU A 584 -17.92 15.29 40.59
CA GLU A 584 -18.13 15.39 40.87
C GLU A 584 -19.02 14.85 39.69
N SER A 585 -19.70 15.79 39.03
CA SER A 585 -20.62 15.38 37.99
C SER A 585 -20.00 15.68 36.61
N TYR A 586 -20.70 15.29 35.57
CA TYR A 586 -20.21 15.55 34.25
C TYR A 586 -19.80 17.00 33.98
N SER A 587 -20.65 17.96 34.36
CA SER A 587 -20.49 19.43 34.21
C SER A 587 -19.35 19.97 34.97
N SER A 588 -18.91 19.25 35.99
CA SER A 588 -17.79 19.75 36.80
C SER A 588 -16.51 19.95 36.06
N SER A 589 -16.28 19.37 34.88
CA SER A 589 -14.96 19.51 34.15
C SER A 589 -15.26 19.99 32.78
N ARG A 590 -14.31 20.68 32.15
CA ARG A 590 -14.51 21.09 30.79
C ARG A 590 -13.65 20.31 29.78
N ASP A 591 -14.26 20.17 28.63
CA ASP A 591 -13.67 19.50 27.48
C ASP A 591 -13.22 20.62 26.51
N PRO A 592 -12.19 20.36 25.69
CA PRO A 592 -11.75 21.35 24.67
C PRO A 592 -12.87 21.86 23.77
N PRO A 593 -13.02 23.19 23.57
CA PRO A 593 -14.14 23.53 22.70
C PRO A 593 -13.71 23.31 21.27
N GLU A 594 -14.67 23.36 20.39
CA GLU A 594 -14.36 23.36 18.99
C GLU A 594 -13.58 24.62 18.57
N LYS A 595 -12.55 24.46 17.71
CA LYS A 595 -11.71 25.57 17.18
C LYS A 595 -12.63 26.48 16.32
N SER A 596 -12.62 27.80 16.47
CA SER A 596 -13.39 28.62 15.53
C SER A 596 -12.41 29.27 14.53
N ILE A 597 -12.90 29.41 13.33
CA ILE A 597 -12.12 30.01 12.29
C ILE A 597 -12.31 31.53 12.38
N PRO A 598 -11.23 32.32 12.41
CA PRO A 598 -11.40 33.77 12.35
C PRO A 598 -12.18 34.25 11.11
N LEU A 599 -12.89 35.35 11.26
CA LEU A 599 -13.90 35.74 10.29
C LEU A 599 -13.22 36.21 9.03
N CYS A 600 -12.09 36.92 9.20
CA CYS A 600 -11.26 37.37 8.10
CA CYS A 600 -11.36 37.39 8.06
C CYS A 600 -10.78 36.22 7.19
N THR A 601 -10.41 35.10 7.83
CA THR A 601 -9.95 33.94 7.13
C THR A 601 -11.09 33.38 6.32
N LEU A 602 -12.30 33.30 6.88
CA LEU A 602 -13.45 32.86 6.08
C LEU A 602 -13.80 33.79 4.96
N ARG A 603 -13.83 35.06 5.24
CA ARG A 603 -14.33 36.06 4.27
C ARG A 603 -13.40 36.29 3.11
N SER A 604 -12.13 36.45 3.42
CA SER A 604 -11.15 36.91 2.42
C SER A 604 -9.88 36.08 2.24
N PHE A 605 -9.49 35.26 3.23
CA PHE A 605 -8.17 34.65 3.22
C PHE A 605 -8.16 33.16 3.64
N PRO A 606 -8.90 32.31 2.91
CA PRO A 606 -8.83 30.97 3.22
C PRO A 606 -7.52 30.31 2.77
N ASN A 607 -7.14 29.27 3.47
CA ASN A 607 -6.02 28.46 3.08
C ASN A 607 -6.18 26.99 3.30
N LYS A 608 -7.28 26.50 3.79
CA LYS A 608 -7.58 25.12 3.94
C LYS A 608 -9.00 24.91 3.42
N ILE A 609 -9.28 23.68 3.02
CA ILE A 609 -10.58 23.33 2.57
C ILE A 609 -11.73 23.50 3.64
N ASP A 610 -11.41 23.35 4.90
CA ASP A 610 -12.38 23.62 5.96
C ASP A 610 -12.92 25.05 5.85
N HIS A 611 -12.11 25.99 5.40
CA HIS A 611 -12.52 27.33 5.31
C HIS A 611 -13.45 27.59 4.13
N THR A 612 -13.12 27.00 3.00
CA THR A 612 -13.95 27.10 1.89
C THR A 612 -15.29 26.33 2.06
N ILE A 613 -15.31 25.22 2.80
CA ILE A 613 -16.51 24.45 3.04
C ILE A 613 -17.42 25.25 3.95
N ALA A 614 -16.87 25.95 4.95
CA ALA A 614 -17.72 26.69 5.90
C ALA A 614 -18.31 27.86 5.14
N TRP A 615 -17.51 28.52 4.31
CA TRP A 615 -17.99 29.65 3.52
C TRP A 615 -19.07 29.17 2.58
N ALA A 616 -18.85 28.07 1.87
CA ALA A 616 -19.88 27.48 1.03
C ALA A 616 -21.16 27.10 1.80
N LYS A 617 -21.03 26.49 2.96
CA LYS A 617 -22.14 26.07 3.73
C LYS A 617 -22.98 27.33 4.11
N SER A 618 -22.37 28.44 4.46
CA SER A 618 -23.12 29.56 4.82
C SER A 618 -23.71 30.27 3.56
N LEU A 619 -23.01 30.22 2.45
CA LEU A 619 -23.60 30.71 1.26
C LEU A 619 -24.89 29.94 0.90
N PHE A 620 -24.85 28.64 1.07
CA PHE A 620 -25.99 27.76 0.91
C PHE A 620 -27.20 28.14 1.80
N GLN A 621 -26.92 28.31 3.07
CA GLN A 621 -27.88 28.71 4.08
CA GLN A 621 -27.90 28.73 4.08
C GLN A 621 -28.56 30.01 3.55
N GLY A 622 -27.78 31.00 3.17
CA GLY A 622 -28.23 32.25 2.71
C GLY A 622 -29.04 32.19 1.45
N TYR A 623 -28.55 31.50 0.46
CA TYR A 623 -29.23 31.53 -0.87
C TYR A 623 -30.57 30.76 -0.79
N PHE A 624 -30.55 29.63 -0.09
CA PHE A 624 -31.63 28.65 -0.17
C PHE A 624 -32.55 28.46 1.10
N THR A 625 -32.18 29.02 2.25
CA THR A 625 -32.95 28.86 3.42
C THR A 625 -33.31 30.25 3.94
N ASP A 626 -32.32 31.03 4.39
CA ASP A 626 -32.52 32.32 5.04
C ASP A 626 -33.26 33.30 4.14
N SER A 627 -32.86 33.45 2.89
CA SER A 627 -33.46 34.45 2.07
C SER A 627 -34.98 34.14 1.74
N ALA A 628 -35.32 32.85 1.76
CA ALA A 628 -36.68 32.39 1.68
C ALA A 628 -37.54 32.59 2.93
N GLU A 629 -37.00 32.27 4.09
CA GLU A 629 -37.68 32.52 5.34
C GLU A 629 -38.03 34.01 5.54
N ASN A 630 -37.14 34.84 5.02
CA ASN A 630 -37.22 36.23 5.09
C ASN A 630 -38.29 36.84 4.19
N VAL A 631 -38.32 36.37 2.95
CA VAL A 631 -39.37 36.66 2.05
C VAL A 631 -40.72 36.26 2.65
N ASN A 632 -40.83 35.04 3.16
CA ASN A 632 -42.12 34.68 3.74
C ASN A 632 -42.56 35.48 4.95
N MET A 633 -41.63 35.89 5.80
CA MET A 633 -41.94 36.71 6.96
C MET A 633 -42.43 38.08 6.52
N TYR A 634 -41.80 38.62 5.49
CA TYR A 634 -42.15 39.91 4.89
C TYR A 634 -43.54 39.91 4.25
N LEU A 635 -43.92 38.82 3.59
CA LEU A 635 -45.22 38.77 2.99
C LEU A 635 -46.34 38.42 3.96
N THR A 636 -46.04 37.98 5.16
CA THR A 636 -47.06 37.58 6.17
C THR A 636 -47.12 38.44 7.46
N GLN A 637 -46.15 39.36 7.64
CA GLN A 637 -45.98 40.15 8.87
C GLN A 637 -46.00 41.62 8.45
N PRO A 638 -47.19 42.26 8.61
CA PRO A 638 -47.40 43.65 8.14
C PRO A 638 -46.45 44.73 8.77
N ASN A 639 -45.86 44.32 9.92
CA ASN A 639 -44.87 45.10 10.68
C ASN A 639 -43.40 44.73 10.40
N PHE A 640 -43.13 43.80 9.46
CA PHE A 640 -41.82 43.20 9.37
C PHE A 640 -40.73 44.23 9.13
N VAL A 641 -41.01 45.20 8.25
CA VAL A 641 -39.98 46.19 7.88
C VAL A 641 -39.70 47.08 9.09
N GLU A 642 -40.76 47.63 9.67
CA GLU A 642 -40.64 48.31 10.94
C GLU A 642 -39.82 47.49 12.03
N GLN A 643 -40.05 46.15 12.18
CA GLN A 643 -39.38 45.35 13.26
C GLN A 643 -37.91 45.14 12.95
N THR A 644 -37.62 44.93 11.67
CA THR A 644 -36.28 44.70 11.16
C THR A 644 -35.35 45.91 11.38
N LEU A 645 -35.80 47.09 10.93
CA LEU A 645 -35.09 48.36 11.24
C LEU A 645 -34.72 48.59 12.73
N LYS A 646 -35.59 48.23 13.67
CA LYS A 646 -35.32 48.46 15.10
C LYS A 646 -34.66 47.29 15.83
N GLN A 647 -34.30 46.21 15.15
CA GLN A 647 -33.88 44.98 15.87
C GLN A 647 -32.97 43.99 15.20
N SER A 648 -32.45 44.29 14.02
CA SER A 648 -31.54 43.37 13.33
C SER A 648 -30.09 43.97 13.44
N GLY A 649 -29.06 43.11 13.38
CA GLY A 649 -27.66 43.58 13.33
C GLY A 649 -27.38 44.10 11.93
N ASP A 650 -27.54 43.17 11.00
CA ASP A 650 -27.41 43.37 9.55
C ASP A 650 -28.75 43.80 8.85
N VAL A 651 -29.17 45.04 9.06
CA VAL A 651 -30.46 45.51 8.51
C VAL A 651 -30.48 45.58 6.99
N LYS A 652 -29.46 46.23 6.43
CA LYS A 652 -29.35 46.40 4.98
C LYS A 652 -29.32 45.06 4.27
N GLY A 653 -28.73 44.06 4.90
CA GLY A 653 -28.59 42.74 4.27
C GLY A 653 -29.89 41.98 4.17
N VAL A 654 -30.73 42.07 5.21
CA VAL A 654 -32.09 41.46 5.23
C VAL A 654 -32.97 42.05 4.12
N LEU A 655 -32.93 43.36 3.97
CA LEU A 655 -33.79 44.04 3.01
C LEU A 655 -33.31 43.90 1.56
N GLU A 656 -31.99 43.83 1.34
CA GLU A 656 -31.44 43.45 0.02
C GLU A 656 -31.76 42.00 -0.32
N SER A 657 -31.74 41.09 0.65
CA SER A 657 -32.08 39.66 0.33
C SER A 657 -33.57 39.62 -0.16
N ILE A 658 -34.46 40.32 0.56
CA ILE A 658 -35.86 40.40 0.15
C ILE A 658 -35.97 41.07 -1.21
N SER A 659 -35.28 42.18 -1.41
CA SER A 659 -35.35 42.86 -2.72
C SER A 659 -34.88 41.99 -3.88
N ASP A 660 -33.72 41.35 -3.70
CA ASP A 660 -33.15 40.49 -4.73
C ASP A 660 -34.06 39.24 -4.95
N SER A 661 -34.58 38.63 -3.87
CA SER A 661 -35.48 37.47 -4.09
C SER A 661 -36.77 37.77 -4.87
N LEU A 662 -37.25 39.03 -4.86
CA LEU A 662 -38.53 39.38 -5.48
C LEU A 662 -38.46 40.18 -6.76
N SER A 663 -37.28 40.63 -7.18
CA SER A 663 -37.08 41.27 -8.50
C SER A 663 -36.48 40.29 -9.55
N SER A 664 -35.60 39.46 -9.09
CA SER A 664 -35.00 38.49 -9.97
C SER A 664 -35.93 37.22 -10.23
N LYS A 665 -37.27 37.32 -10.09
CA LYS A 665 -38.05 36.10 -9.84
C LYS A 665 -37.87 35.24 -11.09
N PRO A 666 -37.36 33.99 -10.98
CA PRO A 666 -37.31 33.14 -12.14
C PRO A 666 -38.71 32.64 -12.60
N HIS A 667 -38.88 32.45 -13.89
CA HIS A 667 -40.16 31.98 -14.42
C HIS A 667 -40.13 30.48 -14.89
N ASN A 668 -38.91 29.97 -15.07
CA ASN A 668 -38.66 28.63 -15.59
C ASN A 668 -37.25 28.18 -15.14
N PHE A 669 -36.88 26.94 -15.49
CA PHE A 669 -35.61 26.36 -15.06
C PHE A 669 -34.44 27.07 -15.72
N GLU A 670 -34.61 27.47 -16.96
CA GLU A 670 -33.61 28.22 -17.71
C GLU A 670 -33.19 29.51 -17.01
N ASP A 671 -34.16 30.24 -16.41
CA ASP A 671 -33.84 31.38 -15.54
C ASP A 671 -33.04 30.97 -14.33
N CYS A 672 -33.35 29.82 -13.73
CA CYS A 672 -32.54 29.30 -12.59
C CYS A 672 -31.03 28.94 -12.94
N ILE A 673 -30.82 28.39 -14.13
CA ILE A 673 -29.48 28.19 -14.68
C ILE A 673 -28.79 29.53 -14.84
N LYS A 674 -29.45 30.49 -15.50
CA LYS A 674 -28.86 31.81 -15.65
C LYS A 674 -28.45 32.41 -14.29
N TRP A 675 -29.32 32.33 -13.31
CA TRP A 675 -29.10 32.92 -12.01
C TRP A 675 -27.83 32.23 -11.43
N ALA A 676 -27.78 30.93 -11.51
CA ALA A 676 -26.59 30.21 -10.94
C ALA A 676 -25.25 30.59 -11.64
N ARG A 677 -25.28 30.67 -12.93
CA ARG A 677 -24.11 31.09 -13.69
CA ARG A 677 -24.10 31.10 -13.69
C ARG A 677 -23.68 32.50 -13.31
N LEU A 678 -24.64 33.38 -13.04
CA LEU A 678 -24.28 34.74 -12.70
C LEU A 678 -23.76 34.71 -11.30
N GLU A 679 -24.30 33.86 -10.43
CA GLU A 679 -23.70 33.80 -9.09
C GLU A 679 -22.21 33.31 -9.14
N PHE A 680 -21.93 32.34 -10.03
CA PHE A 680 -20.58 31.89 -10.29
C PHE A 680 -19.70 33.10 -10.64
N GLU A 681 -20.16 33.89 -11.59
CA GLU A 681 -19.42 35.07 -11.91
C GLU A 681 -19.14 36.01 -10.72
N LYS A 682 -20.13 36.20 -9.88
CA LYS A 682 -19.99 37.16 -8.83
C LYS A 682 -18.96 36.61 -7.82
N LYS A 683 -19.15 35.39 -7.42
CA LYS A 683 -18.44 34.88 -6.28
C LYS A 683 -17.00 34.42 -6.62
N PHE A 684 -16.77 33.99 -7.84
CA PHE A 684 -15.47 33.37 -8.16
C PHE A 684 -14.73 34.16 -9.20
N ASN A 685 -15.33 35.25 -9.74
CA ASN A 685 -14.63 36.11 -10.72
C ASN A 685 -14.65 37.52 -10.18
N HIS A 686 -15.82 38.18 -10.20
CA HIS A 686 -15.97 39.56 -9.73
C HIS A 686 -15.44 39.83 -8.34
N ASP A 687 -15.96 39.15 -7.32
CA ASP A 687 -15.56 39.36 -5.92
C ASP A 687 -14.04 39.15 -5.69
N ILE A 688 -13.45 38.25 -6.47
CA ILE A 688 -12.04 38.00 -6.40
C ILE A 688 -11.26 39.11 -6.99
N LYS A 689 -11.70 39.57 -8.13
CA LYS A 689 -11.12 40.77 -8.74
C LYS A 689 -11.16 42.01 -7.88
N GLN A 690 -12.23 42.18 -7.15
CA GLN A 690 -12.36 43.29 -6.21
C GLN A 690 -11.32 43.20 -5.07
N LEU A 691 -11.18 42.00 -4.52
CA LEU A 691 -10.17 41.72 -3.50
C LEU A 691 -8.77 41.99 -4.07
N LEU A 692 -8.55 41.63 -5.33
CA LEU A 692 -7.28 41.95 -6.00
C LEU A 692 -7.05 43.41 -6.37
N PHE A 693 -8.14 44.13 -6.65
CA PHE A 693 -8.07 45.56 -6.87
C PHE A 693 -7.57 46.24 -5.60
N ASN A 694 -8.21 45.96 -4.45
CA ASN A 694 -7.79 46.46 -3.12
C ASN A 694 -6.38 46.02 -2.68
N PHE A 695 -6.04 44.76 -2.94
CA PHE A 695 -4.71 44.24 -2.65
C PHE A 695 -4.21 43.48 -3.85
N PRO A 696 -3.44 44.13 -4.74
CA PRO A 696 -2.85 43.42 -5.88
C PRO A 696 -1.85 42.31 -5.47
N LYS A 697 -1.67 41.38 -6.40
CA LYS A 697 -0.81 40.19 -6.29
C LYS A 697 0.50 40.58 -5.60
N ASP A 698 1.14 41.61 -6.12
CA ASP A 698 2.47 42.04 -5.68
C ASP A 698 2.45 43.09 -4.53
N ALA A 699 1.33 43.29 -3.87
CA ALA A 699 1.27 44.29 -2.82
C ALA A 699 2.07 43.98 -1.58
N LYS A 700 2.53 45.02 -0.90
CA LYS A 700 3.31 44.85 0.31
C LYS A 700 2.81 45.65 1.49
N THR A 701 3.17 45.20 2.68
CA THR A 701 2.75 45.85 3.90
C THR A 701 3.56 47.10 4.13
N SER A 702 3.25 47.83 5.19
CA SER A 702 3.96 49.07 5.45
C SER A 702 5.43 48.83 5.61
N ASN A 703 5.79 47.64 6.06
CA ASN A 703 7.17 47.28 6.27
C ASN A 703 7.83 46.81 4.99
N GLY A 704 7.08 46.77 3.91
CA GLY A 704 7.64 46.36 2.65
C GLY A 704 7.66 44.87 2.44
N GLU A 705 7.16 44.13 3.40
CA GLU A 705 7.07 42.69 3.27
C GLU A 705 5.86 42.44 2.38
N PRO A 706 5.84 41.25 1.68
CA PRO A 706 4.65 41.07 0.82
C PRO A 706 3.36 40.80 1.59
N PHE A 707 2.30 41.47 1.19
CA PHE A 707 1.01 41.32 1.81
C PHE A 707 0.48 39.92 1.66
N TRP A 708 0.60 39.36 0.47
CA TRP A 708 0.13 38.03 0.23
C TRP A 708 1.16 36.96 0.55
N SER A 709 1.28 36.61 1.81
CA SER A 709 2.17 35.56 2.22
C SER A 709 1.52 34.80 3.36
N GLY A 710 2.13 33.71 3.76
CA GLY A 710 1.69 32.83 4.83
C GLY A 710 0.34 32.30 4.57
N ALA A 711 -0.54 32.59 5.51
CA ALA A 711 -1.94 32.23 5.43
C ALA A 711 -2.74 32.95 4.35
N LYS A 712 -2.17 34.01 3.79
CA LYS A 712 -2.85 34.76 2.74
C LYS A 712 -2.28 34.37 1.39
N ARG A 713 -3.10 33.74 0.59
CA ARG A 713 -2.71 33.17 -0.65
C ARG A 713 -3.42 33.95 -1.72
N ALA A 714 -2.70 34.48 -2.66
CA ALA A 714 -3.24 35.40 -3.58
C ALA A 714 -4.11 34.67 -4.56
N PRO A 715 -5.36 35.10 -4.71
CA PRO A 715 -6.27 34.31 -5.51
C PRO A 715 -6.23 34.61 -6.96
N THR A 716 -6.75 33.73 -7.79
CA THR A 716 -6.88 34.02 -9.22
CA THR A 716 -6.88 34.02 -9.22
C THR A 716 -8.35 33.91 -9.60
N PRO A 717 -8.87 34.86 -10.35
CA PRO A 717 -10.29 34.67 -10.73
C PRO A 717 -10.56 33.52 -11.72
N LEU A 718 -11.68 32.85 -11.57
CA LEU A 718 -12.09 31.74 -12.40
C LEU A 718 -12.80 32.17 -13.68
N GLU A 719 -12.44 31.51 -14.78
CA GLU A 719 -13.06 31.53 -16.07
C GLU A 719 -13.94 30.32 -16.20
N PHE A 720 -15.25 30.47 -16.26
CA PHE A 720 -16.21 29.39 -16.08
C PHE A 720 -15.89 28.41 -17.15
N ASP A 721 -16.04 27.13 -16.89
CA ASP A 721 -15.60 26.09 -17.84
C ASP A 721 -16.45 24.95 -17.49
N ILE A 722 -17.44 24.68 -18.33
CA ILE A 722 -18.43 23.69 -17.96
C ILE A 722 -17.82 22.24 -17.89
N TYR A 723 -16.70 22.04 -18.53
CA TYR A 723 -16.01 20.79 -18.45
C TYR A 723 -15.34 20.58 -17.10
N ASN A 724 -15.13 21.64 -16.33
CA ASN A 724 -14.62 21.48 -14.98
C ASN A 724 -15.75 21.03 -14.12
N ASN A 725 -15.53 19.89 -13.49
CA ASN A 725 -16.55 19.29 -12.63
C ASN A 725 -17.16 20.23 -11.59
N ASP A 726 -16.36 21.09 -10.98
CA ASP A 726 -16.89 21.92 -9.94
C ASP A 726 -17.72 23.08 -10.50
N HIS A 727 -17.31 23.62 -11.64
CA HIS A 727 -18.03 24.74 -12.20
C HIS A 727 -19.39 24.22 -12.63
N PHE A 728 -19.42 23.05 -13.24
CA PHE A 728 -20.61 22.46 -13.75
C PHE A 728 -21.53 22.20 -12.61
N HIS A 729 -21.01 21.58 -11.59
CA HIS A 729 -21.87 21.24 -10.50
C HIS A 729 -22.36 22.42 -9.63
N PHE A 730 -21.61 23.50 -9.62
CA PHE A 730 -22.03 24.67 -8.92
C PHE A 730 -23.34 25.13 -9.65
N VAL A 731 -23.34 25.17 -10.97
CA VAL A 731 -24.52 25.65 -11.75
C VAL A 731 -25.70 24.65 -11.69
N VAL A 732 -25.41 23.33 -11.75
CA VAL A 732 -26.47 22.35 -11.64
C VAL A 732 -27.16 22.39 -10.29
N ALA A 733 -26.37 22.38 -9.22
CA ALA A 733 -26.95 22.36 -7.87
C ALA A 733 -27.64 23.72 -7.54
N GLY A 734 -26.98 24.82 -7.85
CA GLY A 734 -27.50 26.18 -7.67
C GLY A 734 -28.82 26.30 -8.44
N ALA A 735 -28.84 25.96 -9.71
CA ALA A 735 -30.06 26.04 -10.40
C ALA A 735 -31.18 25.13 -9.84
N SER A 736 -30.90 23.86 -9.48
CA SER A 736 -31.97 22.94 -9.05
CA SER A 736 -31.97 22.94 -9.05
C SER A 736 -32.54 23.43 -7.66
N LEU A 737 -31.70 24.03 -6.80
CA LEU A 737 -32.11 24.50 -5.49
C LEU A 737 -32.93 25.80 -5.59
N ARG A 738 -32.48 26.69 -6.45
CA ARG A 738 -33.19 27.88 -6.73
C ARG A 738 -34.60 27.46 -7.27
N ALA A 739 -34.64 26.48 -8.16
CA ALA A 739 -35.90 26.00 -8.63
C ALA A 739 -36.79 25.46 -7.51
N TYR A 740 -36.22 24.71 -6.60
CA TYR A 740 -36.96 24.26 -5.43
C TYR A 740 -37.60 25.40 -4.66
N ASN A 741 -36.81 26.44 -4.43
CA ASN A 741 -37.21 27.59 -3.66
C ASN A 741 -38.49 28.21 -4.29
N TYR A 742 -38.49 28.39 -5.61
CA TYR A 742 -39.52 29.06 -6.33
C TYR A 742 -40.53 28.12 -6.93
N GLY A 743 -40.49 26.86 -6.52
CA GLY A 743 -41.47 25.87 -6.98
C GLY A 743 -41.49 25.70 -8.50
N ILE A 744 -40.31 25.77 -9.14
CA ILE A 744 -40.19 25.44 -10.54
C ILE A 744 -39.71 24.02 -10.74
N LYS A 745 -40.36 23.30 -11.64
CA LYS A 745 -39.91 21.97 -12.13
C LYS A 745 -38.48 21.98 -12.69
N SER A 746 -37.59 21.17 -12.10
CA SER A 746 -36.24 20.92 -12.72
C SER A 746 -36.36 20.19 -14.08
N ASP A 747 -35.64 20.68 -15.10
CA ASP A 747 -35.28 19.85 -16.32
C ASP A 747 -34.45 18.58 -15.93
N ASP A 748 -33.86 18.54 -14.71
CA ASP A 748 -33.22 17.34 -14.10
C ASP A 748 -33.97 16.62 -12.90
N SER A 749 -35.28 16.80 -12.64
CA SER A 749 -35.90 16.07 -11.45
C SER A 749 -36.25 14.59 -11.70
N ASN A 750 -36.08 14.10 -12.94
CA ASN A 750 -36.31 12.70 -13.34
C ASN A 750 -34.99 11.90 -13.75
N SER A 751 -33.93 12.70 -13.98
N SER A 751 -33.83 12.54 -13.84
CA SER A 751 -32.81 12.44 -14.91
CA SER A 751 -32.55 11.77 -13.93
C SER A 751 -31.50 13.01 -14.32
C SER A 751 -31.41 12.80 -14.02
N LYS A 752 -30.34 12.51 -14.76
CA LYS A 752 -29.03 13.21 -14.59
C LYS A 752 -28.93 14.54 -15.39
N PRO A 753 -28.13 15.51 -14.98
CA PRO A 753 -28.08 16.74 -15.78
C PRO A 753 -27.31 16.62 -17.11
N ASN A 754 -27.85 17.21 -18.15
CA ASN A 754 -27.20 17.20 -19.44
C ASN A 754 -26.22 18.38 -19.67
N VAL A 755 -24.95 18.09 -19.84
CA VAL A 755 -23.99 19.10 -20.06
C VAL A 755 -24.33 20.01 -21.24
N ASP A 756 -24.62 19.46 -22.41
CA ASP A 756 -24.94 20.22 -23.63
C ASP A 756 -26.11 21.19 -23.36
N GLU A 757 -27.13 20.75 -22.62
CA GLU A 757 -28.32 21.57 -22.32
C GLU A 757 -28.01 22.73 -21.48
N TYR A 758 -27.26 22.54 -20.39
CA TYR A 758 -26.79 23.68 -19.60
C TYR A 758 -25.87 24.61 -20.41
N LYS A 759 -25.13 24.00 -21.32
CA LYS A 759 -24.09 24.70 -22.01
C LYS A 759 -24.68 25.65 -23.00
N SER A 760 -25.65 25.21 -23.77
CA SER A 760 -26.30 26.12 -24.70
C SER A 760 -27.05 27.28 -23.99
N VAL A 761 -27.59 27.08 -22.80
CA VAL A 761 -28.12 28.22 -22.04
C VAL A 761 -27.00 29.15 -21.65
N ILE A 762 -25.93 28.65 -21.06
CA ILE A 762 -24.83 29.53 -20.61
C ILE A 762 -24.16 30.22 -21.77
N ASP A 763 -24.02 29.52 -22.89
CA ASP A 763 -23.29 30.06 -24.04
C ASP A 763 -24.03 31.25 -24.70
N HIS A 764 -25.35 31.32 -24.54
CA HIS A 764 -26.17 32.44 -25.04
C HIS A 764 -26.26 33.65 -24.10
N MET A 765 -25.73 33.57 -22.88
CA MET A 765 -25.78 34.65 -21.93
C MET A 765 -24.75 35.72 -22.22
N ILE A 766 -25.13 36.97 -22.03
CA ILE A 766 -24.19 38.10 -22.02
C ILE A 766 -23.80 38.24 -20.56
N ILE A 767 -22.55 37.96 -20.21
CA ILE A 767 -22.12 37.97 -18.79
C ILE A 767 -21.58 39.38 -18.53
N PRO A 768 -22.07 40.13 -17.49
CA PRO A 768 -21.54 41.51 -17.44
C PRO A 768 -20.11 41.55 -16.97
N GLU A 769 -19.31 42.49 -17.46
CA GLU A 769 -17.91 42.66 -17.11
C GLU A 769 -17.82 43.19 -15.70
N PHE A 770 -16.70 42.93 -15.05
CA PHE A 770 -16.34 43.49 -13.76
C PHE A 770 -15.99 44.99 -13.84
N THR A 771 -16.57 45.77 -12.94
CA THR A 771 -16.15 47.16 -12.71
C THR A 771 -15.70 47.24 -11.23
N PRO A 772 -14.43 47.66 -10.99
CA PRO A 772 -13.99 47.85 -9.61
C PRO A 772 -14.87 48.87 -8.94
N ASN A 773 -15.09 48.72 -7.65
CA ASN A 773 -15.74 49.74 -6.87
C ASN A 773 -14.70 50.35 -5.93
N ALA A 774 -14.22 51.56 -6.22
CA ALA A 774 -13.05 52.13 -5.48
C ALA A 774 -13.32 52.51 -4.02
N ASN A 775 -14.57 52.41 -3.58
CA ASN A 775 -15.03 52.85 -2.23
C ASN A 775 -14.81 51.78 -1.21
N LEU A 776 -15.12 50.53 -1.60
CA LEU A 776 -15.10 49.36 -0.68
C LEU A 776 -13.71 49.21 -0.06
N LYS A 777 -13.60 49.42 1.25
CA LYS A 777 -12.49 48.88 2.00
C LYS A 777 -12.87 47.44 2.40
N ILE A 778 -11.84 46.59 2.49
CA ILE A 778 -11.92 45.21 2.91
C ILE A 778 -11.17 45.05 4.27
N GLN A 779 -11.80 44.31 5.17
CA GLN A 779 -11.26 44.07 6.50
C GLN A 779 -10.19 42.93 6.47
N VAL A 780 -9.02 43.24 7.03
CA VAL A 780 -7.85 42.37 6.97
C VAL A 780 -7.77 41.51 8.22
N ASN A 781 -7.85 42.14 9.39
CA ASN A 781 -7.87 41.42 10.66
C ASN A 781 -9.23 41.56 11.34
N ASP A 782 -9.47 40.65 12.29
CA ASP A 782 -10.68 40.66 13.12
C ASP A 782 -10.65 41.83 14.15
N ASP A 783 -9.44 42.21 14.59
CA ASP A 783 -9.23 43.45 15.39
C ASP A 783 -9.73 44.74 14.69
N ASP A 784 -9.20 45.09 13.51
CA ASP A 784 -9.63 46.29 12.69
C ASP A 784 -11.20 46.49 12.54
N PRO A 785 -11.75 47.71 12.78
CA PRO A 785 -13.23 47.86 12.68
C PRO A 785 -13.86 47.90 11.23
N ASP A 786 -15.11 47.42 11.07
CA ASP A 786 -15.94 47.42 9.81
C ASP A 786 -16.94 46.26 9.89
N ASP A 796 -30.28 55.34 6.01
CA ASP A 796 -30.15 56.48 5.10
C ASP A 796 -30.21 56.10 3.60
N GLU A 797 -29.24 55.32 3.10
CA GLU A 797 -29.39 54.58 1.82
C GLU A 797 -30.51 53.48 1.90
N ILE A 798 -31.19 53.42 3.06
CA ILE A 798 -32.13 52.34 3.47
C ILE A 798 -33.57 52.70 3.09
N ASP A 799 -33.94 53.99 3.13
CA ASP A 799 -35.26 54.43 2.67
C ASP A 799 -35.53 54.02 1.20
N GLN A 800 -34.51 54.16 0.34
CA GLN A 800 -34.55 53.80 -1.10
C GLN A 800 -34.88 52.32 -1.27
N LEU A 801 -34.08 51.50 -0.57
CA LEU A 801 -34.22 50.06 -0.52
C LEU A 801 -35.64 49.59 -0.07
N VAL A 802 -36.12 50.10 1.08
CA VAL A 802 -37.52 49.97 1.54
C VAL A 802 -38.62 50.44 0.54
N SER A 803 -38.50 51.63 -0.06
CA SER A 803 -39.46 52.06 -1.12
C SER A 803 -39.41 51.23 -2.39
N SER A 804 -38.27 50.63 -2.72
CA SER A 804 -38.17 49.62 -3.80
C SER A 804 -38.88 48.25 -3.51
N LEU A 805 -39.23 47.93 -2.24
CA LEU A 805 -39.83 46.60 -1.94
C LEU A 805 -41.27 46.58 -2.53
N PRO A 806 -41.69 45.46 -3.13
CA PRO A 806 -43.06 45.41 -3.63
C PRO A 806 -44.05 45.34 -2.46
N ASP A 807 -45.27 45.88 -2.64
N ASP A 807 -45.26 45.87 -2.65
CA ASP A 807 -46.33 45.79 -1.62
CA ASP A 807 -46.33 45.77 -1.65
C ASP A 807 -46.80 44.32 -1.62
C ASP A 807 -46.77 44.31 -1.63
N PRO A 808 -46.94 43.72 -0.42
CA PRO A 808 -47.26 42.28 -0.38
C PRO A 808 -48.55 41.89 -1.06
N SER A 809 -49.51 42.79 -1.13
CA SER A 809 -50.75 42.46 -1.85
C SER A 809 -50.55 42.27 -3.38
N THR A 810 -49.39 42.60 -3.99
CA THR A 810 -49.08 42.22 -5.40
C THR A 810 -48.54 40.82 -5.57
N LEU A 811 -48.47 40.10 -4.45
CA LEU A 811 -47.83 38.77 -4.32
C LEU A 811 -48.62 37.83 -3.41
N ALA A 812 -49.95 37.91 -3.54
CA ALA A 812 -50.93 37.16 -2.71
C ALA A 812 -50.80 35.73 -3.03
N GLY A 813 -50.56 34.96 -2.01
CA GLY A 813 -50.34 33.54 -2.18
C GLY A 813 -48.95 33.15 -2.65
N PHE A 814 -48.06 34.09 -2.94
CA PHE A 814 -46.68 33.73 -3.27
C PHE A 814 -45.95 33.22 -2.06
N LYS A 815 -45.28 32.09 -2.18
CA LYS A 815 -44.55 31.58 -1.03
C LYS A 815 -43.23 30.99 -1.55
N LEU A 816 -42.12 31.25 -0.90
CA LEU A 816 -40.88 30.53 -1.22
C LEU A 816 -40.73 29.36 -0.30
N GLU A 817 -40.11 28.33 -0.82
CA GLU A 817 -39.96 27.09 -0.11
C GLU A 817 -38.52 26.90 0.43
N PRO A 818 -38.31 27.12 1.71
CA PRO A 818 -36.90 27.04 2.16
C PRO A 818 -36.38 25.61 2.20
N VAL A 819 -35.06 25.51 2.02
CA VAL A 819 -34.38 24.19 2.02
C VAL A 819 -34.04 23.92 3.47
N ASP A 820 -34.25 22.68 3.88
CA ASP A 820 -33.81 22.18 5.20
C ASP A 820 -32.57 21.26 4.89
N PHE A 821 -31.36 21.72 5.17
CA PHE A 821 -30.12 20.95 4.98
C PHE A 821 -30.31 19.51 5.39
N GLU A 822 -30.11 18.60 4.45
CA GLU A 822 -30.12 17.20 4.70
C GLU A 822 -28.85 16.52 4.04
N LYS A 823 -27.83 16.31 4.85
CA LYS A 823 -26.57 15.73 4.39
C LYS A 823 -26.59 14.30 3.84
N ASP A 824 -27.62 13.54 4.16
CA ASP A 824 -27.66 12.13 3.91
C ASP A 824 -28.64 11.72 2.77
N ASP A 825 -29.16 12.64 2.02
CA ASP A 825 -29.90 12.35 0.83
C ASP A 825 -29.12 12.83 -0.38
N ASP A 826 -28.46 11.87 -1.05
CA ASP A 826 -27.60 12.12 -2.18
C ASP A 826 -28.37 12.70 -3.37
N THR A 827 -29.68 12.66 -3.37
CA THR A 827 -30.38 13.13 -4.54
C THR A 827 -30.80 14.61 -4.49
N ASN A 828 -30.59 15.30 -3.36
CA ASN A 828 -31.25 16.59 -3.10
C ASN A 828 -30.37 17.78 -3.45
N HIS A 829 -29.14 17.54 -3.93
CA HIS A 829 -28.25 18.58 -4.40
C HIS A 829 -27.53 19.38 -3.32
N HIS A 830 -27.70 19.03 -2.07
CA HIS A 830 -27.16 19.85 -1.03
C HIS A 830 -25.61 19.70 -0.93
N ILE A 831 -25.11 18.50 -0.64
CA ILE A 831 -23.72 18.28 -0.61
C ILE A 831 -23.14 18.52 -2.01
N GLU A 832 -23.85 18.19 -3.09
CA GLU A 832 -23.40 18.59 -4.37
C GLU A 832 -23.13 20.09 -4.46
N PHE A 833 -24.05 20.94 -3.99
CA PHE A 833 -23.81 22.37 -4.04
C PHE A 833 -22.61 22.77 -3.16
N ILE A 834 -22.62 22.30 -1.94
CA ILE A 834 -21.59 22.75 -0.97
C ILE A 834 -20.15 22.30 -1.44
N THR A 835 -20.05 21.08 -1.98
CA THR A 835 -18.80 20.61 -2.51
C THR A 835 -18.34 21.46 -3.67
N ALA A 836 -19.23 21.74 -4.59
CA ALA A 836 -18.82 22.49 -5.72
C ALA A 836 -18.51 23.93 -5.44
N CYS A 837 -19.34 24.54 -4.59
CA CYS A 837 -19.17 25.93 -4.22
C CYS A 837 -17.81 26.03 -3.46
N SER A 838 -17.60 25.14 -2.49
CA SER A 838 -16.30 25.07 -1.79
C SER A 838 -15.13 24.88 -2.74
N ASN A 839 -15.24 24.01 -3.72
CA ASN A 839 -14.08 23.72 -4.53
C ASN A 839 -13.79 24.82 -5.50
N CYS A 840 -14.81 25.57 -5.91
CA CYS A 840 -14.58 26.65 -6.82
C CYS A 840 -13.76 27.72 -6.04
N ARG A 841 -14.13 27.98 -4.82
CA ARG A 841 -13.39 28.92 -4.05
C ARG A 841 -12.02 28.29 -3.86
N ALA A 842 -11.95 26.99 -3.56
CA ALA A 842 -10.65 26.35 -3.44
C ALA A 842 -9.72 26.57 -4.63
N GLN A 843 -10.29 26.49 -5.83
CA GLN A 843 -9.57 26.87 -7.02
C GLN A 843 -9.12 28.32 -7.00
N ASN A 844 -9.96 29.23 -6.53
CA ASN A 844 -9.58 30.64 -6.50
C ASN A 844 -8.23 30.76 -5.73
N TYR A 845 -8.06 30.03 -4.64
CA TYR A 845 -7.01 30.34 -3.67
C TYR A 845 -5.93 29.22 -3.68
N PHE A 846 -5.90 28.45 -4.77
CA PHE A 846 -4.99 27.34 -4.95
C PHE A 846 -4.95 26.41 -3.78
N ILE A 847 -6.13 26.02 -3.32
CA ILE A 847 -6.26 25.05 -2.23
C ILE A 847 -6.70 23.77 -2.92
N GLU A 848 -6.23 22.62 -2.42
CA GLU A 848 -6.63 21.32 -3.01
C GLU A 848 -8.11 21.02 -2.81
N THR A 849 -8.78 20.63 -3.90
CA THR A 849 -10.21 20.44 -3.88
C THR A 849 -10.50 19.17 -3.13
N ALA A 850 -11.66 19.08 -2.50
CA ALA A 850 -12.16 17.89 -1.86
C ALA A 850 -13.37 17.25 -2.57
N ASP A 851 -13.59 15.98 -2.27
CA ASP A 851 -14.66 15.26 -2.89
C ASP A 851 -15.88 15.36 -1.96
N ARG A 852 -16.97 14.74 -2.37
CA ARG A 852 -18.25 14.79 -1.69
CA ARG A 852 -18.24 14.80 -1.69
C ARG A 852 -18.23 14.20 -0.33
N GLN A 853 -17.57 13.09 -0.18
CA GLN A 853 -17.53 12.44 1.13
C GLN A 853 -16.85 13.25 2.21
N LYS A 854 -15.76 13.87 1.83
CA LYS A 854 -15.05 14.67 2.73
C LYS A 854 -15.80 15.97 3.02
N THR A 855 -16.33 16.61 1.96
CA THR A 855 -17.16 17.76 2.14
C THR A 855 -18.30 17.44 3.08
N LYS A 856 -18.91 16.29 2.93
CA LYS A 856 -20.01 15.96 3.79
C LYS A 856 -19.63 15.73 5.21
N PHE A 857 -18.43 15.18 5.40
CA PHE A 857 -17.91 15.00 6.75
C PHE A 857 -17.78 16.31 7.49
N ILE A 858 -17.23 17.33 6.81
CA ILE A 858 -16.95 18.62 7.43
C ILE A 858 -18.27 19.46 7.54
N ALA A 859 -18.99 19.65 6.43
CA ALA A 859 -20.22 20.42 6.46
C ALA A 859 -21.30 19.80 7.29
N GLY A 860 -21.30 18.51 7.32
CA GLY A 860 -22.33 17.78 8.02
C GLY A 860 -21.98 17.47 9.44
N ARG A 861 -20.79 17.83 9.87
CA ARG A 861 -20.32 17.60 11.25
C ARG A 861 -20.43 16.16 11.70
N ILE A 862 -20.15 15.21 10.81
CA ILE A 862 -20.39 13.81 11.04
C ILE A 862 -19.31 13.32 11.99
N ILE A 863 -19.76 12.57 12.98
CA ILE A 863 -18.88 11.89 13.93
C ILE A 863 -18.56 10.48 13.45
N PRO A 864 -17.29 10.20 13.23
CA PRO A 864 -16.85 8.85 12.85
C PRO A 864 -17.29 7.87 13.92
N ALA A 865 -17.84 6.75 13.50
CA ALA A 865 -18.42 5.82 14.42
C ALA A 865 -18.31 4.40 13.89
N ILE A 866 -18.19 3.46 14.81
CA ILE A 866 -18.10 2.08 14.42
C ILE A 866 -18.60 1.19 15.54
N ALA A 867 -19.14 0.02 15.24
CA ALA A 867 -19.69 -0.83 16.30
C ALA A 867 -18.75 -1.39 17.35
N THR A 868 -17.49 -1.69 16.97
CA THR A 868 -16.55 -2.20 17.86
C THR A 868 -16.37 -1.35 19.07
N THR A 869 -16.05 -0.09 18.91
CA THR A 869 -15.86 0.79 20.00
C THR A 869 -17.14 0.97 20.84
N THR A 870 -18.27 1.07 20.17
CA THR A 870 -19.60 1.20 20.82
C THR A 870 -19.84 0.00 21.77
N SER A 871 -19.60 -1.22 21.33
CA SER A 871 -19.79 -2.37 22.20
C SER A 871 -18.84 -2.38 23.36
N LEU A 872 -17.58 -2.01 23.10
CA LEU A 872 -16.64 -2.15 24.13
C LEU A 872 -16.91 -1.20 25.24
N VAL A 873 -17.09 0.05 24.89
CA VAL A 873 -17.42 1.11 25.86
C VAL A 873 -18.72 0.72 26.61
N THR A 874 -19.71 0.12 25.94
CA THR A 874 -20.97 -0.19 26.59
C THR A 874 -20.73 -1.31 27.58
N GLY A 875 -19.81 -2.24 27.25
CA GLY A 875 -19.42 -3.27 28.16
C GLY A 875 -18.84 -2.68 29.40
N LEU A 876 -17.94 -1.71 29.26
CA LEU A 876 -17.38 -1.13 30.42
C LEU A 876 -18.44 -0.39 31.28
N VAL A 877 -19.41 0.29 30.66
CA VAL A 877 -20.53 0.95 31.42
C VAL A 877 -21.26 -0.09 32.23
N ASN A 878 -21.53 -1.25 31.65
CA ASN A 878 -22.25 -2.26 32.38
C ASN A 878 -21.43 -3.03 33.41
N LEU A 879 -20.11 -2.82 33.48
CA LEU A 879 -19.35 -3.32 34.62
C LEU A 879 -19.39 -2.34 35.73
N GLU A 880 -19.49 -1.03 35.45
CA GLU A 880 -19.78 -0.04 36.50
C GLU A 880 -21.20 -0.13 37.10
N LEU A 881 -22.18 -0.46 36.27
CA LEU A 881 -23.55 -0.61 36.66
C LEU A 881 -23.65 -1.54 37.85
N TYR A 882 -22.86 -2.64 37.86
CA TYR A 882 -22.90 -3.61 38.96
C TYR A 882 -22.60 -2.90 40.30
N LYS A 883 -21.71 -1.91 40.26
CA LYS A 883 -21.35 -1.16 41.43
C LYS A 883 -22.49 -0.23 41.93
N LEU A 884 -23.35 0.28 41.05
CA LEU A 884 -24.64 0.99 41.51
C LEU A 884 -25.61 0.05 42.12
N ILE A 885 -25.69 -1.18 41.59
CA ILE A 885 -26.56 -2.18 42.19
C ILE A 885 -26.14 -2.44 43.66
N ASP A 886 -24.86 -2.43 43.98
CA ASP A 886 -24.44 -2.65 45.36
C ASP A 886 -24.26 -1.39 46.18
N ASN A 887 -24.64 -0.23 45.63
CA ASN A 887 -24.59 1.02 46.35
C ASN A 887 -23.25 1.38 46.91
N LYS A 888 -22.22 1.13 46.14
CA LYS A 888 -20.86 1.35 46.62
C LYS A 888 -20.65 2.84 46.91
N THR A 889 -20.09 3.11 48.06
CA THR A 889 -19.79 4.46 48.52
C THR A 889 -18.28 4.60 48.68
N ASP A 890 -17.51 3.56 48.35
CA ASP A 890 -16.09 3.73 48.35
C ASP A 890 -15.72 4.17 46.95
N ILE A 891 -15.27 5.41 46.85
CA ILE A 891 -14.91 6.00 45.57
C ILE A 891 -13.85 5.20 44.81
N GLU A 892 -12.95 4.55 45.52
CA GLU A 892 -11.84 3.77 44.87
C GLU A 892 -12.31 2.50 44.16
N GLN A 893 -13.53 2.06 44.38
CA GLN A 893 -14.08 0.93 43.62
C GLN A 893 -14.51 1.28 42.18
N TYR A 894 -14.78 2.55 41.91
CA TYR A 894 -15.37 2.96 40.65
C TYR A 894 -14.26 3.22 39.67
N LYS A 895 -14.54 3.03 38.38
CA LYS A 895 -13.58 3.29 37.33
C LYS A 895 -14.18 4.12 36.21
N ASN A 896 -13.62 5.29 35.99
CA ASN A 896 -13.81 5.96 34.75
C ASN A 896 -12.90 5.36 33.75
N GLY A 897 -13.39 5.13 32.54
CA GLY A 897 -12.56 4.48 31.52
C GLY A 897 -12.24 5.38 30.31
N PHE A 898 -11.08 5.14 29.70
CA PHE A 898 -10.67 5.83 28.50
C PHE A 898 -10.01 4.88 27.52
N VAL A 899 -10.43 4.93 26.26
CA VAL A 899 -9.88 3.95 25.37
C VAL A 899 -9.55 4.49 24.02
N ASN A 900 -8.56 3.85 23.38
CA ASN A 900 -8.43 4.02 21.95
C ASN A 900 -8.10 2.70 21.29
N LEU A 901 -9.06 2.08 20.59
CA LEU A 901 -8.80 0.74 20.08
C LEU A 901 -7.74 0.75 18.99
N ALA A 902 -7.43 1.91 18.44
CA ALA A 902 -6.49 1.92 17.36
C ALA A 902 -5.09 1.54 17.84
N LEU A 903 -4.77 1.84 19.10
CA LEU A 903 -3.39 1.80 19.52
C LEU A 903 -2.80 0.42 19.90
N PRO A 904 -3.49 -0.49 20.57
CA PRO A 904 -4.71 -0.25 21.36
C PRO A 904 -4.31 0.23 22.73
N PHE A 905 -5.15 1.04 23.34
CA PHE A 905 -4.91 1.59 24.69
C PHE A 905 -6.16 1.53 25.52
N PHE A 906 -6.03 1.14 26.76
CA PHE A 906 -7.08 1.16 27.75
C PHE A 906 -6.45 1.74 29.03
N GLY A 907 -7.14 2.65 29.66
CA GLY A 907 -6.75 3.23 30.90
C GLY A 907 -8.01 3.62 31.74
N PHE A 908 -7.84 3.62 33.06
CA PHE A 908 -8.89 3.79 33.99
C PHE A 908 -8.44 4.67 35.09
N SER A 909 -9.38 5.39 35.70
CA SER A 909 -9.06 6.23 36.80
C SER A 909 -10.24 6.29 37.76
N GLU A 910 -9.92 6.37 39.04
CA GLU A 910 -10.99 6.47 40.00
C GLU A 910 -11.63 7.92 39.86
N PRO A 911 -12.96 8.02 39.99
CA PRO A 911 -13.60 9.33 39.89
C PRO A 911 -13.03 10.30 40.87
N ILE A 912 -13.09 11.54 40.48
CA ILE A 912 -12.81 12.65 41.35
C ILE A 912 -13.95 12.86 42.34
N ALA A 913 -13.58 13.02 43.58
CA ALA A 913 -14.52 13.34 44.71
C ALA A 913 -15.21 14.67 44.49
N SER A 914 -16.45 14.80 44.89
CA SER A 914 -17.15 16.13 44.89
C SER A 914 -16.43 17.11 45.81
N PRO A 915 -16.18 18.29 45.36
CA PRO A 915 -15.72 19.29 46.38
C PRO A 915 -16.71 19.57 47.56
N LYS A 916 -16.11 19.80 48.71
CA LYS A 916 -16.72 20.00 49.95
C LYS A 916 -16.47 21.40 50.43
N GLY A 917 -17.43 21.94 51.18
CA GLY A 917 -17.34 23.24 51.78
C GLY A 917 -17.75 23.17 53.23
N GLU A 918 -17.71 24.29 53.88
CA GLU A 918 -18.03 24.40 55.30
C GLU A 918 -18.61 25.81 55.58
N TYR A 919 -19.65 25.98 56.38
CA TYR A 919 -20.12 27.26 56.91
C TYR A 919 -20.43 27.01 58.37
N ASN A 920 -20.06 27.92 59.30
CA ASN A 920 -20.18 27.59 60.72
C ASN A 920 -19.52 26.25 60.96
N ASN A 921 -20.23 25.37 61.64
CA ASN A 921 -19.63 24.04 61.89
C ASN A 921 -20.15 22.98 60.97
N LYS A 922 -20.55 23.32 59.75
CA LYS A 922 -21.30 22.36 58.99
C LYS A 922 -20.61 22.06 57.67
N LYS A 923 -20.35 20.79 57.43
CA LYS A 923 -19.74 20.35 56.19
C LYS A 923 -20.87 20.15 55.18
N TYR A 924 -20.63 20.47 53.94
CA TYR A 924 -21.58 20.18 52.90
C TYR A 924 -20.91 19.90 51.61
N ASP A 925 -21.67 19.30 50.70
CA ASP A 925 -21.16 18.89 49.39
C ASP A 925 -21.52 19.97 48.42
N LYS A 926 -20.54 20.57 47.79
CA LYS A 926 -20.82 21.70 46.89
C LYS A 926 -21.59 21.35 45.58
N ILE A 927 -21.69 20.08 45.25
CA ILE A 927 -22.45 19.65 44.09
C ILE A 927 -23.79 19.16 44.50
N TRP A 928 -23.83 18.31 45.52
CA TRP A 928 -25.01 17.47 45.78
C TRP A 928 -25.94 17.97 46.89
N ASP A 929 -25.45 18.81 47.78
CA ASP A 929 -26.29 19.29 48.88
C ASP A 929 -27.11 20.50 48.49
N ARG A 930 -28.32 20.57 49.03
CA ARG A 930 -29.15 21.77 48.90
C ARG A 930 -30.09 21.91 50.11
N PHE A 931 -30.68 23.10 50.31
CA PHE A 931 -31.67 23.31 51.37
C PHE A 931 -33.07 23.06 50.79
N ASP A 932 -33.71 21.98 51.19
CA ASP A 932 -35.04 21.64 50.74
C ASP A 932 -36.07 22.29 51.69
N ILE A 933 -36.86 23.24 51.18
CA ILE A 933 -37.85 23.95 51.96
C ILE A 933 -39.21 23.46 51.49
N LYS A 934 -40.07 22.96 52.40
CA LYS A 934 -41.40 22.45 51.99
C LYS A 934 -42.44 23.57 52.02
N GLY A 935 -43.02 23.90 50.87
CA GLY A 935 -44.12 24.86 50.77
C GLY A 935 -43.71 26.25 50.29
N ASP A 936 -44.71 26.98 49.83
CA ASP A 936 -44.56 28.33 49.25
C ASP A 936 -44.35 29.33 50.35
N ILE A 937 -43.24 29.20 51.04
CA ILE A 937 -42.88 29.88 52.25
C ILE A 937 -42.82 31.38 52.03
N LYS A 938 -43.20 32.11 53.08
CA LYS A 938 -43.07 33.57 53.09
C LYS A 938 -41.64 33.93 53.20
N LEU A 939 -41.27 35.00 52.52
CA LEU A 939 -39.92 35.50 52.63
C LEU A 939 -39.43 35.67 54.02
N SER A 940 -40.25 36.25 54.88
CA SER A 940 -39.74 36.45 56.23
C SER A 940 -39.40 35.10 56.94
N ASP A 941 -40.22 34.10 56.72
CA ASP A 941 -40.06 32.82 57.31
C ASP A 941 -38.80 32.17 56.79
N LEU A 942 -38.52 32.37 55.52
CA LEU A 942 -37.34 31.83 54.92
C LEU A 942 -36.03 32.42 55.56
N ILE A 943 -36.02 33.74 55.73
CA ILE A 943 -34.87 34.42 56.30
C ILE A 943 -34.71 34.02 57.75
N GLU A 944 -35.82 33.96 58.49
CA GLU A 944 -35.76 33.62 59.87
C GLU A 944 -35.27 32.16 59.96
N HIS A 945 -35.79 31.26 59.13
CA HIS A 945 -35.45 29.82 59.20
C HIS A 945 -33.90 29.69 59.07
N PHE A 946 -33.31 30.42 58.13
CA PHE A 946 -31.88 30.31 57.84
C PHE A 946 -31.02 30.80 59.00
N GLU A 947 -31.48 31.88 59.64
CA GLU A 947 -30.71 32.39 60.74
C GLU A 947 -30.82 31.38 61.92
N LYS A 948 -32.00 30.86 62.13
CA LYS A 948 -32.31 30.13 63.38
C LYS A 948 -31.80 28.67 63.25
N ASP A 949 -31.93 28.05 62.08
CA ASP A 949 -31.62 26.68 61.88
C ASP A 949 -30.22 26.47 61.33
N GLU A 950 -29.70 27.38 60.54
CA GLU A 950 -28.39 27.20 59.90
C GLU A 950 -27.40 28.19 60.31
N GLY A 951 -27.73 29.13 61.14
CA GLY A 951 -26.76 30.14 61.48
C GLY A 951 -26.33 31.04 60.32
N LEU A 952 -27.17 31.14 59.31
CA LEU A 952 -26.86 31.89 58.13
C LEU A 952 -27.80 33.15 58.00
N GLU A 953 -27.16 34.32 57.85
CA GLU A 953 -27.80 35.59 57.62
C GLU A 953 -27.85 35.80 56.16
N ILE A 954 -29.07 35.63 55.62
CA ILE A 954 -29.21 35.71 54.21
C ILE A 954 -28.96 37.17 53.79
N THR A 955 -28.21 37.28 52.73
CA THR A 955 -27.64 38.56 52.27
C THR A 955 -28.09 38.92 50.84
N MET A 956 -28.36 37.89 50.00
CA MET A 956 -29.00 38.05 48.70
CA MET A 956 -28.98 38.03 48.69
C MET A 956 -29.80 36.76 48.42
N LEU A 957 -30.93 36.87 47.76
CA LEU A 957 -31.76 35.73 47.44
C LEU A 957 -32.25 36.02 46.05
N SER A 958 -32.04 35.08 45.12
CA SER A 958 -32.36 35.25 43.72
C SER A 958 -33.12 34.06 43.12
N TYR A 959 -33.93 34.31 42.08
CA TYR A 959 -34.59 33.30 41.30
C TYR A 959 -34.20 33.58 39.88
N GLY A 960 -33.39 32.70 39.30
CA GLY A 960 -32.66 33.01 38.07
C GLY A 960 -31.95 34.38 38.16
N VAL A 961 -32.24 35.22 37.19
CA VAL A 961 -31.66 36.56 37.09
C VAL A 961 -32.28 37.63 38.07
N SER A 962 -33.45 37.33 38.66
CA SER A 962 -34.20 38.27 39.48
C SER A 962 -33.73 38.25 40.93
N LEU A 963 -33.32 39.42 41.41
CA LEU A 963 -33.05 39.64 42.80
C LEU A 963 -34.39 39.81 43.58
N LEU A 964 -34.62 38.98 44.58
CA LEU A 964 -35.83 38.95 45.32
C LEU A 964 -35.69 39.59 46.68
N TYR A 965 -34.52 39.45 47.26
CA TYR A 965 -34.22 40.06 48.56
C TYR A 965 -32.73 40.37 48.70
N ALA A 966 -32.43 41.39 49.46
CA ALA A 966 -31.08 41.69 49.77
C ALA A 966 -31.07 42.43 51.05
N SER A 967 -29.98 42.30 51.79
CA SER A 967 -29.88 42.85 53.16
C SER A 967 -29.78 44.40 53.08
N PHE A 968 -29.39 44.96 51.94
CA PHE A 968 -29.28 46.41 51.80
C PHE A 968 -30.60 47.12 51.40
N PHE A 969 -31.65 46.36 51.13
CA PHE A 969 -32.94 46.92 50.84
C PHE A 969 -33.40 47.80 51.97
N PRO A 970 -33.81 48.98 51.65
CA PRO A 970 -34.35 49.83 52.70
C PRO A 970 -35.71 49.30 53.25
N PRO A 971 -36.14 49.84 54.40
CA PRO A 971 -37.33 49.34 55.07
C PRO A 971 -38.58 49.36 54.18
N LYS A 972 -38.69 50.34 53.30
CA LYS A 972 -39.88 50.42 52.49
C LYS A 972 -39.87 49.22 51.54
N LYS A 973 -38.74 48.94 50.92
CA LYS A 973 -38.68 47.81 50.00
C LYS A 973 -38.94 46.48 50.78
N LEU A 974 -38.41 46.37 51.98
CA LEU A 974 -38.62 45.13 52.75
C LEU A 974 -40.02 44.95 53.19
N LYS A 975 -40.69 46.03 53.52
CA LYS A 975 -42.09 45.90 53.87
C LYS A 975 -42.98 45.37 52.72
N GLU A 976 -42.69 45.69 51.45
CA GLU A 976 -43.44 45.16 50.28
C GLU A 976 -43.24 43.65 50.15
N ARG A 977 -42.11 43.13 50.63
CA ARG A 977 -41.67 41.77 50.28
C ARG A 977 -41.77 40.74 51.38
N LEU A 978 -41.52 41.15 52.62
CA LEU A 978 -41.27 40.20 53.69
C LEU A 978 -42.43 39.24 53.95
N ASN A 979 -43.63 39.72 53.71
CA ASN A 979 -44.83 38.93 53.92
C ASN A 979 -45.29 38.11 52.72
N LEU A 980 -44.53 38.12 51.63
CA LEU A 980 -44.98 37.47 50.41
C LEU A 980 -44.44 36.06 50.36
N PRO A 981 -45.34 35.09 50.12
CA PRO A 981 -44.84 33.79 49.65
C PRO A 981 -43.88 33.96 48.44
N ILE A 982 -42.96 32.98 48.29
CA ILE A 982 -41.95 33.07 47.29
C ILE A 982 -42.58 33.26 45.89
N THR A 983 -43.66 32.55 45.56
CA THR A 983 -44.18 32.67 44.20
C THR A 983 -44.71 34.06 43.96
N GLN A 984 -45.33 34.66 44.96
CA GLN A 984 -45.86 36.05 44.87
C GLN A 984 -44.72 37.08 44.88
N LEU A 985 -43.63 36.77 45.57
CA LEU A 985 -42.43 37.58 45.49
C LEU A 985 -41.82 37.57 44.06
N VAL A 986 -41.85 36.39 43.42
CA VAL A 986 -41.35 36.33 42.09
C VAL A 986 -42.24 37.11 41.12
N LYS A 987 -43.54 36.97 41.32
CA LYS A 987 -44.58 37.77 40.61
C LYS A 987 -44.35 39.27 40.69
N LEU A 988 -44.16 39.77 41.91
CA LEU A 988 -43.93 41.21 42.15
C LEU A 988 -42.71 41.74 41.38
N VAL A 989 -41.64 40.94 41.24
CA VAL A 989 -40.36 41.42 40.70
C VAL A 989 -40.25 41.31 39.15
N THR A 990 -40.69 40.14 38.62
CA THR A 990 -40.70 39.82 37.17
C THR A 990 -41.97 40.22 36.39
N LYS A 991 -43.07 40.45 37.11
CA LYS A 991 -44.39 40.68 36.52
C LYS A 991 -44.97 39.44 35.78
N LYS A 992 -44.50 38.26 36.12
CA LYS A 992 -44.94 37.04 35.46
C LYS A 992 -45.32 36.07 36.56
N ASP A 993 -46.45 35.38 36.43
CA ASP A 993 -46.83 34.27 37.36
C ASP A 993 -45.85 33.07 37.15
N ILE A 994 -45.62 32.27 38.19
CA ILE A 994 -44.94 31.00 37.99
C ILE A 994 -45.90 30.10 37.20
N PRO A 995 -45.45 29.44 36.12
CA PRO A 995 -46.41 28.51 35.47
C PRO A 995 -46.91 27.39 36.39
N ALA A 996 -48.15 26.96 36.11
CA ALA A 996 -48.92 25.99 36.94
C ALA A 996 -48.24 24.60 37.04
N HIS A 997 -47.66 24.07 35.96
CA HIS A 997 -46.95 22.75 36.01
C HIS A 997 -45.64 22.74 36.92
N VAL A 998 -45.10 23.93 37.29
CA VAL A 998 -43.83 24.04 38.05
C VAL A 998 -44.06 23.65 39.49
N SER A 999 -43.29 22.66 39.92
CA SER A 999 -43.40 22.09 41.24
C SER A 999 -42.25 22.53 42.13
N THR A 1000 -41.16 23.06 41.53
CA THR A 1000 -39.98 23.54 42.27
C THR A 1000 -39.41 24.84 41.77
N MET A 1001 -38.80 25.52 42.71
CA MET A 1001 -38.06 26.72 42.39
C MET A 1001 -36.68 26.63 43.06
N ILE A 1002 -35.64 26.81 42.27
CA ILE A 1002 -34.27 26.89 42.77
C ILE A 1002 -34.00 28.34 43.06
N LEU A 1003 -33.48 28.63 44.27
CA LEU A 1003 -33.04 29.97 44.66
C LEU A 1003 -31.60 29.99 45.05
N GLU A 1004 -30.84 30.95 44.56
CA GLU A 1004 -29.45 31.06 44.92
C GLU A 1004 -29.43 32.10 46.06
N ILE A 1005 -28.64 31.80 47.11
CA ILE A 1005 -28.37 32.72 48.21
C ILE A 1005 -26.92 33.04 48.39
N CSO A 1006 -26.67 34.26 48.80
CA CSO A 1006 -25.46 34.64 49.47
CB CSO A 1006 -24.90 35.90 48.89
SG CSO A 1006 -24.55 35.76 47.16
C CSO A 1006 -25.85 34.81 50.92
O CSO A 1006 -26.99 35.13 51.25
OD CSO A 1006 -23.31 36.98 47.12
N ALA A 1007 -24.89 34.55 51.81
CA ALA A 1007 -25.09 34.62 53.25
C ALA A 1007 -23.81 34.86 53.99
N ASP A 1008 -23.99 35.46 55.15
CA ASP A 1008 -22.96 35.62 56.12
C ASP A 1008 -23.12 34.58 57.21
N ASP A 1009 -22.02 34.14 57.80
CA ASP A 1009 -22.10 33.10 58.81
C ASP A 1009 -22.19 33.75 60.15
N LYS A 1010 -22.15 32.97 61.23
CA LYS A 1010 -22.16 33.53 62.58
C LYS A 1010 -21.12 34.57 62.98
N GLU A 1011 -19.99 34.64 62.30
CA GLU A 1011 -19.02 35.73 62.56
C GLU A 1011 -19.25 36.99 61.73
N GLY A 1012 -20.25 36.99 60.86
CA GLY A 1012 -20.49 38.11 59.92
C GLY A 1012 -19.71 38.09 58.64
N GLU A 1013 -19.21 36.93 58.29
CA GLU A 1013 -18.32 36.70 57.16
C GLU A 1013 -19.13 36.04 56.04
N ASP A 1014 -18.85 36.44 54.81
CA ASP A 1014 -19.52 35.87 53.66
C ASP A 1014 -19.01 34.44 53.51
N VAL A 1015 -19.92 33.51 53.32
CA VAL A 1015 -19.57 32.13 53.07
C VAL A 1015 -20.41 31.55 51.95
N GLU A 1016 -19.77 30.66 51.21
CA GLU A 1016 -20.44 29.93 50.17
C GLU A 1016 -21.35 28.93 50.79
N VAL A 1017 -22.51 28.68 50.21
CA VAL A 1017 -23.44 27.75 50.78
C VAL A 1017 -24.23 27.07 49.67
N PRO A 1018 -24.85 25.98 49.94
CA PRO A 1018 -25.66 25.39 48.93
C PRO A 1018 -26.85 26.27 48.50
N PHE A 1019 -27.44 25.89 47.40
CA PHE A 1019 -28.69 26.47 46.90
C PHE A 1019 -29.88 25.98 47.67
N ILE A 1020 -31.03 26.65 47.48
CA ILE A 1020 -32.29 26.26 48.05
C ILE A 1020 -33.17 25.69 46.98
N THR A 1021 -33.91 24.67 47.32
CA THR A 1021 -35.04 24.23 46.52
C THR A 1021 -36.40 24.41 47.29
N ILE A 1022 -37.32 25.14 46.68
CA ILE A 1022 -38.70 25.34 47.17
C ILE A 1022 -39.58 24.25 46.57
N HIS A 1023 -40.20 23.45 47.41
CA HIS A 1023 -41.14 22.44 46.93
C HIS A 1023 -42.61 22.98 47.03
N LEU A 1024 -43.19 23.30 45.88
CA LEU A 1024 -44.52 23.95 45.80
C LEU A 1024 -45.68 22.95 45.94
N MET B 1 14.42 14.54 36.44
CA MET B 1 14.06 13.21 35.88
C MET B 1 13.13 13.47 34.72
N GLN B 2 13.17 12.56 33.77
CA GLN B 2 12.24 12.53 32.66
CA GLN B 2 12.26 12.59 32.66
C GLN B 2 11.07 11.69 33.01
N ILE B 3 9.87 12.18 32.66
CA ILE B 3 8.65 11.36 32.56
C ILE B 3 8.07 11.51 31.16
N PHE B 4 7.12 10.67 30.85
CA PHE B 4 6.48 10.67 29.56
C PHE B 4 4.97 10.93 29.68
N VAL B 5 4.42 11.58 28.67
CA VAL B 5 2.99 11.79 28.60
C VAL B 5 2.55 11.31 27.22
N LYS B 6 1.68 10.32 27.18
CA LYS B 6 1.16 9.79 25.94
C LYS B 6 -0.29 10.30 25.86
N THR B 7 -0.66 10.75 24.68
CA THR B 7 -1.99 11.16 24.43
C THR B 7 -2.83 10.00 23.88
N LEU B 8 -4.13 10.23 23.83
CA LEU B 8 -5.07 9.31 23.29
C LEU B 8 -4.91 9.14 21.80
N THR B 9 -4.25 10.08 21.15
CA THR B 9 -3.96 9.90 19.76
C THR B 9 -2.70 9.10 19.52
N GLY B 10 -2.01 8.62 20.54
CA GLY B 10 -0.72 7.93 20.33
C GLY B 10 0.57 8.74 20.50
N LYS B 11 0.48 10.05 20.51
CA LYS B 11 1.64 10.94 20.66
C LYS B 11 2.34 10.82 22.00
N THR B 12 3.68 10.92 21.99
CA THR B 12 4.50 10.83 23.18
C THR B 12 5.27 12.13 23.37
N ILE B 13 5.15 12.70 24.55
CA ILE B 13 5.65 14.00 24.95
C ILE B 13 6.66 13.65 26.07
N THR B 14 7.85 14.25 26.08
CA THR B 14 8.80 14.00 27.12
C THR B 14 8.85 15.27 27.95
N LEU B 15 8.85 15.15 29.28
CA LEU B 15 8.96 16.28 30.18
C LEU B 15 10.14 16.15 31.13
N GLU B 16 10.79 17.28 31.43
CA GLU B 16 11.81 17.35 32.52
C GLU B 16 11.13 17.90 33.82
N VAL B 17 11.08 17.05 34.84
CA VAL B 17 10.42 17.33 36.08
C VAL B 17 11.29 16.89 37.24
N GLU B 18 10.89 17.29 38.44
CA GLU B 18 11.46 16.78 39.72
CA GLU B 18 11.44 16.86 39.69
C GLU B 18 10.23 16.29 40.49
N SER B 19 10.40 15.34 41.43
CA SER B 19 9.17 14.76 42.07
C SER B 19 8.42 15.71 42.98
N SER B 20 9.08 16.71 43.50
CA SER B 20 8.41 17.75 44.28
C SER B 20 7.44 18.67 43.46
N ASP B 21 7.56 18.70 42.13
CA ASP B 21 6.66 19.48 41.24
C ASP B 21 5.17 19.12 41.41
N THR B 22 4.35 20.15 41.35
CA THR B 22 2.92 20.01 41.46
C THR B 22 2.34 19.46 40.10
N ILE B 23 1.12 18.98 40.14
CA ILE B 23 0.44 18.63 38.99
C ILE B 23 0.18 19.88 38.20
N ASP B 24 -0.10 21.01 38.83
CA ASP B 24 -0.25 22.32 38.10
C ASP B 24 0.97 22.60 37.25
N ASN B 25 2.14 22.33 37.82
CA ASN B 25 3.43 22.48 37.16
C ASN B 25 3.57 21.62 35.90
N VAL B 26 3.25 20.35 36.05
CA VAL B 26 3.30 19.42 34.95
C VAL B 26 2.36 19.85 33.86
N LYS B 27 1.18 20.29 34.28
CA LYS B 27 0.18 20.77 33.35
C LYS B 27 0.59 22.01 32.57
N SER B 28 1.25 22.90 33.23
CA SER B 28 1.79 24.04 32.51
C SER B 28 2.93 23.64 31.55
N LYS B 29 3.73 22.63 31.88
CA LYS B 29 4.70 22.15 30.90
C LYS B 29 4.04 21.52 29.62
N ILE B 30 2.97 20.77 29.83
CA ILE B 30 2.19 20.22 28.76
C ILE B 30 1.61 21.35 27.91
N GLN B 31 1.16 22.42 28.56
CA GLN B 31 0.69 23.55 27.83
C GLN B 31 1.78 24.18 26.97
N ASP B 32 2.98 24.34 27.51
CA ASP B 32 4.11 24.84 26.68
C ASP B 32 4.32 23.98 25.43
N LYS B 33 4.20 22.67 25.56
CA LYS B 33 4.41 21.77 24.45
C LYS B 33 3.24 21.64 23.49
N GLU B 34 2.05 21.43 24.02
CA GLU B 34 0.90 21.09 23.18
C GLU B 34 -0.09 22.23 22.88
N GLY B 35 -0.07 23.26 23.69
CA GLY B 35 -1.02 24.34 23.61
C GLY B 35 -2.36 24.09 24.31
N ILE B 36 -2.47 23.03 25.10
CA ILE B 36 -3.72 22.67 25.80
C ILE B 36 -3.77 23.39 27.15
N PRO B 37 -4.82 24.21 27.38
CA PRO B 37 -4.95 24.88 28.67
C PRO B 37 -4.99 23.91 29.82
N PRO B 38 -4.34 24.20 30.92
CA PRO B 38 -4.38 23.25 32.06
C PRO B 38 -5.78 22.71 32.46
N ASP B 39 -6.82 23.55 32.41
CA ASP B 39 -8.14 23.12 32.90
C ASP B 39 -8.78 22.10 31.94
N GLN B 40 -8.28 21.98 30.71
CA GLN B 40 -8.77 20.99 29.76
C GLN B 40 -8.03 19.72 29.76
N GLN B 41 -6.98 19.64 30.57
CA GLN B 41 -6.15 18.44 30.62
C GLN B 41 -6.66 17.43 31.64
N ARG B 42 -6.92 16.19 31.22
CA ARG B 42 -7.14 15.07 32.13
C ARG B 42 -5.99 14.15 32.02
N LEU B 43 -5.28 13.99 33.11
CA LEU B 43 -4.07 13.21 33.16
C LEU B 43 -4.36 12.05 34.13
N ILE B 44 -4.10 10.83 33.67
CA ILE B 44 -4.22 9.69 34.55
C ILE B 44 -2.89 8.95 34.70
N PHE B 45 -2.73 8.31 35.85
CA PHE B 45 -1.62 7.44 36.10
C PHE B 45 -1.99 6.39 37.14
N ALA B 46 -1.75 5.14 36.82
CA ALA B 46 -1.79 4.07 37.84
C ALA B 46 -3.11 4.04 38.56
N GLY B 47 -4.16 4.31 37.77
CA GLY B 47 -5.53 4.17 38.25
C GLY B 47 -6.09 5.38 38.97
N LYS B 48 -5.35 6.49 38.94
CA LYS B 48 -5.75 7.73 39.52
C LYS B 48 -5.72 8.82 38.50
N GLN B 49 -6.65 9.76 38.63
CA GLN B 49 -6.64 11.04 37.91
C GLN B 49 -5.89 12.07 38.67
N LEU B 50 -4.95 12.74 38.01
CA LEU B 50 -4.05 13.71 38.69
C LEU B 50 -4.78 15.05 38.90
N GLU B 51 -4.83 15.52 40.16
CA GLU B 51 -5.52 16.72 40.55
C GLU B 51 -4.58 17.85 40.87
N ASP B 52 -5.09 19.04 40.58
CA ASP B 52 -4.39 20.28 40.81
C ASP B 52 -4.08 20.35 42.31
N GLY B 53 -2.92 20.92 42.63
CA GLY B 53 -2.49 21.15 43.99
C GLY B 53 -1.80 19.98 44.65
N ARG B 54 -1.81 18.79 44.06
CA ARG B 54 -1.06 17.64 44.57
CA ARG B 54 -1.05 17.65 44.57
C ARG B 54 0.31 17.62 43.87
N THR B 55 1.23 16.80 44.35
CA THR B 55 2.59 16.67 43.77
C THR B 55 2.78 15.33 43.04
N LEU B 56 3.87 15.19 42.31
CA LEU B 56 4.18 13.94 41.66
C LEU B 56 4.34 12.83 42.67
N SER B 57 5.09 13.10 43.77
CA SER B 57 5.29 12.11 44.85
C SER B 57 4.00 11.69 45.50
N ASP B 58 2.97 12.53 45.53
CA ASP B 58 1.63 12.07 46.01
C ASP B 58 1.00 10.90 45.20
N TYR B 59 1.38 10.74 43.94
CA TYR B 59 0.92 9.65 43.06
C TYR B 59 1.97 8.56 42.79
N ASN B 60 3.10 8.64 43.47
CA ASN B 60 4.19 7.73 43.25
C ASN B 60 4.80 7.72 41.84
N ILE B 61 4.97 8.90 41.26
CA ILE B 61 5.45 9.02 39.88
C ILE B 61 6.98 9.01 39.86
N GLN B 62 7.57 7.87 39.44
CA GLN B 62 9.02 7.66 39.31
C GLN B 62 9.51 8.18 37.94
N LYS B 63 10.84 8.16 37.77
CA LYS B 63 11.51 8.37 36.48
C LYS B 63 11.03 7.34 35.49
N GLU B 64 10.81 7.82 34.28
CA GLU B 64 10.37 6.96 33.17
C GLU B 64 8.87 6.64 33.24
N SER B 65 8.16 7.14 34.25
CA SER B 65 6.72 6.80 34.37
C SER B 65 6.02 7.42 33.18
N THR B 66 4.98 6.76 32.73
CA THR B 66 4.20 7.27 31.63
C THR B 66 2.83 7.70 32.18
N LEU B 67 2.53 8.96 32.00
CA LEU B 67 1.20 9.49 32.23
C LEU B 67 0.37 9.48 30.98
N HIS B 68 -0.95 9.31 31.12
CA HIS B 68 -1.82 9.36 29.89
C HIS B 68 -2.69 10.64 29.93
N LEU B 69 -2.68 11.37 28.85
CA LEU B 69 -3.52 12.55 28.68
C LEU B 69 -4.77 12.07 27.94
N VAL B 70 -5.91 12.06 28.59
CA VAL B 70 -7.12 11.48 28.05
C VAL B 70 -8.24 12.50 27.82
N LEU B 71 -9.31 12.06 27.18
CA LEU B 71 -10.43 12.91 26.70
C LEU B 71 -11.78 12.27 26.89
N ARG B 72 -12.82 13.09 26.91
CA ARG B 72 -14.19 12.57 26.83
C ARG B 72 -14.64 12.79 25.44
N LEU B 73 -15.35 11.82 24.94
CA LEU B 73 -15.81 11.88 23.62
C LEU B 73 -17.38 12.08 23.61
N ARG B 74 -17.91 12.64 22.53
N ARG B 74 -17.90 12.66 22.52
CA ARG B 74 -19.31 13.09 22.47
CA ARG B 74 -19.27 13.16 22.39
C ARG B 74 -20.20 12.22 21.57
C ARG B 74 -20.18 12.30 21.50
N GLY B 75 -19.63 11.30 20.80
CA GLY B 75 -20.43 10.46 19.92
C GLY B 75 -21.18 9.37 20.69
N GLY B 76 -22.21 8.79 20.08
CA GLY B 76 -22.98 7.76 20.75
C GLY B 76 -24.26 7.36 20.08
N ALA C 11 -12.76 -13.49 -8.50
CA ALA C 11 -13.13 -13.61 -7.06
C ALA C 11 -12.30 -12.71 -6.07
N GLY C 12 -11.29 -11.91 -6.52
CA GLY C 12 -10.23 -11.27 -5.58
C GLY C 12 -8.92 -12.06 -5.27
N GLU C 13 -8.71 -13.07 -6.14
CA GLU C 13 -7.57 -14.01 -6.17
C GLU C 13 -7.00 -13.92 -7.65
N ILE C 14 -5.72 -14.18 -7.89
CA ILE C 14 -5.18 -14.02 -9.27
C ILE C 14 -4.98 -15.40 -9.87
N ASP C 15 -5.39 -15.59 -11.11
CA ASP C 15 -5.20 -16.82 -11.77
C ASP C 15 -3.65 -17.03 -12.10
N GLU C 16 -2.93 -17.67 -11.19
CA GLU C 16 -1.52 -17.94 -11.40
C GLU C 16 -1.21 -18.65 -12.74
N SER C 17 -1.99 -19.65 -13.10
CA SER C 17 -1.71 -20.43 -14.26
C SER C 17 -1.78 -19.64 -15.52
N LEU C 18 -2.50 -18.52 -15.53
CA LEU C 18 -2.49 -17.66 -16.69
C LEU C 18 -1.52 -16.50 -16.59
N TYR C 19 -1.50 -15.86 -15.45
CA TYR C 19 -0.69 -14.66 -15.23
C TYR C 19 0.67 -14.84 -14.61
N SER C 20 1.15 -16.05 -14.46
CA SER C 20 2.39 -16.31 -13.76
C SER C 20 3.60 -15.46 -14.10
N ARG C 21 3.94 -15.33 -15.36
CA ARG C 21 5.05 -14.52 -15.76
C ARG C 21 4.85 -13.03 -15.52
N GLN C 22 3.65 -12.55 -15.77
CA GLN C 22 3.30 -11.15 -15.57
C GLN C 22 3.32 -10.80 -14.10
N LEU C 23 2.86 -11.73 -13.30
CA LEU C 23 2.79 -11.57 -11.89
C LEU C 23 4.17 -11.32 -11.33
N TYR C 24 5.18 -11.96 -11.89
CA TYR C 24 6.54 -11.75 -11.46
C TYR C 24 7.00 -10.35 -11.79
N VAL C 25 6.40 -9.70 -12.76
CA VAL C 25 6.79 -8.33 -13.07
C VAL C 25 6.02 -7.33 -12.17
N LEU C 26 4.70 -7.50 -12.07
CA LEU C 26 3.78 -6.46 -11.47
C LEU C 26 3.50 -6.71 -9.98
N GLY C 27 3.52 -7.97 -9.54
CA GLY C 27 3.18 -8.32 -8.15
C GLY C 27 1.65 -8.35 -7.95
N LYS C 28 1.22 -9.06 -6.95
CA LYS C 28 -0.13 -9.39 -6.64
C LYS C 28 -0.93 -8.11 -6.27
N GLU C 29 -0.33 -7.22 -5.47
CA GLU C 29 -1.11 -6.06 -5.04
CA GLU C 29 -0.97 -5.96 -5.01
C GLU C 29 -1.40 -5.18 -6.26
N ALA C 30 -0.43 -4.98 -7.15
CA ALA C 30 -0.69 -4.18 -8.31
C ALA C 30 -1.75 -4.82 -9.17
N MET C 31 -1.73 -6.13 -9.27
CA MET C 31 -2.71 -6.76 -10.13
C MET C 31 -4.11 -6.78 -9.52
N LEU C 32 -4.22 -6.92 -8.22
CA LEU C 32 -5.54 -6.76 -7.53
C LEU C 32 -6.10 -5.32 -7.83
N LYS C 33 -5.28 -4.23 -7.85
CA LYS C 33 -5.76 -2.88 -8.13
C LYS C 33 -6.17 -2.84 -9.57
N MET C 34 -5.35 -3.41 -10.44
CA MET C 34 -5.73 -3.47 -11.86
C MET C 34 -7.12 -4.06 -12.08
N GLN C 35 -7.42 -5.10 -11.36
CA GLN C 35 -8.66 -5.83 -11.43
C GLN C 35 -9.89 -5.14 -10.88
N THR C 36 -9.68 -3.98 -10.27
CA THR C 36 -10.72 -3.09 -9.92
C THR C 36 -10.81 -1.93 -10.89
N SER C 37 -10.00 -1.80 -11.90
CA SER C 37 -9.96 -0.60 -12.71
C SER C 37 -10.69 -0.77 -14.02
N ASN C 38 -11.61 0.15 -14.32
CA ASN C 38 -12.21 0.21 -15.61
C ASN C 38 -11.51 1.23 -16.50
N VAL C 39 -11.17 0.82 -17.73
CA VAL C 39 -10.41 1.63 -18.66
C VAL C 39 -11.23 1.87 -19.89
N LEU C 40 -11.06 3.06 -20.44
CA LEU C 40 -11.78 3.44 -21.60
C LEU C 40 -10.79 3.87 -22.63
N ILE C 41 -10.89 3.38 -23.84
CA ILE C 41 -10.05 3.83 -24.90
C ILE C 41 -10.89 4.47 -25.98
N LEU C 42 -10.46 5.64 -26.43
CA LEU C 42 -11.16 6.40 -27.44
C LEU C 42 -10.31 6.27 -28.65
N GLY C 43 -10.85 5.66 -29.67
CA GLY C 43 -10.15 5.51 -30.94
C GLY C 43 -9.56 4.10 -31.05
N LEU C 44 -9.85 3.44 -32.13
CA LEU C 44 -9.43 2.08 -32.32
C LEU C 44 -8.95 1.90 -33.82
N LYS C 45 -8.18 2.87 -34.25
CA LYS C 45 -7.18 2.63 -35.22
C LYS C 45 -6.05 1.77 -34.58
N GLY C 46 -5.05 1.55 -35.37
CA GLY C 46 -3.78 0.93 -34.91
C GLY C 46 -3.35 1.20 -33.51
N LEU C 47 -3.13 2.45 -33.19
CA LEU C 47 -2.66 2.82 -31.83
C LEU C 47 -3.61 2.35 -30.74
N GLY C 48 -4.89 2.63 -30.92
CA GLY C 48 -5.85 2.22 -29.91
C GLY C 48 -5.99 0.75 -29.70
N VAL C 49 -6.00 -0.01 -30.79
CA VAL C 49 -6.14 -1.46 -30.70
C VAL C 49 -4.91 -2.10 -30.11
N GLU C 50 -3.78 -1.46 -30.31
CA GLU C 50 -2.54 -1.89 -29.68
CA GLU C 50 -2.56 -1.92 -29.69
C GLU C 50 -2.55 -1.68 -28.19
N ILE C 51 -2.88 -0.47 -27.77
CA ILE C 51 -3.03 -0.18 -26.37
C ILE C 51 -3.99 -1.17 -25.79
N ALA C 52 -5.11 -1.38 -26.45
CA ALA C 52 -6.15 -2.12 -25.83
C ALA C 52 -5.75 -3.57 -25.68
N LYS C 53 -5.14 -4.12 -26.70
CA LYS C 53 -4.69 -5.53 -26.64
C LYS C 53 -3.76 -5.75 -25.44
N ASN C 54 -2.80 -4.86 -25.27
CA ASN C 54 -1.92 -5.01 -24.14
C ASN C 54 -2.61 -4.86 -22.82
N VAL C 55 -3.59 -3.92 -22.72
CA VAL C 55 -4.24 -3.69 -21.42
C VAL C 55 -5.13 -4.90 -21.14
N VAL C 56 -5.79 -5.43 -22.13
CA VAL C 56 -6.67 -6.50 -21.88
C VAL C 56 -5.85 -7.75 -21.42
N LEU C 57 -4.77 -8.08 -22.13
CA LEU C 57 -3.94 -9.22 -21.75
C LEU C 57 -3.52 -9.08 -20.27
N ALA C 58 -3.16 -7.86 -19.88
CA ALA C 58 -2.70 -7.59 -18.54
C ALA C 58 -3.70 -7.83 -17.48
N GLY C 59 -4.97 -7.60 -17.79
CA GLY C 59 -6.01 -7.98 -16.85
C GLY C 59 -6.57 -6.77 -16.05
N VAL C 60 -7.45 -6.00 -16.62
CA VAL C 60 -8.16 -4.98 -15.85
C VAL C 60 -9.58 -5.46 -15.63
N LYS C 61 -10.31 -4.75 -14.78
CA LYS C 61 -11.62 -5.13 -14.49
C LYS C 61 -12.53 -5.10 -15.72
N SER C 62 -12.40 -4.07 -16.56
CA SER C 62 -13.14 -4.02 -17.77
C SER C 62 -12.43 -3.10 -18.71
N MET C 63 -12.66 -3.32 -20.00
CA MET C 63 -12.16 -2.44 -21.02
C MET C 63 -13.37 -1.99 -21.84
N THR C 64 -13.40 -0.72 -22.24
CA THR C 64 -14.51 -0.18 -23.00
C THR C 64 -13.89 0.59 -24.06
N VAL C 65 -14.43 0.49 -25.27
CA VAL C 65 -13.79 1.15 -26.42
C VAL C 65 -14.78 2.04 -27.07
N PHE C 66 -14.34 3.17 -27.62
CA PHE C 66 -15.26 4.02 -28.28
C PHE C 66 -14.64 4.36 -29.61
N ASP C 67 -15.25 3.93 -30.72
CA ASP C 67 -14.88 4.40 -32.03
C ASP C 67 -16.04 4.15 -32.93
N PRO C 68 -16.94 5.16 -33.09
CA PRO C 68 -17.99 5.02 -34.09
C PRO C 68 -17.60 5.20 -35.54
N GLU C 69 -16.39 5.61 -35.86
CA GLU C 69 -16.00 5.81 -37.29
C GLU C 69 -16.11 4.52 -38.09
N PRO C 70 -16.56 4.64 -39.32
CA PRO C 70 -16.53 3.47 -40.17
C PRO C 70 -15.09 3.09 -40.66
N VAL C 71 -14.85 1.79 -40.71
CA VAL C 71 -13.63 1.17 -41.18
C VAL C 71 -13.49 1.51 -42.63
N GLN C 72 -12.36 2.12 -42.92
CA GLN C 72 -11.87 2.22 -44.27
C GLN C 72 -10.61 1.33 -44.53
N LEU C 73 -10.41 0.98 -45.80
CA LEU C 73 -9.28 0.20 -46.24
C LEU C 73 -7.97 0.64 -45.59
N ALA C 74 -7.72 1.94 -45.51
CA ALA C 74 -6.46 2.43 -45.05
C ALA C 74 -6.18 2.16 -43.59
N ASP C 75 -7.23 1.89 -42.85
CA ASP C 75 -7.09 1.69 -41.42
C ASP C 75 -6.32 0.43 -41.09
N LEU C 76 -6.31 -0.51 -42.02
CA LEU C 76 -5.70 -1.75 -41.83
C LEU C 76 -4.13 -1.66 -41.85
N SER C 77 -3.57 -0.49 -42.13
CA SER C 77 -2.16 -0.30 -42.05
C SER C 77 -1.63 -0.90 -40.81
N THR C 78 -2.23 -0.52 -39.68
CA THR C 78 -1.72 -1.02 -38.38
C THR C 78 -2.76 -1.67 -37.52
N GLN C 79 -4.02 -1.79 -37.99
CA GLN C 79 -5.09 -2.24 -37.12
C GLN C 79 -5.30 -3.69 -37.47
N PHE C 80 -4.63 -4.52 -36.72
CA PHE C 80 -4.47 -5.89 -37.06
C PHE C 80 -5.69 -6.73 -36.76
N PHE C 81 -6.67 -6.21 -36.04
CA PHE C 81 -7.93 -6.88 -35.93
C PHE C 81 -8.98 -6.41 -36.96
N LEU C 82 -8.70 -5.50 -37.87
CA LEU C 82 -9.62 -5.27 -38.99
C LEU C 82 -9.38 -6.17 -40.21
N THR C 83 -10.38 -6.34 -41.06
CA THR C 83 -10.28 -7.10 -42.27
C THR C 83 -11.04 -6.40 -43.36
N GLU C 84 -10.76 -6.68 -44.62
CA GLU C 84 -11.47 -5.98 -45.67
C GLU C 84 -12.99 -6.15 -45.51
N LYS C 85 -13.44 -7.25 -44.95
CA LYS C 85 -14.88 -7.49 -44.77
C LYS C 85 -15.64 -6.46 -43.87
N ASP C 86 -14.90 -5.89 -42.94
CA ASP C 86 -15.35 -4.94 -42.02
C ASP C 86 -15.51 -3.55 -42.62
N ILE C 87 -15.07 -3.28 -43.85
CA ILE C 87 -15.12 -1.91 -44.34
C ILE C 87 -16.58 -1.37 -44.32
N GLY C 88 -16.80 -0.16 -43.86
CA GLY C 88 -18.16 0.37 -43.81
C GLY C 88 -18.74 0.22 -42.41
N GLN C 89 -18.34 -0.76 -41.61
CA GLN C 89 -18.91 -0.91 -40.26
C GLN C 89 -18.10 -0.16 -39.25
N LYS C 90 -18.60 -0.04 -38.04
CA LYS C 90 -17.93 0.82 -37.02
C LYS C 90 -16.73 0.19 -36.40
N ARG C 91 -15.62 0.91 -36.26
CA ARG C 91 -14.34 0.26 -35.80
C ARG C 91 -14.50 -0.39 -34.45
N GLY C 92 -15.14 0.35 -33.55
CA GLY C 92 -15.39 -0.15 -32.19
C GLY C 92 -16.14 -1.46 -32.18
N ASP C 93 -17.23 -1.52 -32.94
CA ASP C 93 -18.09 -2.69 -32.90
C ASP C 93 -17.30 -3.98 -33.36
N VAL C 94 -16.61 -3.84 -34.45
CA VAL C 94 -15.97 -4.95 -35.15
C VAL C 94 -14.74 -5.46 -34.38
N THR C 95 -14.12 -4.58 -33.64
CA THR C 95 -12.91 -4.87 -32.90
C THR C 95 -13.24 -5.59 -31.60
N ARG C 96 -14.38 -5.30 -31.04
CA ARG C 96 -14.69 -5.63 -29.66
C ARG C 96 -14.57 -7.09 -29.37
N ALA C 97 -15.20 -7.91 -30.15
CA ALA C 97 -15.18 -9.33 -29.96
C ALA C 97 -13.75 -9.89 -30.08
N LYS C 98 -12.88 -9.31 -30.92
CA LYS C 98 -11.48 -9.79 -31.02
C LYS C 98 -10.69 -9.43 -29.84
N LEU C 99 -10.94 -8.24 -29.26
CA LEU C 99 -10.25 -7.90 -27.99
C LEU C 99 -10.74 -8.83 -26.89
N ALA C 100 -12.01 -9.20 -26.91
CA ALA C 100 -12.56 -10.05 -25.85
C ALA C 100 -11.92 -11.43 -25.78
N GLU C 101 -11.62 -12.01 -26.93
CA GLU C 101 -10.97 -13.30 -27.00
C GLU C 101 -9.52 -13.30 -26.40
N LEU C 102 -8.86 -12.19 -26.22
CA LEU C 102 -7.57 -12.18 -25.66
C LEU C 102 -7.53 -12.58 -24.22
N ASN C 103 -8.61 -12.32 -23.51
CA ASN C 103 -8.63 -12.51 -22.06
C ASN C 103 -10.08 -12.57 -21.53
N ALA C 104 -10.56 -13.80 -21.43
CA ALA C 104 -11.85 -14.11 -20.97
C ALA C 104 -12.18 -13.51 -19.59
N TYR C 105 -11.17 -13.18 -18.78
CA TYR C 105 -11.48 -12.53 -17.55
C TYR C 105 -11.83 -11.03 -17.68
N VAL C 106 -11.69 -10.42 -18.85
CA VAL C 106 -11.87 -9.00 -18.99
C VAL C 106 -13.03 -8.75 -19.93
N PRO C 107 -14.18 -8.28 -19.43
CA PRO C 107 -15.27 -7.85 -20.33
C PRO C 107 -14.80 -6.73 -21.23
N VAL C 108 -15.16 -6.75 -22.51
CA VAL C 108 -14.86 -5.67 -23.43
C VAL C 108 -16.18 -5.11 -23.91
N ASN C 109 -16.47 -3.87 -23.56
CA ASN C 109 -17.67 -3.27 -24.04
C ASN C 109 -17.41 -2.15 -25.02
N VAL C 110 -18.48 -1.83 -25.78
CA VAL C 110 -18.49 -0.70 -26.70
C VAL C 110 -19.28 0.45 -26.10
N LEU C 111 -18.73 1.63 -26.17
CA LEU C 111 -19.47 2.82 -25.79
C LEU C 111 -20.03 3.41 -27.07
N ASP C 112 -21.35 3.48 -27.22
CA ASP C 112 -22.01 3.98 -28.46
C ASP C 112 -21.76 5.47 -28.73
N SER C 113 -21.61 6.25 -27.67
CA SER C 113 -21.61 7.70 -27.81
C SER C 113 -20.88 8.42 -26.74
N LEU C 114 -20.19 9.48 -27.07
CA LEU C 114 -19.58 10.31 -26.06
C LEU C 114 -20.16 11.73 -25.97
N ASP C 115 -21.33 11.92 -26.55
CA ASP C 115 -22.01 13.22 -26.53
C ASP C 115 -22.13 13.80 -25.08
N ASP C 116 -22.52 12.92 -24.16
CA ASP C 116 -22.52 13.12 -22.71
C ASP C 116 -21.17 12.83 -22.05
N VAL C 117 -20.28 13.82 -21.86
CA VAL C 117 -19.05 13.61 -21.15
C VAL C 117 -19.11 12.98 -19.74
N THR C 118 -20.17 13.25 -19.06
CA THR C 118 -20.54 12.67 -17.77
C THR C 118 -20.38 11.12 -17.70
N GLN C 119 -20.54 10.42 -18.81
CA GLN C 119 -20.25 9.00 -18.92
C GLN C 119 -18.88 8.62 -18.45
N LEU C 120 -17.92 9.50 -18.67
CA LEU C 120 -16.55 9.30 -18.25
C LEU C 120 -16.34 8.87 -16.79
N SER C 121 -17.26 9.20 -15.92
CA SER C 121 -17.12 8.93 -14.51
C SER C 121 -17.15 7.53 -14.17
N GLN C 122 -17.75 6.71 -15.00
CA GLN C 122 -17.73 5.27 -14.82
C GLN C 122 -16.27 4.70 -14.88
N PHE C 123 -15.25 5.44 -15.29
CA PHE C 123 -13.92 4.90 -15.63
C PHE C 123 -12.87 5.44 -14.71
N GLN C 124 -11.83 4.66 -14.46
CA GLN C 124 -10.73 5.10 -13.64
C GLN C 124 -9.61 5.65 -14.53
N VAL C 125 -9.52 5.25 -15.80
CA VAL C 125 -8.44 5.68 -16.68
C VAL C 125 -9.06 5.85 -18.04
N VAL C 126 -8.78 6.97 -18.68
CA VAL C 126 -9.33 7.26 -19.97
C VAL C 126 -8.15 7.52 -20.87
N VAL C 127 -8.12 6.93 -22.04
CA VAL C 127 -7.05 7.12 -22.90
C VAL C 127 -7.59 7.63 -24.20
N ALA C 128 -7.01 8.69 -24.74
CA ALA C 128 -7.47 9.29 -25.98
C ALA C 128 -6.41 9.19 -27.03
N THR C 129 -6.70 8.55 -28.15
CA THR C 129 -5.75 8.29 -29.20
C THR C 129 -5.90 9.29 -30.33
N ASP C 130 -5.45 8.93 -31.52
CA ASP C 130 -5.14 9.93 -32.57
C ASP C 130 -6.46 10.37 -33.26
N THR C 131 -7.57 9.70 -32.94
CA THR C 131 -8.87 9.96 -33.52
C THR C 131 -9.63 11.08 -32.81
N VAL C 132 -9.13 11.55 -31.67
CA VAL C 132 -9.76 12.57 -30.88
C VAL C 132 -9.07 13.86 -31.15
N SER C 133 -9.82 14.90 -31.50
CA SER C 133 -9.25 16.21 -31.79
C SER C 133 -8.59 16.77 -30.59
N LEU C 134 -7.64 17.69 -30.76
CA LEU C 134 -7.03 18.30 -29.59
C LEU C 134 -8.03 19.04 -28.68
N GLU C 135 -8.94 19.75 -29.29
CA GLU C 135 -9.99 20.46 -28.58
C GLU C 135 -10.78 19.48 -27.66
N ASP C 136 -11.14 18.33 -28.18
CA ASP C 136 -11.84 17.35 -27.38
C ASP C 136 -10.94 16.71 -26.37
N LYS C 137 -9.66 16.63 -26.62
CA LYS C 137 -8.78 16.14 -25.63
C LYS C 137 -8.67 17.06 -24.43
N VAL C 138 -8.63 18.34 -24.68
CA VAL C 138 -8.59 19.28 -23.62
C VAL C 138 -9.88 19.26 -22.73
N LYS C 139 -11.04 19.20 -23.36
CA LYS C 139 -12.30 19.11 -22.63
C LYS C 139 -12.37 17.87 -21.78
N ILE C 140 -11.97 16.76 -22.36
CA ILE C 140 -12.03 15.49 -21.71
C ILE C 140 -11.00 15.43 -20.56
N ASN C 141 -9.80 15.87 -20.83
CA ASN C 141 -8.83 15.94 -19.78
C ASN C 141 -9.29 16.84 -18.67
N GLU C 142 -9.87 17.93 -19.00
CA GLU C 142 -10.35 18.81 -17.93
C GLU C 142 -11.40 18.07 -17.08
N PHE C 143 -12.31 17.38 -17.75
CA PHE C 143 -13.29 16.67 -17.02
C PHE C 143 -12.63 15.60 -16.11
N CYS C 144 -11.67 14.87 -16.64
CA CYS C 144 -11.01 13.87 -15.93
C CYS C 144 -10.22 14.42 -14.77
N HIS C 145 -9.38 15.37 -15.07
CA HIS C 145 -8.56 15.95 -14.06
C HIS C 145 -9.39 16.54 -12.96
N SER C 146 -10.46 17.29 -13.27
CA SER C 146 -11.16 17.97 -12.23
C SER C 146 -11.94 16.91 -11.49
N SER C 147 -12.11 15.72 -12.06
CA SER C 147 -12.90 14.78 -11.32
C SER C 147 -12.18 13.47 -10.77
N GLY C 148 -10.87 13.46 -10.69
CA GLY C 148 -10.11 12.31 -10.18
C GLY C 148 -9.89 11.16 -11.15
N ILE C 149 -10.11 11.38 -12.45
CA ILE C 149 -10.01 10.34 -13.47
C ILE C 149 -8.68 10.52 -14.17
N ARG C 150 -7.95 9.40 -14.33
CA ARG C 150 -6.55 9.47 -14.80
C ARG C 150 -6.70 9.51 -16.26
N PHE C 151 -5.91 10.32 -16.91
CA PHE C 151 -6.05 10.58 -18.32
C PHE C 151 -4.75 10.35 -19.04
N ILE C 152 -4.81 9.71 -20.22
CA ILE C 152 -3.65 9.59 -21.03
C ILE C 152 -3.97 9.84 -22.46
N SER C 153 -3.11 10.56 -23.19
CA SER C 153 -3.27 10.58 -24.62
C SER C 153 -2.03 10.18 -25.41
N SER C 154 -2.24 9.79 -26.65
CA SER C 154 -1.16 9.45 -27.54
C SER C 154 -1.56 9.68 -28.98
N GLU C 155 -0.60 10.06 -29.77
CA GLU C 155 -0.79 10.15 -31.25
C GLU C 155 0.47 9.62 -31.96
N THR C 156 0.28 9.07 -33.15
CA THR C 156 1.37 8.72 -34.09
C THR C 156 1.07 9.37 -35.41
N ARG C 157 2.11 9.93 -36.01
CA ARG C 157 2.05 10.42 -37.35
C ARG C 157 3.28 10.05 -38.14
N GLY C 158 3.13 9.06 -38.98
CA GLY C 158 4.29 8.50 -39.76
C GLY C 158 5.35 8.04 -38.78
N LEU C 159 6.56 8.56 -38.96
CA LEU C 159 7.63 8.18 -38.06
C LEU C 159 7.68 8.98 -36.81
N PHE C 160 6.61 9.71 -36.44
CA PHE C 160 6.67 10.60 -35.25
C PHE C 160 5.61 10.12 -34.33
N GLY C 161 5.72 10.38 -33.05
CA GLY C 161 4.68 10.06 -32.13
C GLY C 161 4.84 10.78 -30.80
N ASN C 162 3.79 10.78 -29.97
CA ASN C 162 3.89 11.29 -28.61
C ASN C 162 2.92 10.66 -27.67
N THR C 163 3.16 10.95 -26.40
CA THR C 163 2.24 10.58 -25.38
C THR C 163 2.24 11.62 -24.32
N PHE C 164 1.09 11.76 -23.68
CA PHE C 164 0.86 12.69 -22.55
C PHE C 164 0.17 11.96 -21.42
N VAL C 165 0.66 12.14 -20.23
CA VAL C 165 0.12 11.47 -19.05
C VAL C 165 -0.30 12.54 -18.04
N ASP C 166 -1.53 12.41 -17.51
CA ASP C 166 -2.00 13.29 -16.40
C ASP C 166 -2.77 12.42 -15.40
N LEU C 167 -2.14 12.01 -14.34
CA LEU C 167 -2.83 11.28 -13.32
C LEU C 167 -3.47 12.12 -12.22
N GLY C 168 -3.66 13.41 -12.44
CA GLY C 168 -4.37 14.21 -11.49
C GLY C 168 -3.48 14.86 -10.49
N ASP C 169 -4.13 15.61 -9.61
CA ASP C 169 -3.53 16.38 -8.54
C ASP C 169 -2.93 15.54 -7.49
N GLU C 170 -3.45 14.39 -7.14
CA GLU C 170 -2.75 13.53 -6.21
C GLU C 170 -2.72 12.10 -6.74
N PHE C 171 -1.50 11.57 -6.89
CA PHE C 171 -1.28 10.23 -7.34
C PHE C 171 -0.18 9.60 -6.48
N THR C 172 -0.45 8.47 -5.88
CA THR C 172 0.53 7.85 -5.03
C THR C 172 1.33 6.73 -5.81
N VAL C 173 2.64 6.85 -5.95
CA VAL C 173 3.49 5.75 -6.48
C VAL C 173 3.90 4.88 -5.30
N LEU C 174 3.54 3.61 -5.33
CA LEU C 174 3.81 2.71 -4.20
C LEU C 174 5.22 2.04 -4.30
N ASP C 175 5.81 2.07 -5.49
CA ASP C 175 7.05 1.37 -5.80
C ASP C 175 7.54 1.99 -7.05
N PRO C 176 8.60 2.74 -7.00
CA PRO C 176 9.05 3.40 -8.21
C PRO C 176 9.73 2.59 -9.29
N THR C 177 10.23 1.41 -8.96
CA THR C 177 11.10 0.66 -10.00
C THR C 177 10.76 -0.76 -10.21
N GLY C 178 10.13 -1.36 -9.24
CA GLY C 178 9.88 -2.78 -9.35
C GLY C 178 11.05 -3.70 -9.05
N GLU C 179 12.20 -3.15 -8.63
CA GLU C 179 13.39 -3.98 -8.27
C GLU C 179 13.24 -4.58 -6.90
N GLU C 180 13.88 -5.72 -6.68
CA GLU C 180 14.03 -6.32 -5.35
C GLU C 180 14.64 -5.36 -4.37
N PRO C 181 14.03 -5.18 -3.19
CA PRO C 181 14.65 -4.35 -2.15
C PRO C 181 16.06 -4.87 -1.86
N ARG C 182 17.02 -3.96 -1.82
CA ARG C 182 18.41 -4.32 -1.41
C ARG C 182 18.39 -4.89 0.02
N THR C 183 19.22 -5.85 0.29
CA THR C 183 19.34 -6.36 1.66
C THR C 183 20.77 -6.69 1.84
N GLY C 184 21.19 -6.82 3.07
CA GLY C 184 22.55 -7.17 3.33
C GLY C 184 22.85 -7.40 4.80
N MET C 185 23.99 -8.08 5.03
CA MET C 185 24.49 -8.33 6.35
C MET C 185 25.42 -7.25 6.83
N VAL C 186 25.33 -6.99 8.12
CA VAL C 186 25.98 -5.93 8.77
C VAL C 186 27.07 -6.56 9.68
N SER C 187 28.24 -5.92 9.75
CA SER C 187 29.25 -6.32 10.75
C SER C 187 29.46 -5.27 11.78
N ASP C 188 29.13 -4.02 11.53
CA ASP C 188 29.24 -3.04 12.60
C ASP C 188 28.31 -1.83 12.45
N ILE C 189 27.85 -1.27 13.56
CA ILE C 189 27.13 0.00 13.53
C ILE C 189 27.71 0.86 14.60
N GLU C 190 28.35 1.93 14.19
CA GLU C 190 29.02 2.79 15.14
C GLU C 190 28.02 3.72 15.79
N PRO C 191 28.36 4.28 16.93
CA PRO C 191 27.42 5.27 17.51
C PRO C 191 26.84 6.44 16.58
N ASP C 192 27.62 6.96 15.64
CA ASP C 192 27.16 8.03 14.74
C ASP C 192 26.32 7.45 13.58
N GLY C 193 26.08 6.14 13.61
CA GLY C 193 25.19 5.48 12.67
C GLY C 193 25.87 4.96 11.42
N THR C 194 27.20 4.79 11.46
CA THR C 194 27.97 4.33 10.31
C THR C 194 27.78 2.80 10.37
N VAL C 195 27.12 2.30 9.35
CA VAL C 195 26.87 0.90 9.17
C VAL C 195 27.91 0.34 8.22
N THR C 196 28.68 -0.63 8.67
CA THR C 196 29.65 -1.28 7.82
C THR C 196 29.11 -2.63 7.44
N MET C 197 29.26 -2.97 6.17
CA MET C 197 28.83 -4.26 5.67
C MET C 197 29.83 -5.33 6.03
N LEU C 198 29.27 -6.54 6.14
CA LEU C 198 30.03 -7.73 6.35
C LEU C 198 30.95 -7.88 5.21
N ASP C 199 32.24 -8.04 5.50
CA ASP C 199 33.14 -8.39 4.44
C ASP C 199 32.97 -7.47 3.23
N ASP C 200 33.01 -8.01 2.02
CA ASP C 200 33.04 -7.17 0.80
C ASP C 200 31.66 -7.21 0.12
N ASN C 201 30.62 -7.13 0.93
CA ASN C 201 29.31 -7.24 0.40
C ASN C 201 28.99 -5.78 0.15
N ARG C 202 28.49 -5.48 -1.03
CA ARG C 202 28.05 -4.12 -1.34
C ARG C 202 26.64 -3.93 -0.90
N HIS C 203 26.36 -2.79 -0.29
CA HIS C 203 25.02 -2.57 0.14
C HIS C 203 24.13 -2.26 -1.02
N GLY C 204 24.67 -1.56 -2.00
CA GLY C 204 23.96 -1.29 -3.22
C GLY C 204 22.89 -0.20 -3.13
N LEU C 205 22.83 0.52 -2.00
CA LEU C 205 21.91 1.60 -1.80
C LEU C 205 22.42 2.89 -2.42
N GLU C 206 21.57 3.88 -2.33
CA GLU C 206 21.69 5.18 -2.90
C GLU C 206 21.20 6.17 -1.80
N ASP C 207 21.78 7.34 -1.76
CA ASP C 207 21.33 8.40 -0.88
C ASP C 207 19.83 8.60 -0.91
N GLY C 208 19.21 8.70 0.25
CA GLY C 208 17.78 8.87 0.32
C GLY C 208 16.99 7.59 0.36
N ASN C 209 17.56 6.41 -0.01
CA ASN C 209 16.84 5.14 0.21
C ASN C 209 16.57 5.05 1.71
N PHE C 210 15.57 4.25 2.07
CA PHE C 210 15.28 4.01 3.48
C PHE C 210 15.57 2.52 3.77
N VAL C 211 15.93 2.19 5.03
CA VAL C 211 16.07 0.78 5.42
C VAL C 211 15.45 0.49 6.70
N ARG C 212 15.07 -0.76 6.92
CA ARG C 212 14.75 -1.26 8.26
C ARG C 212 15.77 -2.31 8.66
N PHE C 213 15.80 -2.71 9.93
CA PHE C 213 16.79 -3.65 10.43
C PHE C 213 16.16 -4.78 11.14
N SER C 214 16.85 -5.92 11.13
CA SER C 214 16.62 -7.04 12.06
C SER C 214 17.92 -7.53 12.66
N GLU C 215 17.83 -8.24 13.77
CA GLU C 215 18.97 -9.06 14.30
C GLU C 215 20.16 -8.28 14.75
N VAL C 216 20.03 -6.95 14.78
CA VAL C 216 21.06 -6.13 15.31
C VAL C 216 21.03 -6.28 16.86
N GLU C 217 22.00 -7.01 17.43
CA GLU C 217 22.04 -7.19 18.88
C GLU C 217 22.71 -6.01 19.53
N GLY C 218 22.13 -5.56 20.64
CA GLY C 218 22.54 -4.35 21.35
C GLY C 218 21.84 -3.02 21.02
N LEU C 219 21.08 -2.98 19.92
CA LEU C 219 20.37 -1.75 19.54
C LEU C 219 18.88 -1.99 19.44
N ASP C 220 18.33 -2.69 20.41
CA ASP C 220 17.06 -3.41 20.30
C ASP C 220 15.94 -2.73 19.46
N LYS C 221 15.69 -1.45 19.70
CA LYS C 221 14.55 -0.80 19.04
C LYS C 221 14.82 -0.43 17.58
N LEU C 222 16.07 -0.38 17.20
CA LEU C 222 16.42 -0.35 15.77
C LEU C 222 15.87 -1.49 14.89
N ASN C 223 15.49 -2.59 15.50
CA ASN C 223 14.84 -3.71 14.80
C ASN C 223 13.32 -3.68 14.74
N ASP C 224 12.70 -2.64 15.31
CA ASP C 224 11.22 -2.64 15.48
C ASP C 224 10.41 -2.23 14.22
N GLY C 225 11.10 -1.94 13.15
CA GLY C 225 10.49 -1.73 11.86
C GLY C 225 10.63 -0.27 11.50
N THR C 226 11.23 0.52 12.40
CA THR C 226 11.55 1.89 12.09
C THR C 226 12.36 2.00 10.83
N LEU C 227 12.08 3.01 10.02
CA LEU C 227 12.85 3.32 8.86
C LEU C 227 13.89 4.34 9.12
N PHE C 228 15.04 4.12 8.49
CA PHE C 228 16.18 5.01 8.57
C PHE C 228 16.55 5.39 7.19
N LYS C 229 16.95 6.62 7.07
CA LYS C 229 17.30 7.21 5.83
C LYS C 229 18.78 6.98 5.66
N VAL C 230 19.16 6.60 4.47
CA VAL C 230 20.53 6.22 4.11
C VAL C 230 21.32 7.39 3.56
N GLU C 231 22.46 7.64 4.16
CA GLU C 231 23.54 8.43 3.57
C GLU C 231 24.71 7.45 3.16
N VAL C 232 24.99 7.38 1.87
CA VAL C 232 26.02 6.48 1.35
C VAL C 232 27.36 7.01 1.59
N LEU C 233 28.23 6.25 2.25
CA LEU C 233 29.59 6.66 2.51
C LEU C 233 30.52 6.16 1.45
N GLY C 234 30.48 4.89 1.14
CA GLY C 234 31.02 4.43 -0.14
C GLY C 234 30.31 3.16 -0.44
N PRO C 235 30.84 2.33 -1.34
CA PRO C 235 30.28 1.02 -1.66
C PRO C 235 30.08 0.01 -0.50
N PHE C 236 30.86 0.10 0.58
CA PHE C 236 30.73 -0.83 1.69
C PHE C 236 30.22 -0.29 3.01
N ALA C 237 29.78 0.96 3.03
CA ALA C 237 29.29 1.57 4.27
C ALA C 237 28.20 2.60 3.97
N PHE C 238 27.23 2.70 4.84
CA PHE C 238 26.28 3.79 4.77
C PHE C 238 25.99 4.27 6.17
N ARG C 239 25.34 5.41 6.28
CA ARG C 239 25.11 6.04 7.60
C ARG C 239 23.64 6.38 7.81
N ILE C 240 23.14 6.16 9.03
CA ILE C 240 21.73 6.22 9.34
C ILE C 240 21.38 7.26 10.39
N GLY C 241 22.33 8.10 10.77
CA GLY C 241 22.13 9.07 11.85
C GLY C 241 22.51 8.44 13.17
N SER C 242 22.73 9.30 14.15
CA SER C 242 23.10 8.80 15.46
C SER C 242 22.21 7.64 15.94
N VAL C 243 22.82 6.56 16.37
CA VAL C 243 22.08 5.55 17.09
C VAL C 243 22.47 5.42 18.55
N LYS C 244 23.24 6.35 19.18
CA LYS C 244 23.61 6.12 20.60
C LYS C 244 22.41 6.14 21.57
N GLU C 245 21.36 6.89 21.27
CA GLU C 245 20.07 6.77 21.99
C GLU C 245 19.50 5.29 22.07
N TYR C 246 19.71 4.48 21.03
CA TYR C 246 19.21 3.08 20.94
C TYR C 246 20.02 2.00 21.72
N GLY C 247 21.23 2.28 22.13
CA GLY C 247 22.07 1.30 22.87
C GLY C 247 23.50 1.26 22.34
N GLU C 248 24.12 0.08 22.35
CA GLU C 248 25.49 -0.07 21.87
C GLU C 248 25.61 -1.33 21.01
N TYR C 249 26.03 -1.22 19.74
CA TYR C 249 26.15 -2.39 18.85
C TYR C 249 27.01 -3.46 19.42
N LYS C 250 26.50 -4.69 19.38
CA LYS C 250 27.26 -5.87 19.78
C LYS C 250 27.65 -6.71 18.58
N LYS C 251 26.67 -7.25 17.86
CA LYS C 251 26.96 -8.14 16.71
C LYS C 251 25.69 -8.39 15.89
N GLY C 252 25.86 -9.02 14.74
CA GLY C 252 24.78 -9.44 13.89
C GLY C 252 24.20 -8.28 13.09
N GLY C 253 23.15 -8.58 12.35
CA GLY C 253 22.36 -7.56 11.72
C GLY C 253 22.04 -7.70 10.25
N ILE C 254 20.78 -7.45 9.86
CA ILE C 254 20.40 -7.44 8.47
C ILE C 254 19.58 -6.20 8.14
N PHE C 255 20.00 -5.46 7.13
CA PHE C 255 19.22 -4.35 6.72
C PHE C 255 18.36 -4.80 5.54
N THR C 256 17.19 -4.21 5.40
CA THR C 256 16.33 -4.45 4.26
C THR C 256 15.81 -3.08 3.82
N GLU C 257 16.04 -2.75 2.58
CA GLU C 257 15.50 -1.53 1.94
C GLU C 257 14.00 -1.49 1.94
N VAL C 258 13.44 -0.33 2.23
CA VAL C 258 11.96 -0.20 2.16
C VAL C 258 11.66 0.90 1.18
N LYS C 259 10.83 0.62 0.20
CA LYS C 259 10.32 1.68 -0.74
C LYS C 259 9.16 2.38 -0.07
N VAL C 260 9.29 3.69 0.09
CA VAL C 260 8.25 4.45 0.76
C VAL C 260 7.30 4.93 -0.32
N PRO C 261 6.06 5.19 -0.01
CA PRO C 261 5.16 5.84 -0.97
C PRO C 261 5.57 7.25 -1.32
N ARG C 262 5.32 7.67 -2.54
CA ARG C 262 5.57 9.03 -2.96
CA ARG C 262 5.62 9.05 -3.02
C ARG C 262 4.32 9.66 -3.57
N LYS C 263 3.91 10.79 -3.05
CA LYS C 263 2.77 11.54 -3.68
C LYS C 263 3.33 12.40 -4.76
N ILE C 264 2.70 12.36 -5.91
CA ILE C 264 3.02 13.26 -7.00
C ILE C 264 1.81 13.97 -7.60
N SER C 265 2.08 15.10 -8.25
CA SER C 265 1.17 15.94 -8.87
C SER C 265 1.38 16.18 -10.33
N PHE C 266 0.32 16.03 -11.10
CA PHE C 266 0.32 16.24 -12.49
C PHE C 266 -0.47 17.54 -12.81
N LYS C 267 -0.16 18.20 -13.92
CA LYS C 267 -0.96 19.26 -14.43
C LYS C 267 -1.74 18.82 -15.61
N SER C 268 -2.73 19.62 -15.97
CA SER C 268 -3.67 19.28 -16.99
C SER C 268 -3.07 19.45 -18.37
N LEU C 269 -3.72 18.90 -19.39
CA LEU C 269 -3.26 19.04 -20.70
C LEU C 269 -3.17 20.50 -21.07
N LYS C 270 -4.17 21.34 -20.71
CA LYS C 270 -4.13 22.72 -21.12
C LYS C 270 -2.89 23.38 -20.52
N GLN C 271 -2.63 23.16 -19.24
CA GLN C 271 -1.41 23.73 -18.65
C GLN C 271 -0.11 23.24 -19.30
N GLN C 272 -0.04 21.98 -19.64
CA GLN C 272 1.19 21.41 -20.18
C GLN C 272 1.39 21.75 -21.67
N LEU C 273 0.30 22.02 -22.44
CA LEU C 273 0.46 22.54 -23.79
C LEU C 273 1.30 23.76 -23.76
N SER C 274 1.07 24.62 -22.78
CA SER C 274 1.79 25.85 -22.79
C SER C 274 3.11 25.76 -22.00
N ASN C 275 3.19 24.91 -21.00
CA ASN C 275 4.41 24.76 -20.20
C ASN C 275 4.73 23.26 -19.94
N PRO C 276 5.17 22.56 -20.97
CA PRO C 276 5.35 21.10 -20.87
C PRO C 276 6.54 20.61 -20.01
N GLU C 277 6.37 19.46 -19.34
CA GLU C 277 7.45 18.71 -18.74
C GLU C 277 7.71 17.46 -19.54
N PHE C 278 8.90 17.39 -20.11
CA PHE C 278 9.24 16.35 -21.04
C PHE C 278 10.02 15.24 -20.36
N VAL C 279 9.80 14.05 -20.84
CA VAL C 279 10.73 12.92 -20.71
C VAL C 279 11.24 12.63 -22.12
N PHE C 280 12.54 12.49 -22.30
CA PHE C 280 13.11 12.26 -23.62
C PHE C 280 13.08 10.82 -23.99
N SER C 281 12.90 10.59 -25.29
CA SER C 281 12.84 9.25 -25.85
C SER C 281 14.20 8.87 -26.35
N ASP C 282 15.07 9.83 -26.51
CA ASP C 282 16.36 9.66 -27.12
C ASP C 282 17.18 10.90 -26.87
N PHE C 283 18.19 10.81 -25.99
CA PHE C 283 18.89 11.99 -25.59
C PHE C 283 19.68 12.63 -26.75
N ALA C 284 20.08 11.86 -27.77
CA ALA C 284 20.74 12.49 -28.95
C ALA C 284 19.82 13.46 -29.66
N LYS C 285 18.50 13.35 -29.44
CA LYS C 285 17.50 14.17 -30.05
C LYS C 285 16.73 15.06 -29.01
N PHE C 286 17.34 15.49 -27.90
CA PHE C 286 16.57 16.17 -26.88
C PHE C 286 16.03 17.56 -27.37
N ASP C 287 16.79 18.23 -28.23
CA ASP C 287 16.51 19.52 -28.80
C ASP C 287 15.23 19.44 -29.63
N ARG C 288 14.91 18.24 -30.13
CA ARG C 288 13.73 18.06 -30.92
C ARG C 288 12.42 18.02 -30.10
N ALA C 289 12.48 17.76 -28.80
CA ALA C 289 11.27 17.56 -28.04
C ALA C 289 10.46 18.85 -28.00
N ALA C 290 11.11 19.98 -27.82
CA ALA C 290 10.37 21.22 -27.87
C ALA C 290 9.82 21.47 -29.30
N GLN C 291 10.52 21.02 -30.35
CA GLN C 291 10.14 21.42 -31.73
C GLN C 291 8.88 20.65 -32.08
N LEU C 292 8.91 19.40 -31.73
CA LEU C 292 7.78 18.55 -31.98
C LEU C 292 6.57 18.90 -31.09
N HIS C 293 6.81 19.37 -29.90
CA HIS C 293 5.73 19.76 -29.03
C HIS C 293 4.96 20.90 -29.76
N LEU C 294 5.68 21.89 -30.30
CA LEU C 294 5.15 22.88 -31.17
C LEU C 294 4.51 22.26 -32.41
N GLY C 295 5.22 21.36 -33.04
CA GLY C 295 4.75 20.80 -34.32
C GLY C 295 3.47 20.04 -34.25
N PHE C 296 3.28 19.28 -33.20
CA PHE C 296 2.04 18.48 -33.02
C PHE C 296 0.89 19.46 -32.68
N GLN C 297 1.17 20.55 -31.97
CA GLN C 297 0.12 21.59 -31.75
C GLN C 297 -0.25 22.20 -33.07
N ALA C 298 0.76 22.39 -33.92
CA ALA C 298 0.50 23.02 -35.21
C ALA C 298 -0.29 22.10 -36.16
N LEU C 299 -0.06 20.78 -36.11
CA LEU C 299 -0.95 19.85 -36.87
C LEU C 299 -2.43 20.04 -36.54
N HIS C 300 -2.71 20.19 -35.26
CA HIS C 300 -4.03 20.43 -34.79
C HIS C 300 -4.59 21.78 -35.18
N GLN C 301 -3.80 22.84 -35.13
CA GLN C 301 -4.24 24.09 -35.72
C GLN C 301 -4.46 23.96 -37.22
N PHE C 302 -3.57 23.25 -37.92
CA PHE C 302 -3.75 23.03 -39.31
C PHE C 302 -5.16 22.40 -39.53
N ALA C 303 -5.45 21.33 -38.80
CA ALA C 303 -6.75 20.64 -38.98
C ALA C 303 -7.94 21.57 -38.72
N VAL C 304 -7.88 22.43 -37.71
CA VAL C 304 -8.93 23.42 -37.48
C VAL C 304 -9.16 24.35 -38.68
N ARG C 305 -8.08 24.85 -39.26
CA ARG C 305 -8.14 25.66 -40.47
C ARG C 305 -8.55 24.89 -41.74
N HIS C 306 -8.53 23.56 -41.75
CA HIS C 306 -8.87 22.80 -42.95
C HIS C 306 -9.92 21.72 -42.74
N ASN C 307 -10.93 22.00 -41.93
CA ASN C 307 -12.10 21.13 -41.83
C ASN C 307 -11.78 19.72 -41.32
N GLY C 308 -10.94 19.66 -40.31
CA GLY C 308 -10.60 18.39 -39.69
C GLY C 308 -9.46 17.64 -40.37
N GLU C 309 -8.95 18.12 -41.52
CA GLU C 309 -8.03 17.37 -42.31
C GLU C 309 -6.55 17.67 -41.96
N LEU C 310 -5.75 16.62 -41.98
CA LEU C 310 -4.29 16.76 -41.85
C LEU C 310 -3.62 17.26 -43.13
N PRO C 311 -2.37 17.71 -43.03
CA PRO C 311 -1.62 18.05 -44.23
C PRO C 311 -1.61 16.93 -45.21
N ARG C 312 -1.58 17.25 -46.48
CA ARG C 312 -1.46 16.27 -47.53
C ARG C 312 -0.09 15.69 -47.56
N THR C 313 -0.08 14.39 -47.86
CA THR C 313 1.09 13.52 -48.02
C THR C 313 2.05 14.13 -49.02
N MET C 314 3.29 14.30 -48.55
CA MET C 314 4.44 14.89 -49.31
C MET C 314 4.13 16.24 -49.94
N ASN C 315 3.16 16.95 -49.37
CA ASN C 315 2.75 18.21 -50.02
C ASN C 315 3.46 19.44 -49.48
N ASP C 316 4.16 20.13 -50.37
CA ASP C 316 4.95 21.31 -50.00
C ASP C 316 4.16 22.48 -49.47
N GLU C 317 3.03 22.80 -50.10
CA GLU C 317 2.22 23.98 -49.73
C GLU C 317 1.80 23.85 -48.27
N ASP C 318 1.24 22.69 -47.96
CA ASP C 318 0.83 22.37 -46.60
C ASP C 318 2.02 22.36 -45.64
N ALA C 319 3.18 21.84 -46.05
CA ALA C 319 4.34 21.85 -45.17
C ALA C 319 4.80 23.24 -44.79
N ASN C 320 4.85 24.12 -45.75
CA ASN C 320 5.10 25.53 -45.47
C ASN C 320 4.06 26.22 -44.58
N GLU C 321 2.80 25.81 -44.71
CA GLU C 321 1.78 26.25 -43.78
C GLU C 321 2.07 25.73 -42.40
N LEU C 322 2.48 24.47 -42.27
CA LEU C 322 2.80 23.94 -40.96
C LEU C 322 3.98 24.67 -40.37
N ILE C 323 4.95 24.98 -41.18
CA ILE C 323 6.15 25.71 -40.73
C ILE C 323 5.75 27.11 -40.29
N LYS C 324 4.86 27.80 -41.03
CA LYS C 324 4.40 29.14 -40.63
C LYS C 324 3.72 29.02 -39.31
N LEU C 325 2.91 27.97 -39.13
CA LEU C 325 2.17 27.79 -37.87
C LEU C 325 3.08 27.54 -36.68
N VAL C 326 4.18 26.78 -36.89
CA VAL C 326 5.15 26.56 -35.84
C VAL C 326 5.92 27.81 -35.55
N THR C 327 6.34 28.51 -36.58
CA THR C 327 7.07 29.74 -36.44
C THR C 327 6.19 30.71 -35.67
N ASP C 328 4.88 30.80 -35.98
CA ASP C 328 3.99 31.74 -35.23
C ASP C 328 3.89 31.34 -33.76
N LEU C 329 3.89 30.04 -33.45
CA LEU C 329 3.92 29.62 -32.06
C LEU C 329 5.22 29.99 -31.35
N SER C 330 6.37 29.97 -32.02
CA SER C 330 7.66 30.29 -31.35
C SER C 330 7.83 31.78 -31.07
N VAL C 331 7.23 32.58 -31.93
CA VAL C 331 7.20 34.03 -31.78
C VAL C 331 6.31 34.38 -30.63
N GLN C 332 5.13 33.76 -30.58
CA GLN C 332 4.18 33.93 -29.46
C GLN C 332 4.75 33.46 -28.13
N GLN C 333 5.55 32.40 -28.15
CA GLN C 333 6.13 31.81 -26.95
C GLN C 333 7.65 31.59 -27.17
N PRO C 334 8.47 32.62 -26.99
CA PRO C 334 9.91 32.42 -27.20
C PRO C 334 10.62 31.47 -26.19
N GLU C 335 10.10 31.31 -24.96
CA GLU C 335 10.64 30.38 -23.94
C GLU C 335 10.50 28.90 -24.40
N VAL C 336 9.74 28.69 -25.44
CA VAL C 336 9.47 27.35 -25.81
C VAL C 336 10.55 26.50 -26.47
N LEU C 337 11.15 27.06 -27.50
CA LEU C 337 12.35 26.57 -28.05
C LEU C 337 13.51 27.21 -27.30
N GLY C 338 13.28 28.38 -26.68
CA GLY C 338 14.31 29.10 -25.97
C GLY C 338 14.68 30.36 -26.71
N GLU C 339 15.19 31.34 -25.97
CA GLU C 339 15.76 32.58 -26.52
C GLU C 339 16.65 32.32 -27.77
N GLY C 340 16.20 32.91 -28.92
CA GLY C 340 16.92 32.95 -30.21
C GLY C 340 17.12 31.58 -30.85
N VAL C 341 16.33 30.57 -30.49
CA VAL C 341 16.40 29.25 -31.10
C VAL C 341 15.43 29.17 -32.26
N ASP C 342 15.93 28.88 -33.45
CA ASP C 342 15.12 28.88 -34.67
C ASP C 342 14.24 27.64 -34.69
N VAL C 343 13.11 27.74 -35.39
CA VAL C 343 12.38 26.57 -35.80
C VAL C 343 13.26 25.67 -36.65
N ASN C 344 13.32 24.39 -36.30
CA ASN C 344 13.89 23.41 -37.14
C ASN C 344 12.93 23.07 -38.30
N GLU C 345 13.09 23.77 -39.40
CA GLU C 345 12.17 23.64 -40.51
C GLU C 345 12.17 22.29 -41.18
N ASP C 346 13.31 21.64 -41.36
CA ASP C 346 13.29 20.35 -42.03
C ASP C 346 12.56 19.34 -41.20
N LEU C 347 12.71 19.41 -39.88
CA LEU C 347 11.95 18.53 -39.01
C LEU C 347 10.40 18.70 -39.14
N ILE C 348 9.96 19.97 -39.12
CA ILE C 348 8.55 20.24 -39.15
C ILE C 348 8.02 19.86 -40.54
N LYS C 349 8.82 20.09 -41.56
CA LYS C 349 8.43 19.74 -42.91
C LYS C 349 8.11 18.25 -42.97
N GLU C 350 9.00 17.45 -42.39
CA GLU C 350 8.81 16.01 -42.39
C GLU C 350 7.56 15.63 -41.64
N LEU C 351 7.32 16.31 -40.52
CA LEU C 351 6.08 16.07 -39.78
C LEU C 351 4.85 16.31 -40.65
N SER C 352 4.82 17.40 -41.39
CA SER C 352 3.74 17.63 -42.34
C SER C 352 3.65 16.53 -43.42
N TYR C 353 4.78 16.20 -44.00
CA TYR C 353 4.83 15.27 -45.12
C TYR C 353 4.32 13.90 -44.69
N GLN C 354 4.54 13.55 -43.43
CA GLN C 354 4.26 12.23 -42.94
C GLN C 354 3.01 12.17 -42.08
N ALA C 355 2.23 13.24 -42.03
CA ALA C 355 1.22 13.38 -41.00
C ALA C 355 0.17 12.33 -41.10
N ARG C 356 -0.11 11.92 -42.29
CA ARG C 356 -1.05 10.81 -42.49
C ARG C 356 -0.50 9.36 -42.41
N GLY C 357 0.78 9.18 -42.19
CA GLY C 357 1.36 7.85 -42.18
C GLY C 357 1.03 7.10 -40.90
N ASP C 358 0.99 5.80 -41.01
CA ASP C 358 0.52 4.95 -39.89
C ASP C 358 1.48 3.77 -39.94
N ILE C 359 2.50 3.86 -39.14
CA ILE C 359 3.68 2.96 -39.33
C ILE C 359 3.74 1.93 -38.25
N PRO C 360 3.76 0.63 -38.62
CA PRO C 360 3.63 -0.42 -37.60
C PRO C 360 4.54 -0.31 -36.46
N GLY C 361 5.81 -0.08 -36.70
CA GLY C 361 6.77 -0.03 -35.56
C GLY C 361 6.59 1.08 -34.55
N VAL C 362 6.11 2.20 -35.05
CA VAL C 362 5.86 3.35 -34.23
C VAL C 362 4.59 3.11 -33.36
N VAL C 363 3.62 2.52 -33.99
CA VAL C 363 2.42 2.17 -33.31
C VAL C 363 2.63 1.11 -32.27
N ALA C 364 3.44 0.12 -32.55
CA ALA C 364 3.84 -0.84 -31.53
C ALA C 364 4.63 -0.19 -30.40
N PHE C 365 5.55 0.74 -30.71
CA PHE C 365 6.29 1.40 -29.65
C PHE C 365 5.31 2.16 -28.70
N PHE C 366 4.43 3.01 -29.27
CA PHE C 366 3.51 3.76 -28.46
C PHE C 366 2.47 2.89 -27.81
N GLY C 367 2.07 1.80 -28.48
CA GLY C 367 1.09 0.94 -27.91
C GLY C 367 1.58 0.20 -26.70
N GLY C 368 2.83 -0.23 -26.70
CA GLY C 368 3.36 -0.82 -25.50
C GLY C 368 3.62 0.16 -24.41
N LEU C 369 4.23 1.27 -24.74
CA LEU C 369 4.51 2.28 -23.74
C LEU C 369 3.15 2.77 -23.06
N VAL C 370 2.17 3.12 -23.87
CA VAL C 370 0.94 3.75 -23.32
C VAL C 370 0.18 2.67 -22.49
N ALA C 371 0.09 1.43 -22.97
CA ALA C 371 -0.48 0.37 -22.20
C ALA C 371 0.15 0.24 -20.88
N GLN C 372 1.50 0.28 -20.81
CA GLN C 372 2.16 0.16 -19.53
C GLN C 372 1.80 1.40 -18.65
N GLU C 373 1.75 2.60 -19.19
CA GLU C 373 1.33 3.76 -18.44
C GLU C 373 -0.10 3.61 -17.89
N VAL C 374 -0.94 2.94 -18.65
CA VAL C 374 -2.26 2.61 -18.17
C VAL C 374 -2.18 1.81 -16.92
N LEU C 375 -1.34 0.80 -16.95
CA LEU C 375 -1.20 -0.11 -15.77
C LEU C 375 -0.59 0.57 -14.60
N LYS C 376 0.34 1.47 -14.85
CA LYS C 376 0.84 2.27 -13.76
C LYS C 376 -0.32 3.15 -13.14
N ALA C 377 -1.12 3.76 -13.98
CA ALA C 377 -2.18 4.59 -13.52
C ALA C 377 -3.20 3.84 -12.67
N CYS C 378 -3.48 2.60 -13.01
CA CYS C 378 -4.35 1.74 -12.20
C CYS C 378 -3.76 1.26 -10.92
N SER C 379 -2.41 1.15 -10.79
CA SER C 379 -1.83 0.45 -9.66
C SER C 379 -0.96 1.27 -8.75
N GLY C 380 -0.32 2.31 -9.24
CA GLY C 380 0.72 2.93 -8.44
C GLY C 380 2.01 2.12 -8.50
N LYS C 381 2.10 1.13 -9.35
CA LYS C 381 3.38 0.37 -9.52
C LYS C 381 4.17 1.02 -10.65
N PHE C 382 5.42 1.34 -10.37
CA PHE C 382 6.35 1.98 -11.32
C PHE C 382 6.12 3.49 -11.43
N THR C 383 7.09 4.19 -11.99
CA THR C 383 7.12 5.61 -12.00
C THR C 383 6.46 6.11 -13.27
N PRO C 384 5.39 6.89 -13.13
CA PRO C 384 4.72 7.35 -14.38
C PRO C 384 5.52 8.32 -15.19
N LEU C 385 5.36 8.21 -16.50
CA LEU C 385 5.85 9.25 -17.47
C LEU C 385 5.27 10.60 -17.10
N LYS C 386 6.09 11.60 -16.94
CA LYS C 386 5.69 12.82 -16.38
C LYS C 386 6.33 13.98 -17.12
N GLN C 387 5.70 14.56 -18.15
CA GLN C 387 4.30 14.21 -18.63
C GLN C 387 4.15 14.04 -20.13
N PHE C 388 5.00 14.70 -20.91
CA PHE C 388 5.00 14.52 -22.34
C PHE C 388 6.29 13.78 -22.84
N MET C 389 6.16 12.88 -23.81
CA MET C 389 7.30 12.33 -24.51
CA MET C 389 7.30 12.27 -24.51
C MET C 389 6.99 12.32 -25.98
N TYR C 390 7.91 12.88 -26.76
CA TYR C 390 7.90 12.84 -28.18
C TYR C 390 9.02 11.87 -28.66
N PHE C 391 8.81 11.33 -29.85
CA PHE C 391 9.66 10.32 -30.48
C PHE C 391 9.69 10.60 -31.97
N ASP C 392 10.83 10.40 -32.59
CA ASP C 392 10.82 10.15 -34.01
C ASP C 392 11.83 9.01 -34.39
N SER C 393 11.60 8.37 -35.54
CA SER C 393 12.56 7.43 -36.13
C SER C 393 12.84 7.83 -37.56
N LEU C 394 13.31 9.04 -37.74
CA LEU C 394 13.52 9.53 -39.07
C LEU C 394 14.67 8.80 -39.81
N GLU C 395 15.59 8.22 -39.06
CA GLU C 395 16.67 7.48 -39.67
C GLU C 395 16.12 6.31 -40.47
N SER C 396 14.90 5.82 -40.14
CA SER C 396 14.25 4.81 -40.92
C SER C 396 13.96 5.21 -42.37
N LEU C 397 13.98 6.49 -42.71
CA LEU C 397 13.74 6.86 -44.09
C LEU C 397 14.79 6.36 -44.99
N PRO C 398 14.38 5.80 -46.12
CA PRO C 398 15.39 5.34 -47.15
C PRO C 398 16.02 6.50 -47.86
N ASP C 399 17.15 6.25 -48.50
CA ASP C 399 17.88 7.28 -49.17
C ASP C 399 17.05 7.66 -50.41
N PRO C 400 16.81 8.97 -50.57
CA PRO C 400 15.93 9.43 -51.67
C PRO C 400 16.52 9.19 -53.04
N LYS C 401 17.84 9.00 -53.12
CA LYS C 401 18.50 8.51 -54.35
C LYS C 401 17.97 7.14 -54.80
N ASN C 402 17.78 6.22 -53.88
CA ASN C 402 17.22 4.90 -54.25
C ASN C 402 15.67 4.82 -54.31
N PHE C 403 14.98 5.51 -53.36
CA PHE C 403 13.50 5.49 -53.24
C PHE C 403 13.00 6.90 -53.13
N PRO C 404 12.87 7.58 -54.27
CA PRO C 404 12.47 9.02 -54.13
C PRO C 404 11.06 9.12 -53.52
N ARG C 405 10.88 10.08 -52.62
CA ARG C 405 9.56 10.40 -52.04
C ARG C 405 9.07 11.74 -52.60
N ASN C 406 7.94 11.74 -53.27
CA ASN C 406 7.26 12.93 -53.80
C ASN C 406 5.76 12.56 -53.91
N GLU C 407 4.92 13.50 -54.33
CA GLU C 407 3.47 13.27 -54.35
C GLU C 407 3.01 12.09 -55.19
N LYS C 408 3.72 11.76 -56.27
CA LYS C 408 3.36 10.58 -57.10
C LYS C 408 3.74 9.23 -56.44
N THR C 409 4.94 9.17 -55.88
CA THR C 409 5.53 7.93 -55.38
C THR C 409 4.84 7.47 -54.12
N THR C 410 4.31 8.41 -53.40
CA THR C 410 3.79 8.22 -52.09
C THR C 410 2.21 8.15 -52.06
N GLN C 411 1.60 8.27 -53.25
CA GLN C 411 0.17 8.45 -53.35
C GLN C 411 -0.56 7.15 -53.00
N PRO C 412 -1.83 7.26 -52.56
CA PRO C 412 -2.55 6.01 -52.22
C PRO C 412 -2.81 5.20 -53.48
N VAL C 413 -2.88 3.89 -53.38
CA VAL C 413 -3.14 3.03 -54.54
C VAL C 413 -4.32 2.10 -54.26
N ASN C 414 -5.13 2.46 -53.26
CA ASN C 414 -6.26 1.69 -52.83
C ASN C 414 -5.93 0.34 -52.25
N SER C 415 -5.20 0.39 -51.13
CA SER C 415 -4.62 -0.80 -50.56
C SER C 415 -4.45 -0.57 -49.06
N ARG C 416 -4.44 -1.66 -48.30
CA ARG C 416 -4.16 -1.63 -46.88
C ARG C 416 -2.85 -0.97 -46.50
N TYR C 417 -1.91 -0.88 -47.43
CA TYR C 417 -0.58 -0.35 -47.12
C TYR C 417 -0.51 1.13 -47.43
N ASP C 418 -1.61 1.73 -47.85
CA ASP C 418 -1.58 3.13 -48.29
C ASP C 418 -0.90 4.07 -47.34
N ASN C 419 -1.13 3.92 -46.07
CA ASN C 419 -0.46 4.85 -45.16
C ASN C 419 0.93 4.47 -44.70
N GLN C 420 1.47 3.37 -45.25
CA GLN C 420 2.93 3.11 -45.15
C GLN C 420 3.50 3.68 -46.42
N ILE C 421 2.84 3.43 -47.56
CA ILE C 421 3.23 4.06 -48.80
C ILE C 421 3.32 5.59 -48.63
N ALA C 422 2.38 6.19 -47.91
CA ALA C 422 2.51 7.63 -47.59
C ALA C 422 3.90 8.07 -47.14
N VAL C 423 4.58 7.24 -46.37
CA VAL C 423 5.86 7.61 -45.81
C VAL C 423 6.98 7.18 -46.78
N PHE C 424 7.00 5.91 -47.18
CA PHE C 424 8.18 5.31 -47.85
C PHE C 424 8.12 5.25 -49.38
N GLY C 425 6.94 5.29 -49.92
CA GLY C 425 6.73 5.19 -51.37
C GLY C 425 6.45 3.78 -51.82
N LEU C 426 5.97 3.66 -53.04
CA LEU C 426 5.41 2.40 -53.49
C LEU C 426 6.55 1.30 -53.65
N ASP C 427 7.64 1.71 -54.29
CA ASP C 427 8.73 0.82 -54.61
C ASP C 427 9.36 0.24 -53.37
N PHE C 428 9.54 1.04 -52.34
CA PHE C 428 10.10 0.52 -51.13
C PHE C 428 9.16 -0.52 -50.55
N GLN C 429 7.90 -0.20 -50.56
CA GLN C 429 6.93 -1.09 -49.97
C GLN C 429 6.88 -2.40 -50.76
N LYS C 430 7.13 -2.35 -52.08
CA LYS C 430 7.24 -3.59 -52.87
C LYS C 430 8.50 -4.39 -52.49
N LYS C 431 9.55 -3.69 -52.10
CA LYS C 431 10.77 -4.35 -51.68
C LYS C 431 10.60 -5.03 -50.37
N ILE C 432 9.86 -4.39 -49.49
CA ILE C 432 9.43 -5.07 -48.29
C ILE C 432 8.67 -6.35 -48.63
N ALA C 433 7.78 -6.30 -49.59
CA ALA C 433 7.00 -7.47 -49.93
C ALA C 433 7.89 -8.59 -50.49
N ASN C 434 8.91 -8.18 -51.21
CA ASN C 434 9.81 -9.10 -51.81
C ASN C 434 11.05 -9.54 -50.97
N SER C 435 11.01 -9.42 -49.67
CA SER C 435 12.08 -9.72 -48.82
C SER C 435 11.93 -11.16 -48.39
N LYS C 436 13.07 -11.86 -48.23
CA LYS C 436 13.06 -13.18 -47.76
C LYS C 436 13.65 -13.16 -46.38
N VAL C 437 12.88 -13.60 -45.37
CA VAL C 437 13.21 -13.41 -43.99
C VAL C 437 13.05 -14.67 -43.17
N PHE C 438 13.92 -14.79 -42.18
CA PHE C 438 13.96 -15.91 -41.30
C PHE C 438 13.78 -15.41 -39.89
N LEU C 439 12.81 -15.99 -39.21
CA LEU C 439 12.52 -15.65 -37.87
C LEU C 439 12.73 -16.86 -37.00
N VAL C 440 13.56 -16.70 -35.98
CA VAL C 440 13.91 -17.78 -35.13
C VAL C 440 13.27 -17.55 -33.78
N GLY C 441 12.18 -18.26 -33.55
CA GLY C 441 11.37 -18.09 -32.34
C GLY C 441 10.00 -17.55 -32.71
N SER C 442 8.95 -18.17 -32.14
CA SER C 442 7.58 -17.75 -32.40
C SER C 442 6.81 -17.68 -31.05
N GLY C 443 7.48 -17.18 -30.00
CA GLY C 443 6.93 -16.94 -28.67
C GLY C 443 6.45 -15.48 -28.53
N ALA C 444 6.88 -14.80 -27.47
CA ALA C 444 6.42 -13.41 -27.29
C ALA C 444 6.91 -12.42 -28.33
N ILE C 445 8.21 -12.31 -28.47
CA ILE C 445 8.74 -11.47 -29.51
C ILE C 445 8.30 -11.93 -30.84
N GLY C 446 8.22 -13.22 -31.01
CA GLY C 446 7.91 -13.73 -32.30
C GLY C 446 6.50 -13.45 -32.75
N CYS C 447 5.53 -13.62 -31.83
CA CYS C 447 4.09 -13.27 -32.14
C CYS C 447 3.98 -11.81 -32.52
N GLU C 448 4.66 -10.97 -31.79
CA GLU C 448 4.63 -9.52 -32.09
C GLU C 448 5.31 -9.25 -33.36
N MET C 449 6.33 -10.05 -33.64
CA MET C 449 7.13 -9.85 -34.85
C MET C 449 6.33 -10.20 -36.06
N LEU C 450 5.65 -11.33 -36.02
CA LEU C 450 4.93 -11.74 -37.16
C LEU C 450 3.70 -10.84 -37.37
N LYS C 451 3.07 -10.37 -36.31
CA LYS C 451 1.97 -9.34 -36.46
C LYS C 451 2.53 -8.05 -37.18
N ASN C 452 3.67 -7.53 -36.77
CA ASN C 452 4.25 -6.41 -37.48
C ASN C 452 4.53 -6.73 -38.94
N TRP C 453 5.04 -7.94 -39.21
CA TRP C 453 5.40 -8.26 -40.57
C TRP C 453 4.17 -8.48 -41.42
N ALA C 454 3.17 -9.11 -40.86
CA ALA C 454 1.92 -9.15 -41.57
C ALA C 454 1.42 -7.74 -41.94
N LEU C 455 1.52 -6.81 -41.02
CA LEU C 455 1.11 -5.41 -41.32
C LEU C 455 1.95 -4.71 -42.33
N LEU C 456 3.25 -5.02 -42.39
CA LEU C 456 4.12 -4.48 -43.39
C LEU C 456 3.89 -5.14 -44.75
N GLY C 457 3.21 -6.27 -44.82
CA GLY C 457 3.28 -7.05 -46.07
C GLY C 457 4.67 -7.75 -46.38
N LEU C 458 5.49 -7.92 -45.33
CA LEU C 458 6.80 -8.42 -45.44
C LEU C 458 6.74 -9.88 -45.93
N GLY C 459 7.33 -10.11 -47.08
CA GLY C 459 7.43 -11.44 -47.64
C GLY C 459 6.18 -11.86 -48.38
N SER C 460 5.25 -10.92 -48.62
CA SER C 460 4.05 -11.20 -49.36
C SER C 460 4.21 -11.21 -50.87
N GLY C 461 5.27 -10.62 -51.39
CA GLY C 461 5.48 -10.51 -52.88
C GLY C 461 5.93 -11.82 -53.51
N SER C 462 5.87 -11.93 -54.82
CA SER C 462 6.20 -13.14 -55.48
C SER C 462 7.71 -13.50 -55.31
N ASP C 463 8.60 -12.57 -55.11
CA ASP C 463 9.99 -12.88 -54.75
C ASP C 463 10.35 -12.86 -53.23
N GLY C 464 9.32 -12.84 -52.41
CA GLY C 464 9.52 -12.86 -50.94
C GLY C 464 8.99 -14.05 -50.21
N TYR C 465 9.37 -14.18 -48.98
CA TYR C 465 8.71 -15.18 -48.10
C TYR C 465 9.19 -14.99 -46.69
N ILE C 466 8.51 -15.63 -45.77
CA ILE C 466 8.91 -15.70 -44.42
C ILE C 466 9.07 -17.14 -44.03
N VAL C 467 10.16 -17.43 -43.30
CA VAL C 467 10.28 -18.69 -42.62
C VAL C 467 10.30 -18.42 -41.18
N VAL C 468 9.58 -19.20 -40.41
CA VAL C 468 9.65 -19.02 -38.98
C VAL C 468 9.77 -20.36 -38.32
N THR C 469 10.61 -20.50 -37.31
CA THR C 469 10.80 -21.81 -36.73
C THR C 469 10.87 -21.72 -35.29
N ASP C 470 10.29 -22.71 -34.63
CA ASP C 470 10.25 -22.79 -33.15
C ASP C 470 9.93 -24.23 -32.87
N ASN C 471 10.61 -24.85 -31.96
CA ASN C 471 10.35 -26.24 -31.67
C ASN C 471 9.38 -26.45 -30.53
N ASP C 472 8.94 -25.40 -29.94
CA ASP C 472 8.14 -25.52 -28.75
C ASP C 472 6.63 -25.44 -29.03
N SER C 473 5.89 -26.02 -28.13
CA SER C 473 4.47 -26.02 -28.19
C SER C 473 3.86 -24.98 -27.20
N ILE C 474 2.60 -24.66 -27.40
CA ILE C 474 1.97 -23.55 -26.65
C ILE C 474 1.53 -24.06 -25.31
N GLU C 475 1.88 -23.32 -24.29
CA GLU C 475 1.45 -23.57 -22.92
C GLU C 475 0.59 -22.40 -22.33
N LYS C 476 -0.15 -22.70 -21.31
CA LYS C 476 -1.17 -21.80 -20.84
C LYS C 476 -0.66 -20.43 -20.43
N SER C 477 0.43 -20.38 -19.70
CA SER C 477 0.97 -19.10 -19.22
C SER C 477 1.51 -18.29 -20.36
N ASN C 478 1.76 -18.93 -21.52
CA ASN C 478 2.10 -18.17 -22.69
C ASN C 478 0.96 -17.19 -23.13
N LEU C 479 -0.31 -17.51 -22.82
CA LEU C 479 -1.38 -16.76 -23.46
C LEU C 479 -1.41 -15.34 -22.98
N ASN C 480 -0.68 -15.05 -21.90
CA ASN C 480 -0.59 -13.74 -21.34
C ASN C 480 0.16 -12.76 -22.16
N ARG C 481 0.97 -13.24 -23.09
CA ARG C 481 1.79 -12.32 -23.87
C ARG C 481 2.12 -12.75 -25.27
N GLN C 482 1.54 -13.86 -25.71
CA GLN C 482 1.80 -14.41 -27.04
C GLN C 482 0.40 -14.39 -27.67
N PHE C 483 0.08 -13.22 -28.18
CA PHE C 483 -1.32 -12.84 -28.35
C PHE C 483 -1.96 -13.51 -29.53
N LEU C 484 -1.17 -14.25 -30.33
CA LEU C 484 -1.77 -15.02 -31.44
C LEU C 484 -2.33 -16.35 -31.01
N PHE C 485 -2.15 -16.73 -29.77
CA PHE C 485 -2.65 -17.98 -29.28
C PHE C 485 -3.88 -17.83 -28.37
N ARG C 486 -4.72 -18.84 -28.36
CA ARG C 486 -5.94 -18.91 -27.65
C ARG C 486 -5.98 -20.17 -26.81
N PRO C 487 -6.85 -20.20 -25.80
CA PRO C 487 -6.86 -21.38 -24.96
C PRO C 487 -6.89 -22.73 -25.69
N LYS C 488 -7.62 -22.80 -26.78
CA LYS C 488 -7.79 -24.02 -27.58
C LYS C 488 -6.53 -24.42 -28.34
N ASP C 489 -5.58 -23.50 -28.49
CA ASP C 489 -4.31 -23.78 -29.16
C ASP C 489 -3.28 -24.45 -28.20
N VAL C 490 -3.56 -24.49 -26.90
CA VAL C 490 -2.63 -25.00 -25.96
C VAL C 490 -2.27 -26.42 -26.35
N GLY C 491 -0.98 -26.72 -26.38
CA GLY C 491 -0.45 -28.05 -26.77
C GLY C 491 -0.04 -28.20 -28.20
N LYS C 492 -0.37 -27.21 -29.01
CA LYS C 492 -0.01 -27.14 -30.44
C LYS C 492 1.26 -26.34 -30.68
N ASN C 493 1.73 -26.37 -31.91
CA ASN C 493 3.04 -25.78 -32.15
C ASN C 493 2.93 -24.27 -32.36
N LYS C 494 3.71 -23.54 -31.57
CA LYS C 494 3.75 -22.13 -31.67
C LYS C 494 3.85 -21.61 -33.09
N SER C 495 4.82 -22.08 -33.91
CA SER C 495 5.14 -21.43 -35.15
C SER C 495 3.98 -21.65 -36.08
N GLU C 496 3.42 -22.84 -36.00
CA GLU C 496 2.34 -23.22 -36.90
C GLU C 496 1.04 -22.40 -36.63
N VAL C 497 0.75 -22.21 -35.37
CA VAL C 497 -0.43 -21.46 -34.94
C VAL C 497 -0.28 -19.97 -35.21
N ALA C 498 0.90 -19.42 -34.94
CA ALA C 498 1.20 -18.02 -35.29
C ALA C 498 1.11 -17.75 -36.77
N ALA C 499 1.66 -18.65 -37.57
CA ALA C 499 1.64 -18.44 -39.00
C ALA C 499 0.18 -18.38 -39.54
N GLU C 500 -0.66 -19.27 -39.08
CA GLU C 500 -2.06 -19.28 -39.42
C GLU C 500 -2.71 -17.99 -38.93
N ALA C 501 -2.44 -17.54 -37.72
CA ALA C 501 -3.09 -16.34 -37.21
C ALA C 501 -2.77 -15.10 -38.04
N VAL C 502 -1.56 -14.98 -38.49
CA VAL C 502 -1.25 -13.75 -39.21
C VAL C 502 -1.69 -13.83 -40.64
N CYS C 503 -1.88 -15.00 -41.23
CA CYS C 503 -2.61 -15.01 -42.49
C CYS C 503 -4.06 -14.57 -42.38
N ALA C 504 -4.73 -14.80 -41.25
CA ALA C 504 -6.12 -14.33 -41.03
C ALA C 504 -6.14 -12.81 -40.90
N MET C 505 -5.07 -12.27 -40.35
CA MET C 505 -4.90 -10.80 -40.22
C MET C 505 -4.58 -10.17 -41.56
N ASN C 506 -3.76 -10.82 -42.35
CA ASN C 506 -3.44 -10.32 -43.66
C ASN C 506 -3.33 -11.48 -44.63
N PRO C 507 -4.41 -11.80 -45.35
CA PRO C 507 -4.41 -12.80 -46.44
C PRO C 507 -3.36 -12.65 -47.56
N ASP C 508 -2.74 -11.48 -47.71
CA ASP C 508 -1.59 -11.38 -48.64
C ASP C 508 -0.46 -12.37 -48.25
N LEU C 509 -0.38 -12.79 -46.99
CA LEU C 509 0.60 -13.79 -46.60
C LEU C 509 0.20 -15.24 -46.77
N LYS C 510 -0.96 -15.52 -47.30
CA LYS C 510 -1.39 -16.88 -47.40
C LYS C 510 -0.43 -17.59 -48.37
N GLY C 511 0.11 -18.74 -47.96
CA GLY C 511 1.06 -19.51 -48.74
C GLY C 511 2.50 -18.96 -48.75
N LYS C 512 2.84 -17.96 -47.94
CA LYS C 512 4.07 -17.26 -48.03
C LYS C 512 4.84 -17.39 -46.78
N ILE C 513 4.28 -18.03 -45.79
CA ILE C 513 4.92 -18.20 -44.53
C ILE C 513 5.19 -19.68 -44.31
N ASN C 514 6.40 -20.05 -44.00
CA ASN C 514 6.73 -21.47 -43.90
C ASN C 514 7.00 -21.63 -42.44
N ALA C 515 6.11 -22.31 -41.76
CA ALA C 515 6.24 -22.53 -40.35
C ALA C 515 6.97 -23.83 -40.13
N LYS C 516 8.13 -23.80 -39.50
CA LYS C 516 8.86 -24.98 -39.16
C LYS C 516 8.91 -25.15 -37.67
N ILE C 517 9.19 -26.36 -37.29
CA ILE C 517 9.13 -26.85 -35.95
C ILE C 517 10.52 -27.29 -35.46
N ASP C 518 11.51 -26.85 -36.20
CA ASP C 518 12.91 -27.25 -35.96
C ASP C 518 13.59 -26.25 -35.06
N LYS C 519 14.37 -26.81 -34.16
CA LYS C 519 15.33 -26.09 -33.41
C LYS C 519 16.49 -25.60 -34.30
N VAL C 520 16.93 -24.38 -34.12
CA VAL C 520 18.09 -23.85 -34.83
C VAL C 520 19.31 -24.00 -33.95
N GLY C 521 20.23 -24.85 -34.35
CA GLY C 521 21.39 -25.19 -33.57
C GLY C 521 22.36 -26.02 -34.37
N PRO C 522 23.46 -26.44 -33.74
CA PRO C 522 24.49 -27.28 -34.45
C PRO C 522 23.93 -28.62 -35.02
N GLU C 523 22.86 -29.17 -34.38
CA GLU C 523 22.30 -30.48 -34.75
C GLU C 523 21.31 -30.43 -35.95
N THR C 524 20.99 -29.21 -36.46
CA THR C 524 20.07 -29.05 -37.61
C THR C 524 20.61 -28.31 -38.80
N GLU C 525 21.91 -28.33 -38.97
CA GLU C 525 22.58 -27.77 -40.17
C GLU C 525 22.32 -28.48 -41.49
N GLU C 526 21.83 -29.71 -41.47
CA GLU C 526 21.35 -30.33 -42.70
C GLU C 526 19.98 -29.73 -43.20
N ILE C 527 19.08 -29.29 -42.30
CA ILE C 527 17.89 -28.57 -42.74
C ILE C 527 18.26 -27.16 -43.09
N PHE C 528 18.95 -26.49 -42.18
CA PHE C 528 19.28 -25.04 -42.32
C PHE C 528 20.71 -24.94 -42.88
N ASN C 529 20.78 -25.28 -44.16
CA ASN C 529 21.99 -25.48 -44.93
C ASN C 529 22.36 -24.29 -45.76
N ASP C 530 23.48 -24.37 -46.43
CA ASP C 530 23.99 -23.21 -47.17
C ASP C 530 22.90 -22.55 -47.99
N SER C 531 22.20 -23.35 -48.77
CA SER C 531 21.22 -22.87 -49.71
C SER C 531 20.08 -22.10 -49.02
N PHE C 532 19.66 -22.64 -47.90
CA PHE C 532 18.73 -22.00 -47.04
C PHE C 532 19.14 -20.65 -46.56
N TRP C 533 20.37 -20.55 -46.00
CA TRP C 533 20.85 -19.32 -45.36
C TRP C 533 21.18 -18.27 -46.43
N GLU C 534 21.79 -18.71 -47.50
CA GLU C 534 22.20 -17.84 -48.62
C GLU C 534 21.12 -17.11 -49.37
N SER C 535 19.97 -17.70 -49.42
CA SER C 535 18.80 -17.15 -50.04
C SER C 535 18.21 -15.97 -49.32
N LEU C 536 18.43 -15.91 -48.02
CA LEU C 536 17.74 -14.91 -47.20
C LEU C 536 18.24 -13.49 -47.43
N ASP C 537 17.41 -12.49 -47.21
CA ASP C 537 17.89 -11.11 -47.08
C ASP C 537 18.33 -10.83 -45.68
N PHE C 538 17.63 -11.29 -44.67
CA PHE C 538 18.08 -11.06 -43.31
C PHE C 538 17.35 -11.97 -42.35
N VAL C 539 17.80 -11.95 -41.10
CA VAL C 539 17.43 -12.86 -40.09
C VAL C 539 16.97 -12.06 -38.90
N THR C 540 16.01 -12.57 -38.17
CA THR C 540 15.58 -11.89 -36.95
C THR C 540 15.42 -12.90 -35.83
N ASN C 541 16.00 -12.59 -34.68
CA ASN C 541 15.81 -13.39 -33.48
C ASN C 541 14.57 -12.99 -32.67
N ALA C 542 14.04 -13.99 -32.01
CA ALA C 542 12.98 -13.85 -31.08
C ALA C 542 13.15 -15.00 -30.07
N LEU C 543 14.26 -14.91 -29.33
CA LEU C 543 14.75 -16.02 -28.53
C LEU C 543 14.63 -15.81 -27.00
N ASP C 544 14.80 -16.87 -26.26
CA ASP C 544 14.72 -16.82 -24.78
C ASP C 544 15.99 -17.24 -24.08
N ASN C 545 17.10 -17.33 -24.82
CA ASN C 545 18.37 -17.78 -24.23
C ASN C 545 19.58 -17.33 -25.06
N VAL C 546 20.70 -17.21 -24.38
CA VAL C 546 21.91 -16.66 -24.91
C VAL C 546 22.56 -17.67 -25.87
N ASP C 547 22.47 -18.97 -25.59
CA ASP C 547 23.14 -19.89 -26.51
C ASP C 547 22.60 -19.82 -27.91
N ALA C 548 21.30 -19.71 -28.03
CA ALA C 548 20.68 -19.70 -29.33
C ALA C 548 21.03 -18.45 -30.04
N ARG C 549 21.02 -17.37 -29.32
CA ARG C 549 21.46 -16.08 -29.85
C ARG C 549 22.89 -16.14 -30.39
N THR C 550 23.86 -16.63 -29.62
CA THR C 550 25.19 -16.81 -30.08
C THR C 550 25.21 -17.67 -31.37
N TYR C 551 24.46 -18.77 -31.41
CA TYR C 551 24.57 -19.66 -32.55
C TYR C 551 24.04 -18.92 -33.79
N VAL C 552 22.90 -18.25 -33.70
CA VAL C 552 22.39 -17.53 -34.88
C VAL C 552 23.37 -16.45 -35.31
N ASP C 553 23.90 -15.72 -34.35
CA ASP C 553 24.88 -14.69 -34.65
C ASP C 553 26.02 -15.28 -35.45
N ARG C 554 26.54 -16.44 -35.03
CA ARG C 554 27.67 -17.01 -35.77
C ARG C 554 27.27 -17.46 -37.17
N ARG C 555 26.05 -17.90 -37.37
CA ARG C 555 25.65 -18.28 -38.71
C ARG C 555 25.55 -17.01 -39.58
N CYS C 556 24.99 -15.97 -39.00
CA CYS C 556 24.84 -14.71 -39.73
C CYS C 556 26.18 -14.11 -40.15
N VAL C 557 27.19 -14.19 -39.29
CA VAL C 557 28.52 -13.81 -39.65
C VAL C 557 29.05 -14.69 -40.76
N PHE C 558 28.88 -15.99 -40.59
CA PHE C 558 29.46 -16.86 -41.60
C PHE C 558 28.77 -16.63 -42.94
N TYR C 559 27.42 -16.48 -42.98
CA TYR C 559 26.74 -16.29 -44.26
C TYR C 559 26.63 -14.80 -44.65
N ARG C 560 27.22 -13.91 -43.87
CA ARG C 560 27.12 -12.52 -44.13
C ARG C 560 25.68 -11.98 -44.30
N LYS C 561 24.80 -12.33 -43.38
CA LYS C 561 23.46 -11.76 -43.34
C LYS C 561 23.24 -10.82 -42.15
N PRO C 562 22.46 -9.74 -42.35
CA PRO C 562 22.10 -8.92 -41.21
C PRO C 562 21.24 -9.69 -40.24
N LEU C 563 21.37 -9.33 -38.96
CA LEU C 563 20.63 -9.93 -37.88
C LEU C 563 20.03 -8.85 -37.04
N LEU C 564 18.72 -8.96 -36.80
CA LEU C 564 18.02 -8.06 -35.84
C LEU C 564 17.77 -8.78 -34.54
N GLU C 565 18.29 -8.28 -33.47
CA GLU C 565 18.25 -8.98 -32.22
C GLU C 565 17.47 -8.16 -31.14
N SER C 566 16.83 -8.84 -30.23
CA SER C 566 16.16 -8.15 -29.14
C SER C 566 15.95 -9.07 -28.00
N GLY C 567 15.72 -8.49 -26.83
CA GLY C 567 15.32 -9.22 -25.64
C GLY C 567 14.54 -8.38 -24.62
N THR C 568 13.93 -9.07 -23.64
CA THR C 568 13.22 -8.44 -22.52
C THR C 568 13.55 -9.16 -21.22
N LEU C 569 13.32 -8.46 -20.12
CA LEU C 569 13.22 -9.05 -18.80
C LEU C 569 12.27 -8.15 -18.07
N GLY C 570 11.04 -8.57 -17.89
CA GLY C 570 10.05 -7.63 -17.23
C GLY C 570 9.75 -6.39 -18.09
N THR C 571 9.96 -5.22 -17.52
CA THR C 571 9.84 -3.97 -18.17
C THR C 571 11.11 -3.49 -18.85
N LYS C 572 12.23 -4.25 -18.73
CA LYS C 572 13.50 -3.97 -19.37
C LYS C 572 13.60 -4.58 -20.70
N GLY C 573 14.29 -3.93 -21.62
CA GLY C 573 14.41 -4.54 -22.96
C GLY C 573 15.50 -3.93 -23.78
N ASN C 574 15.84 -4.57 -24.90
CA ASN C 574 16.91 -4.02 -25.76
C ASN C 574 16.83 -4.48 -27.16
N THR C 575 17.43 -3.70 -28.08
CA THR C 575 17.48 -4.07 -29.49
C THR C 575 18.93 -3.97 -29.94
N GLN C 576 19.33 -4.85 -30.88
CA GLN C 576 20.71 -4.77 -31.47
C GLN C 576 20.65 -5.11 -32.93
N VAL C 577 21.29 -4.30 -33.76
CA VAL C 577 21.41 -4.61 -35.18
C VAL C 577 22.88 -5.02 -35.43
N ILE C 578 23.02 -6.06 -36.24
CA ILE C 578 24.28 -6.58 -36.65
C ILE C 578 24.33 -6.52 -38.17
N ILE C 579 25.24 -5.76 -38.74
CA ILE C 579 25.18 -5.51 -40.15
C ILE C 579 26.50 -5.96 -40.81
N PRO C 580 26.40 -6.81 -41.83
CA PRO C 580 27.63 -7.30 -42.44
C PRO C 580 28.59 -6.23 -42.93
N ARG C 581 29.86 -6.45 -42.73
CA ARG C 581 30.89 -5.49 -43.10
C ARG C 581 30.80 -4.09 -42.44
N LEU C 582 30.15 -3.98 -41.32
CA LEU C 582 29.94 -2.65 -40.68
C LEU C 582 30.06 -2.67 -39.16
N THR C 583 29.30 -3.55 -38.50
CA THR C 583 29.27 -3.64 -37.02
C THR C 583 29.88 -4.88 -36.41
N GLU C 584 30.20 -4.74 -35.13
CA GLU C 584 30.34 -5.84 -34.17
CA GLU C 584 30.46 -5.90 -34.29
C GLU C 584 29.21 -6.78 -34.36
N SER C 585 29.36 -8.03 -33.91
CA SER C 585 28.20 -8.94 -33.92
C SER C 585 27.79 -9.10 -32.49
N TYR C 586 26.77 -9.88 -32.29
CA TYR C 586 26.28 -10.15 -30.94
C TYR C 586 27.36 -10.69 -30.02
N SER C 587 28.17 -11.67 -30.49
CA SER C 587 29.24 -12.37 -29.76
C SER C 587 30.40 -11.49 -29.46
N SER C 588 30.51 -10.39 -30.18
CA SER C 588 31.57 -9.48 -29.88
C SER C 588 31.62 -8.90 -28.47
N SER C 589 30.56 -8.90 -27.67
CA SER C 589 30.57 -8.27 -26.33
C SER C 589 30.05 -9.29 -25.34
N ARG C 590 30.46 -9.19 -24.08
CA ARG C 590 29.94 -10.14 -23.09
C ARG C 590 28.94 -9.51 -22.14
N ASP C 591 28.08 -10.38 -21.69
CA ASP C 591 27.04 -10.04 -20.71
C ASP C 591 27.42 -10.63 -19.35
N PRO C 592 26.98 -10.02 -18.24
CA PRO C 592 27.30 -10.53 -16.89
C PRO C 592 26.90 -11.99 -16.73
N PRO C 593 27.82 -12.88 -16.26
CA PRO C 593 27.29 -14.23 -16.08
C PRO C 593 26.46 -14.31 -14.82
N GLU C 594 25.71 -15.40 -14.72
CA GLU C 594 25.04 -15.68 -13.48
C GLU C 594 26.04 -15.90 -12.35
N LYS C 595 25.80 -15.28 -11.19
CA LYS C 595 26.75 -15.48 -10.07
C LYS C 595 26.47 -16.92 -9.50
N SER C 596 27.50 -17.66 -9.15
CA SER C 596 27.27 -19.01 -8.60
C SER C 596 27.46 -18.99 -7.07
N ILE C 597 26.62 -19.77 -6.40
CA ILE C 597 26.67 -19.84 -4.96
C ILE C 597 27.87 -20.78 -4.59
N PRO C 598 28.79 -20.35 -3.72
CA PRO C 598 29.80 -21.29 -3.18
C PRO C 598 29.21 -22.60 -2.59
N LEU C 599 29.95 -23.67 -2.70
CA LEU C 599 29.45 -25.01 -2.38
C LEU C 599 29.26 -25.18 -0.89
N CYS C 600 30.19 -24.59 -0.12
CA CYS C 600 30.08 -24.66 1.32
CA CYS C 600 30.15 -24.48 1.37
C CYS C 600 28.84 -23.89 1.85
N THR C 601 28.49 -22.79 1.22
CA THR C 601 27.28 -22.11 1.54
C THR C 601 26.11 -23.05 1.30
N LEU C 602 26.04 -23.72 0.14
CA LEU C 602 24.90 -24.60 -0.10
C LEU C 602 24.81 -25.79 0.84
N ARG C 603 25.95 -26.43 1.09
CA ARG C 603 26.02 -27.65 1.87
C ARG C 603 25.78 -27.40 3.32
N SER C 604 26.42 -26.39 3.89
CA SER C 604 26.43 -26.23 5.36
C SER C 604 26.01 -24.84 5.95
N PHE C 605 26.09 -23.75 5.16
CA PHE C 605 25.92 -22.39 5.72
C PHE C 605 25.01 -21.43 4.95
N PRO C 606 23.80 -21.84 4.72
CA PRO C 606 22.91 -21.00 3.97
C PRO C 606 22.42 -19.82 4.80
N ASN C 607 22.18 -18.71 4.15
CA ASN C 607 21.69 -17.55 4.81
C ASN C 607 20.68 -16.84 4.01
N LYS C 608 20.29 -17.33 2.83
CA LYS C 608 19.23 -16.74 2.01
C LYS C 608 18.39 -17.88 1.50
N ILE C 609 17.16 -17.56 1.20
CA ILE C 609 16.25 -18.53 0.68
C ILE C 609 16.74 -19.14 -0.68
N ASP C 610 17.50 -18.39 -1.47
CA ASP C 610 18.03 -18.93 -2.72
C ASP C 610 18.90 -20.17 -2.46
N HIS C 611 19.55 -20.19 -1.33
CA HIS C 611 20.44 -21.21 -1.00
C HIS C 611 19.66 -22.43 -0.61
N THR C 612 18.63 -22.25 0.20
CA THR C 612 17.85 -23.37 0.59
C THR C 612 17.04 -23.92 -0.59
N ILE C 613 16.63 -23.10 -1.52
CA ILE C 613 15.87 -23.56 -2.68
C ILE C 613 16.80 -24.42 -3.60
N ALA C 614 18.07 -24.07 -3.75
CA ALA C 614 18.96 -24.74 -4.67
C ALA C 614 19.29 -26.10 -4.01
N TRP C 615 19.54 -26.12 -2.70
CA TRP C 615 19.76 -27.33 -1.97
C TRP C 615 18.56 -28.21 -2.09
N ALA C 616 17.37 -27.70 -1.89
CA ALA C 616 16.17 -28.52 -2.01
C ALA C 616 15.98 -29.04 -3.42
N LYS C 617 16.22 -28.21 -4.41
CA LYS C 617 16.09 -28.61 -5.79
C LYS C 617 17.06 -29.80 -6.11
N SER C 618 18.29 -29.77 -5.61
CA SER C 618 19.21 -30.89 -5.82
C SER C 618 18.73 -32.08 -5.03
N LEU C 619 18.19 -31.87 -3.84
CA LEU C 619 17.74 -32.99 -3.12
C LEU C 619 16.63 -33.68 -3.88
N PHE C 620 15.76 -32.91 -4.48
CA PHE C 620 14.70 -33.41 -5.31
C PHE C 620 15.18 -34.22 -6.52
N GLN C 621 16.14 -33.69 -7.26
CA GLN C 621 16.78 -34.28 -8.41
C GLN C 621 17.30 -35.67 -7.96
N GLY C 622 18.05 -35.70 -6.88
CA GLY C 622 18.63 -36.90 -6.31
C GLY C 622 17.62 -37.92 -5.86
N TYR C 623 16.63 -37.51 -5.11
CA TYR C 623 15.68 -38.48 -4.54
C TYR C 623 14.80 -39.11 -5.64
N PHE C 624 14.36 -38.27 -6.58
CA PHE C 624 13.26 -38.66 -7.45
C PHE C 624 13.61 -38.79 -8.93
N THR C 625 14.82 -38.45 -9.33
CA THR C 625 15.22 -38.58 -10.70
C THR C 625 16.53 -39.36 -10.84
N ASP C 626 17.64 -38.79 -10.37
CA ASP C 626 18.98 -39.39 -10.49
C ASP C 626 18.98 -40.77 -9.87
N SER C 627 18.44 -40.94 -8.68
CA SER C 627 18.54 -42.25 -8.04
C SER C 627 17.80 -43.39 -8.77
N ALA C 628 16.75 -43.02 -9.49
CA ALA C 628 15.99 -43.91 -10.33
C ALA C 628 16.71 -44.24 -11.65
N GLU C 629 17.26 -43.24 -12.32
CA GLU C 629 18.01 -43.49 -13.56
C GLU C 629 19.22 -44.51 -13.31
N ASN C 630 19.78 -44.39 -12.11
CA ASN C 630 20.89 -45.08 -11.62
C ASN C 630 20.54 -46.48 -11.33
N VAL C 631 19.42 -46.68 -10.67
CA VAL C 631 18.88 -48.00 -10.50
C VAL C 631 18.59 -48.69 -11.83
N ASN C 632 17.91 -48.00 -12.75
CA ASN C 632 17.64 -48.62 -14.07
C ASN C 632 18.91 -48.95 -14.91
N MET C 633 19.95 -48.13 -14.83
CA MET C 633 21.21 -48.39 -15.49
C MET C 633 21.87 -49.62 -14.87
N TYR C 634 21.81 -49.72 -13.53
CA TYR C 634 22.40 -50.80 -12.79
C TYR C 634 21.73 -52.14 -13.12
N LEU C 635 20.42 -52.15 -13.28
CA LEU C 635 19.75 -53.39 -13.58
C LEU C 635 19.81 -53.78 -15.05
N THR C 636 20.26 -52.87 -15.92
CA THR C 636 20.31 -53.16 -17.36
C THR C 636 21.73 -53.22 -17.95
N GLN C 637 22.73 -52.78 -17.19
CA GLN C 637 24.12 -52.68 -17.68
C GLN C 637 25.00 -53.57 -16.75
N PRO C 638 25.29 -54.78 -17.19
CA PRO C 638 26.09 -55.70 -16.37
C PRO C 638 27.49 -55.20 -15.95
N ASN C 639 28.03 -54.22 -16.74
CA ASN C 639 29.32 -53.54 -16.47
C ASN C 639 29.19 -52.26 -15.61
N PHE C 640 27.98 -51.92 -15.15
CA PHE C 640 27.73 -50.64 -14.56
C PHE C 640 28.62 -50.34 -13.37
N VAL C 641 28.77 -51.31 -12.47
CA VAL C 641 29.55 -51.10 -11.25
C VAL C 641 31.00 -50.88 -11.64
N GLU C 642 31.54 -51.81 -12.43
CA GLU C 642 32.87 -51.67 -12.98
C GLU C 642 33.06 -50.26 -13.64
N GLN C 643 32.06 -49.73 -14.38
CA GLN C 643 32.26 -48.47 -15.16
C GLN C 643 32.25 -47.30 -14.24
N THR C 644 31.41 -47.39 -13.23
CA THR C 644 31.22 -46.33 -12.24
C THR C 644 32.51 -46.13 -11.44
N LEU C 645 33.05 -47.19 -10.87
CA LEU C 645 34.36 -47.13 -10.18
C LEU C 645 35.50 -46.47 -10.96
N LYS C 646 35.59 -46.70 -12.28
CA LYS C 646 36.68 -46.13 -13.08
C LYS C 646 36.34 -44.80 -13.73
N GLN C 647 35.17 -44.21 -13.49
CA GLN C 647 34.74 -43.04 -14.27
C GLN C 647 33.76 -42.02 -13.68
N SER C 648 33.45 -42.13 -12.40
CA SER C 648 32.57 -41.17 -11.70
C SER C 648 33.44 -40.28 -10.73
N GLY C 649 32.98 -39.04 -10.47
CA GLY C 649 33.63 -38.18 -9.48
C GLY C 649 33.25 -38.72 -8.10
N ASP C 650 31.93 -38.69 -7.88
CA ASP C 650 31.24 -39.16 -6.65
C ASP C 650 30.85 -40.67 -6.68
N VAL C 651 31.83 -41.56 -6.59
CA VAL C 651 31.58 -43.01 -6.72
C VAL C 651 30.74 -43.56 -5.59
N LYS C 652 31.13 -43.25 -4.36
CA LYS C 652 30.41 -43.72 -3.17
C LYS C 652 28.96 -43.28 -3.15
N GLY C 653 28.70 -42.11 -3.71
CA GLY C 653 27.34 -41.57 -3.73
C GLY C 653 26.37 -42.29 -4.66
N VAL C 654 26.88 -42.65 -5.85
CA VAL C 654 26.11 -43.41 -6.84
C VAL C 654 25.72 -44.77 -6.24
N LEU C 655 26.67 -45.45 -5.62
CA LEU C 655 26.43 -46.80 -5.14
C LEU C 655 25.53 -46.85 -3.89
N GLU C 656 25.66 -45.84 -3.01
CA GLU C 656 24.72 -45.66 -1.90
C GLU C 656 23.31 -45.33 -2.36
N SER C 657 23.19 -44.55 -3.42
CA SER C 657 21.84 -44.33 -3.98
C SER C 657 21.20 -45.63 -4.44
N ILE C 658 22.00 -46.43 -5.17
CA ILE C 658 21.48 -47.68 -5.62
C ILE C 658 21.12 -48.55 -4.41
N SER C 659 22.04 -48.64 -3.44
CA SER C 659 21.79 -49.51 -2.30
C SER C 659 20.54 -49.15 -1.52
N ASP C 660 20.40 -47.87 -1.26
CA ASP C 660 19.27 -47.34 -0.52
C ASP C 660 17.95 -47.58 -1.36
N SER C 661 17.99 -47.34 -2.67
CA SER C 661 16.79 -47.53 -3.48
C SER C 661 16.27 -48.96 -3.52
N LEU C 662 17.13 -49.95 -3.31
CA LEU C 662 16.74 -51.32 -3.42
C LEU C 662 16.63 -52.12 -2.13
N SER C 663 17.02 -51.56 -0.99
CA SER C 663 16.78 -52.20 0.35
C SER C 663 15.50 -51.60 1.05
N SER C 664 15.30 -50.30 0.92
CA SER C 664 14.11 -49.70 1.56
C SER C 664 12.84 -49.85 0.72
N LYS C 665 12.72 -50.88 -0.13
CA LYS C 665 11.73 -50.80 -1.23
C LYS C 665 10.37 -50.69 -0.56
N PRO C 666 9.56 -49.66 -0.90
CA PRO C 666 8.25 -49.57 -0.31
C PRO C 666 7.27 -50.51 -1.00
N HIS C 667 6.31 -51.02 -0.23
CA HIS C 667 5.33 -51.94 -0.78
C HIS C 667 3.94 -51.28 -0.96
N ASN C 668 3.70 -50.17 -0.24
CA ASN C 668 2.42 -49.45 -0.21
C ASN C 668 2.66 -47.97 0.10
N PHE C 669 1.59 -47.19 0.10
CA PHE C 669 1.76 -45.75 0.30
C PHE C 669 2.24 -45.43 1.73
N GLU C 670 1.76 -46.20 2.69
CA GLU C 670 2.15 -46.03 4.08
C GLU C 670 3.70 -46.12 4.24
N ASP C 671 4.34 -47.00 3.47
CA ASP C 671 5.81 -47.08 3.48
C ASP C 671 6.43 -45.83 2.91
N CYS C 672 5.81 -45.28 1.87
CA CYS C 672 6.27 -44.03 1.33
C CYS C 672 6.20 -42.83 2.37
N ILE C 673 5.12 -42.80 3.15
CA ILE C 673 4.98 -41.77 4.22
C ILE C 673 6.09 -41.98 5.23
N LYS C 674 6.29 -43.24 5.65
CA LYS C 674 7.38 -43.56 6.57
C LYS C 674 8.76 -43.05 6.06
N TRP C 675 9.02 -43.31 4.79
CA TRP C 675 10.30 -42.98 4.20
C TRP C 675 10.44 -41.48 4.26
N ALA C 676 9.37 -40.76 3.85
CA ALA C 676 9.47 -39.31 3.83
C ALA C 676 9.70 -38.68 5.25
N ARG C 677 9.00 -39.20 6.24
CA ARG C 677 9.21 -38.79 7.65
C ARG C 677 10.60 -39.05 8.15
N LEU C 678 11.20 -40.20 7.72
CA LEU C 678 12.58 -40.52 8.11
C LEU C 678 13.54 -39.62 7.35
N GLU C 679 13.26 -39.31 6.11
CA GLU C 679 14.09 -38.28 5.46
C GLU C 679 14.06 -36.92 6.20
N PHE C 680 12.87 -36.53 6.66
CA PHE C 680 12.72 -35.31 7.42
C PHE C 680 13.68 -35.38 8.60
N GLU C 681 13.56 -36.47 9.35
CA GLU C 681 14.51 -36.64 10.45
C GLU C 681 16.03 -36.52 10.07
N LYS C 682 16.42 -37.09 8.97
CA LYS C 682 17.85 -37.11 8.62
C LYS C 682 18.31 -35.68 8.26
N LYS C 683 17.53 -35.05 7.39
CA LYS C 683 17.95 -33.83 6.83
C LYS C 683 17.75 -32.62 7.75
N PHE C 684 16.72 -32.63 8.58
CA PHE C 684 16.44 -31.42 9.38
C PHE C 684 16.68 -31.60 10.84
N ASN C 685 17.04 -32.81 11.27
CA ASN C 685 17.32 -33.06 12.68
C ASN C 685 18.73 -33.64 12.83
N HIS C 686 18.91 -34.90 12.41
CA HIS C 686 20.21 -35.61 12.50
C HIS C 686 21.38 -34.86 11.86
N ASP C 687 21.31 -34.52 10.58
CA ASP C 687 22.38 -33.82 9.87
C ASP C 687 22.75 -32.48 10.48
N ILE C 688 21.75 -31.83 11.05
CA ILE C 688 21.93 -30.55 11.70
C ILE C 688 22.67 -30.73 12.98
N LYS C 689 22.22 -31.72 13.75
CA LYS C 689 22.94 -32.12 14.99
C LYS C 689 24.41 -32.51 14.78
N GLN C 690 24.70 -33.21 13.69
CA GLN C 690 26.08 -33.53 13.28
C GLN C 690 26.92 -32.24 13.03
N LEU C 691 26.32 -31.31 12.30
CA LEU C 691 26.96 -30.05 12.06
C LEU C 691 27.19 -29.32 13.37
N LEU C 692 26.22 -29.35 14.27
CA LEU C 692 26.41 -28.74 15.59
C LEU C 692 27.39 -29.46 16.54
N PHE C 693 27.51 -30.80 16.37
CA PHE C 693 28.51 -31.58 17.08
C PHE C 693 29.92 -31.08 16.71
N ASN C 694 30.21 -31.02 15.40
CA ASN C 694 31.50 -30.50 14.85
C ASN C 694 31.75 -29.02 15.17
N PHE C 695 30.71 -28.21 15.14
CA PHE C 695 30.82 -26.80 15.51
C PHE C 695 29.65 -26.43 16.40
N PRO C 696 29.82 -26.49 17.73
CA PRO C 696 28.75 -26.06 18.62
C PRO C 696 28.40 -24.59 18.47
N LYS C 697 27.18 -24.29 18.95
CA LYS C 697 26.59 -22.93 18.94
C LYS C 697 27.63 -21.83 19.33
N ASP C 698 28.28 -22.05 20.46
CA ASP C 698 29.21 -21.09 21.06
C ASP C 698 30.68 -21.20 20.57
N ALA C 699 30.95 -21.92 19.50
CA ALA C 699 32.35 -22.05 19.06
C ALA C 699 33.00 -20.76 18.62
N LYS C 700 34.31 -20.69 18.80
CA LYS C 700 35.11 -19.52 18.41
C LYS C 700 36.32 -20.07 17.69
N THR C 701 36.96 -19.25 16.86
CA THR C 701 38.12 -19.75 16.14
C THR C 701 39.43 -18.96 16.23
N SER C 702 40.52 -19.72 16.25
CA SER C 702 41.89 -19.25 16.27
C SER C 702 42.10 -17.83 16.71
N ASN C 703 41.41 -16.93 16.07
CA ASN C 703 41.54 -15.53 16.41
C ASN C 703 40.68 -15.23 17.63
N GLY C 704 39.94 -16.23 18.07
CA GLY C 704 39.09 -16.06 19.24
C GLY C 704 37.75 -15.52 18.84
N GLU C 705 37.60 -15.18 17.57
CA GLU C 705 36.36 -14.66 17.05
C GLU C 705 35.33 -15.78 17.02
N PRO C 706 34.02 -15.36 17.12
CA PRO C 706 33.03 -16.46 17.07
C PRO C 706 32.95 -17.10 15.68
N PHE C 707 32.85 -18.42 15.64
CA PHE C 707 32.78 -19.15 14.39
C PHE C 707 31.46 -18.92 13.62
N TRP C 708 30.35 -19.07 14.33
CA TRP C 708 29.04 -18.82 13.79
C TRP C 708 28.79 -17.32 13.87
N SER C 709 29.23 -16.57 12.88
CA SER C 709 28.82 -15.17 12.74
C SER C 709 28.69 -14.87 11.24
N GLY C 710 28.22 -13.66 10.92
CA GLY C 710 28.03 -13.19 9.54
C GLY C 710 27.13 -14.14 8.78
N ALA C 711 27.68 -14.67 7.70
CA ALA C 711 26.96 -15.58 6.80
C ALA C 711 26.67 -16.98 7.39
N LYS C 712 27.33 -17.29 8.50
CA LYS C 712 27.16 -18.57 9.16
C LYS C 712 26.23 -18.39 10.33
N ARG C 713 25.05 -18.98 10.20
CA ARG C 713 23.97 -18.73 11.12
C ARG C 713 23.78 -20.03 11.83
N ALA C 714 23.83 -20.02 13.15
CA ALA C 714 23.90 -21.28 13.91
C ALA C 714 22.55 -21.99 13.87
N PRO C 715 22.46 -23.20 13.27
CA PRO C 715 21.13 -23.81 13.07
C PRO C 715 20.51 -24.47 14.27
N THR C 716 19.20 -24.73 14.25
CA THR C 716 18.53 -25.47 15.32
C THR C 716 17.86 -26.68 14.69
N PRO C 717 18.01 -27.85 15.29
CA PRO C 717 17.29 -28.98 14.68
C PRO C 717 15.73 -28.86 14.84
N LEU C 718 15.01 -29.36 13.87
CA LEU C 718 13.56 -29.36 13.87
C LEU C 718 13.02 -30.56 14.60
N GLU C 719 11.97 -30.32 15.39
CA GLU C 719 11.06 -31.32 15.92
C GLU C 719 9.80 -31.41 15.05
N PHE C 720 9.54 -32.55 14.42
CA PHE C 720 8.55 -32.66 13.31
C PHE C 720 7.22 -32.24 13.93
N ASP C 721 6.36 -31.58 13.20
CA ASP C 721 5.11 -31.04 13.78
C ASP C 721 4.23 -31.01 12.58
N ILE C 722 3.30 -31.97 12.53
CA ILE C 722 2.49 -32.09 11.33
C ILE C 722 1.61 -30.84 11.10
N TYR C 723 1.37 -30.05 12.15
CA TYR C 723 0.58 -28.79 12.02
C TYR C 723 1.37 -27.66 11.37
N ASN C 724 2.71 -27.81 11.27
CA ASN C 724 3.53 -26.86 10.55
C ASN C 724 3.38 -27.19 9.12
N ASN C 725 2.97 -26.19 8.36
CA ASN C 725 2.72 -26.39 6.93
C ASN C 725 3.85 -27.00 6.13
N ASP C 726 5.08 -26.58 6.46
CA ASP C 726 6.22 -27.07 5.70
C ASP C 726 6.58 -28.52 6.08
N HIS C 727 6.38 -28.89 7.33
CA HIS C 727 6.71 -30.21 7.71
C HIS C 727 5.73 -31.18 7.06
N PHE C 728 4.48 -30.79 7.08
CA PHE C 728 3.43 -31.63 6.56
C PHE C 728 3.69 -31.80 5.09
N HIS C 729 3.96 -30.69 4.41
CA HIS C 729 4.09 -30.80 2.97
C HIS C 729 5.36 -31.52 2.51
N PHE C 730 6.40 -31.48 3.32
CA PHE C 730 7.60 -32.20 2.96
C PHE C 730 7.23 -33.67 2.91
N VAL C 731 6.49 -34.15 3.90
CA VAL C 731 6.06 -35.53 3.96
C VAL C 731 5.06 -35.87 2.88
N VAL C 732 4.07 -35.03 2.64
CA VAL C 732 3.09 -35.36 1.61
C VAL C 732 3.73 -35.45 0.22
N ALA C 733 4.54 -34.44 -0.09
CA ALA C 733 5.16 -34.38 -1.39
C ALA C 733 6.22 -35.50 -1.55
N GLY C 734 7.05 -35.71 -0.52
CA GLY C 734 8.06 -36.79 -0.52
C GLY C 734 7.41 -38.15 -0.69
N ALA C 735 6.37 -38.41 0.06
CA ALA C 735 5.73 -39.63 -0.08
C ALA C 735 5.07 -39.82 -1.44
N SER C 736 4.36 -38.83 -1.98
CA SER C 736 3.60 -39.02 -3.25
CA SER C 736 3.58 -39.03 -3.21
C SER C 736 4.63 -39.21 -4.42
N LEU C 737 5.79 -38.57 -4.34
CA LEU C 737 6.85 -38.73 -5.36
C LEU C 737 7.58 -40.05 -5.28
N ARG C 738 7.88 -40.45 -4.06
CA ARG C 738 8.43 -41.75 -3.86
C ARG C 738 7.49 -42.79 -4.42
N ALA C 739 6.19 -42.60 -4.15
CA ALA C 739 5.23 -43.57 -4.69
C ALA C 739 5.21 -43.59 -6.22
N TYR C 740 5.23 -42.42 -6.84
CA TYR C 740 5.42 -42.34 -8.27
C TYR C 740 6.69 -43.19 -8.76
N ASN C 741 7.82 -42.97 -8.10
CA ASN C 741 9.06 -43.63 -8.46
C ASN C 741 8.85 -45.19 -8.51
N TYR C 742 8.18 -45.72 -7.50
CA TYR C 742 8.02 -47.15 -7.27
C TYR C 742 6.71 -47.67 -7.78
N GLY C 743 6.00 -46.87 -8.56
CA GLY C 743 4.76 -47.30 -9.17
C GLY C 743 3.70 -47.72 -8.13
N ILE C 744 3.64 -47.01 -7.00
CA ILE C 744 2.56 -47.21 -6.00
C ILE C 744 1.49 -46.17 -6.10
N LYS C 745 0.25 -46.64 -6.06
CA LYS C 745 -0.95 -45.77 -5.91
C LYS C 745 -0.90 -44.84 -4.66
N SER C 746 -0.88 -43.53 -4.89
CA SER C 746 -1.11 -42.56 -3.77
C SER C 746 -2.54 -42.76 -3.12
N ASP C 747 -2.58 -42.82 -1.76
CA ASP C 747 -3.84 -42.54 -0.97
C ASP C 747 -4.38 -41.08 -1.19
N ASP C 748 -3.55 -40.15 -1.70
CA ASP C 748 -4.05 -38.84 -2.20
C ASP C 748 -3.83 -38.50 -3.80
N SER C 749 -3.92 -39.48 -4.73
CA SER C 749 -4.02 -39.19 -6.20
C SER C 749 -5.55 -39.21 -6.50
N ASN C 750 -6.19 -38.04 -6.64
CA ASN C 750 -7.70 -37.93 -6.78
C ASN C 750 -8.39 -37.43 -5.47
N SER C 751 -7.61 -36.98 -4.48
CA SER C 751 -8.12 -36.34 -3.26
C SER C 751 -6.98 -35.42 -2.69
N LYS C 752 -7.36 -34.50 -1.80
CA LYS C 752 -6.41 -33.73 -0.96
C LYS C 752 -5.78 -34.63 0.15
N PRO C 753 -4.59 -34.31 0.66
CA PRO C 753 -4.08 -35.18 1.70
C PRO C 753 -4.75 -35.01 3.07
N ASN C 754 -5.05 -36.12 3.73
CA ASN C 754 -5.71 -36.10 5.05
C ASN C 754 -4.72 -36.01 6.25
N VAL C 755 -4.74 -34.92 6.98
CA VAL C 755 -3.78 -34.73 8.05
C VAL C 755 -3.83 -35.85 9.08
N ASP C 756 -5.02 -36.18 9.58
CA ASP C 756 -5.23 -37.27 10.54
C ASP C 756 -4.64 -38.59 10.04
N GLU C 757 -4.82 -38.89 8.75
CA GLU C 757 -4.28 -40.16 8.16
C GLU C 757 -2.79 -40.20 8.16
N TYR C 758 -2.14 -39.15 7.69
CA TYR C 758 -0.69 -39.07 7.78
C TYR C 758 -0.21 -39.13 9.23
N LYS C 759 -1.00 -38.55 10.10
CA LYS C 759 -0.59 -38.37 11.44
C LYS C 759 -0.56 -39.71 12.14
N SER C 760 -1.60 -40.51 11.96
CA SER C 760 -1.62 -41.79 12.63
C SER C 760 -0.50 -42.73 12.12
N VAL C 761 -0.08 -42.60 10.87
CA VAL C 761 1.09 -43.34 10.38
C VAL C 761 2.35 -42.82 11.07
N ILE C 762 2.56 -41.54 11.10
CA ILE C 762 3.77 -41.01 11.74
C ILE C 762 3.80 -41.24 13.26
N ASP C 763 2.65 -41.14 13.90
CA ASP C 763 2.59 -41.28 15.34
C ASP C 763 2.89 -42.68 15.82
N HIS C 764 2.70 -43.70 14.97
CA HIS C 764 3.06 -45.12 15.27
C HIS C 764 4.53 -45.49 14.94
N MET C 765 5.32 -44.63 14.31
CA MET C 765 6.70 -44.91 13.96
C MET C 765 7.63 -44.80 15.17
N ILE C 766 8.61 -45.70 15.26
CA ILE C 766 9.73 -45.54 16.19
C ILE C 766 10.76 -44.77 15.38
N ILE C 767 11.08 -43.54 15.77
CA ILE C 767 12.06 -42.75 15.02
C ILE C 767 13.42 -42.98 15.66
N PRO C 768 14.46 -43.43 14.91
CA PRO C 768 15.71 -43.70 15.65
C PRO C 768 16.37 -42.43 16.13
N GLU C 769 17.01 -42.50 17.27
CA GLU C 769 17.70 -41.36 17.87
C GLU C 769 18.99 -41.04 17.08
N PHE C 770 19.46 -39.80 17.16
CA PHE C 770 20.75 -39.38 16.60
C PHE C 770 21.95 -39.95 17.36
N THR C 771 22.94 -40.51 16.65
CA THR C 771 24.28 -40.79 17.22
C THR C 771 25.32 -39.93 16.45
N PRO C 772 26.07 -39.05 17.16
CA PRO C 772 27.16 -38.36 16.48
C PRO C 772 28.15 -39.33 15.85
N ASN C 773 28.74 -38.94 14.73
CA ASN C 773 29.80 -39.72 14.13
C ASN C 773 31.08 -38.89 14.26
N ALA C 774 31.98 -39.28 15.19
CA ALA C 774 33.15 -38.43 15.58
C ALA C 774 34.26 -38.33 14.54
N ASN C 775 34.13 -39.05 13.41
CA ASN C 775 35.12 -39.09 12.32
C ASN C 775 34.94 -38.00 11.29
N LEU C 776 33.67 -37.75 10.92
CA LEU C 776 33.31 -36.80 9.84
C LEU C 776 33.88 -35.40 10.14
N LYS C 777 34.83 -34.94 9.33
CA LYS C 777 35.15 -33.52 9.27
C LYS C 777 34.22 -32.93 8.21
N ILE C 778 33.90 -31.67 8.43
CA ILE C 778 33.02 -30.87 7.58
C ILE C 778 33.88 -29.72 6.99
N GLN C 779 33.65 -29.48 5.71
CA GLN C 779 34.38 -28.50 4.95
C GLN C 779 33.75 -27.13 5.19
N VAL C 780 34.60 -26.19 5.58
CA VAL C 780 34.19 -24.86 5.97
C VAL C 780 34.29 -23.91 4.78
N ASN C 781 35.43 -23.90 4.10
CA ASN C 781 35.60 -23.10 2.88
C ASN C 781 35.76 -24.00 1.64
N ASP C 782 35.53 -23.40 0.47
CA ASP C 782 35.70 -24.09 -0.83
C ASP C 782 37.20 -24.30 -1.15
N ASP C 783 38.04 -23.40 -0.65
CA ASP C 783 39.48 -23.58 -0.70
C ASP C 783 39.96 -24.88 0.01
N ASP C 784 39.71 -25.02 1.32
CA ASP C 784 40.18 -26.18 2.20
C ASP C 784 40.10 -27.66 1.64
N PRO C 785 41.18 -28.49 1.89
CA PRO C 785 41.11 -29.89 1.33
C PRO C 785 39.93 -30.70 1.96
N ASP C 786 39.35 -31.63 1.20
CA ASP C 786 38.21 -32.49 1.62
C ASP C 786 37.46 -32.86 0.33
N ASP C 796 37.74 -48.36 -0.68
CA ASP C 796 38.08 -49.15 0.48
C ASP C 796 36.88 -49.52 1.36
N GLU C 797 36.18 -48.54 1.92
CA GLU C 797 34.79 -48.73 2.43
C GLU C 797 33.77 -49.07 1.28
N ILE C 798 34.28 -49.22 0.04
CA ILE C 798 33.51 -49.33 -1.20
C ILE C 798 33.27 -50.81 -1.59
N ASP C 799 34.22 -51.70 -1.30
CA ASP C 799 34.01 -53.15 -1.54
C ASP C 799 32.76 -53.67 -0.79
N GLN C 800 32.58 -53.21 0.46
CA GLN C 800 31.44 -53.55 1.37
C GLN C 800 30.11 -53.18 0.73
N LEU C 801 30.04 -51.91 0.32
CA LEU C 801 28.93 -51.33 -0.41
C LEU C 801 28.54 -52.07 -1.70
N VAL C 802 29.50 -52.29 -2.60
CA VAL C 802 29.36 -53.16 -3.79
C VAL C 802 28.89 -54.60 -3.49
N SER C 803 29.50 -55.30 -2.54
CA SER C 803 29.07 -56.67 -2.17
C SER C 803 27.67 -56.71 -1.51
N SER C 804 27.23 -55.62 -0.88
CA SER C 804 25.84 -55.44 -0.43
C SER C 804 24.77 -55.22 -1.58
N LEU C 805 25.18 -54.90 -2.81
CA LEU C 805 24.18 -54.64 -3.88
C LEU C 805 23.49 -55.96 -4.26
N PRO C 806 22.18 -55.95 -4.53
CA PRO C 806 21.53 -57.21 -4.95
C PRO C 806 21.94 -57.57 -6.37
N ASP C 807 21.98 -58.87 -6.70
CA ASP C 807 22.31 -59.31 -8.08
C ASP C 807 21.07 -58.92 -8.91
N PRO C 808 21.26 -58.26 -10.09
CA PRO C 808 20.09 -57.88 -10.88
C PRO C 808 19.11 -59.02 -11.24
N SER C 809 19.55 -60.26 -11.33
CA SER C 809 18.61 -61.35 -11.66
C SER C 809 17.63 -61.67 -10.53
N THR C 810 17.79 -61.11 -9.31
CA THR C 810 16.71 -61.17 -8.27
C THR C 810 15.62 -60.11 -8.43
N LEU C 811 15.72 -59.26 -9.48
CA LEU C 811 14.89 -58.05 -9.68
C LEU C 811 14.52 -57.93 -11.16
N ALA C 812 14.23 -59.08 -11.76
CA ALA C 812 13.90 -59.16 -13.19
C ALA C 812 12.64 -58.36 -13.41
N GLY C 813 12.70 -57.40 -14.31
CA GLY C 813 11.54 -56.61 -14.66
C GLY C 813 11.28 -55.44 -13.76
N PHE C 814 12.01 -55.32 -12.66
CA PHE C 814 11.86 -54.20 -11.77
C PHE C 814 12.35 -52.92 -12.43
N LYS C 815 11.55 -51.87 -12.37
CA LYS C 815 11.95 -50.63 -13.03
C LYS C 815 11.49 -49.49 -12.12
N LEU C 816 12.32 -48.47 -11.89
CA LEU C 816 11.86 -47.22 -11.25
C LEU C 816 11.53 -46.23 -12.30
N GLU C 817 10.60 -45.38 -11.96
CA GLU C 817 10.04 -44.37 -12.85
C GLU C 817 10.60 -42.97 -12.47
N PRO C 818 11.54 -42.44 -13.23
CA PRO C 818 12.04 -41.17 -12.82
C PRO C 818 11.02 -40.00 -13.00
N VAL C 819 11.20 -38.97 -12.20
CA VAL C 819 10.42 -37.74 -12.29
C VAL C 819 11.17 -36.75 -13.20
N ASP C 820 10.42 -36.09 -14.08
CA ASP C 820 10.94 -35.06 -14.94
C ASP C 820 10.35 -33.73 -14.41
N PHE C 821 11.18 -32.93 -13.74
CA PHE C 821 10.79 -31.62 -13.15
C PHE C 821 9.92 -30.83 -14.11
N GLU C 822 8.74 -30.48 -13.63
CA GLU C 822 7.79 -29.68 -14.40
C GLU C 822 7.21 -28.58 -13.50
N LYS C 823 7.81 -27.39 -13.52
CA LYS C 823 7.45 -26.32 -12.62
C LYS C 823 5.97 -25.77 -12.70
N ASP C 824 5.30 -26.06 -13.78
CA ASP C 824 4.11 -25.34 -14.15
C ASP C 824 2.91 -26.31 -14.05
N ASP C 825 3.06 -27.50 -13.51
CA ASP C 825 1.95 -28.32 -13.18
C ASP C 825 1.85 -28.33 -11.65
N ASP C 826 0.89 -27.56 -11.13
CA ASP C 826 0.57 -27.43 -9.71
C ASP C 826 0.08 -28.69 -9.07
N THR C 827 -0.30 -29.71 -9.84
CA THR C 827 -0.78 -30.92 -9.22
C THR C 827 0.23 -31.97 -9.00
N ASN C 828 1.45 -31.78 -9.46
CA ASN C 828 2.40 -32.90 -9.50
C ASN C 828 3.32 -33.02 -8.32
N HIS C 829 3.20 -32.15 -7.35
CA HIS C 829 3.96 -32.18 -6.11
C HIS C 829 5.37 -31.63 -6.18
N HIS C 830 5.80 -31.16 -7.32
CA HIS C 830 7.23 -30.84 -7.50
C HIS C 830 7.59 -29.54 -6.78
N ILE C 831 6.92 -28.44 -7.11
CA ILE C 831 7.12 -27.23 -6.35
C ILE C 831 6.67 -27.38 -4.92
N GLU C 832 5.58 -28.13 -4.68
CA GLU C 832 5.20 -28.41 -3.31
C GLU C 832 6.36 -29.03 -2.54
N PHE C 833 7.04 -30.03 -3.12
CA PHE C 833 8.26 -30.61 -2.44
C PHE C 833 9.40 -29.60 -2.24
N ILE C 834 9.74 -28.92 -3.28
CA ILE C 834 10.88 -28.02 -3.20
C ILE C 834 10.64 -26.91 -2.20
N THR C 835 9.44 -26.34 -2.23
CA THR C 835 9.11 -25.28 -1.33
C THR C 835 9.16 -25.77 0.09
N ALA C 836 8.51 -26.88 0.37
CA ALA C 836 8.52 -27.36 1.72
C ALA C 836 9.92 -27.80 2.23
N CYS C 837 10.69 -28.43 1.35
CA CYS C 837 12.06 -28.91 1.68
C CYS C 837 12.94 -27.71 1.91
N SER C 838 12.88 -26.75 1.02
CA SER C 838 13.56 -25.47 1.21
C SER C 838 13.16 -24.79 2.55
N ASN C 839 11.92 -24.81 2.88
CA ASN C 839 11.53 -23.99 4.01
C ASN C 839 11.86 -24.69 5.28
N CYS C 840 11.85 -26.01 5.26
CA CYS C 840 12.24 -26.73 6.48
C CYS C 840 13.71 -26.39 6.77
N ARG C 841 14.53 -26.36 5.73
CA ARG C 841 15.92 -25.93 5.96
C ARG C 841 15.95 -24.55 6.38
N ALA C 842 15.12 -23.73 5.73
CA ALA C 842 15.05 -22.32 6.17
C ALA C 842 14.79 -22.15 7.66
N GLN C 843 13.89 -22.96 8.20
CA GLN C 843 13.62 -22.99 9.63
C GLN C 843 14.81 -23.41 10.43
N ASN C 844 15.59 -24.39 9.93
CA ASN C 844 16.86 -24.77 10.62
C ASN C 844 17.73 -23.54 10.84
N TYR C 845 17.86 -22.66 9.84
CA TYR C 845 18.88 -21.62 9.84
C TYR C 845 18.29 -20.23 10.04
N PHE C 846 17.07 -20.19 10.57
CA PHE C 846 16.36 -18.95 10.83
C PHE C 846 16.35 -18.03 9.66
N ILE C 847 16.06 -18.59 8.51
CA ILE C 847 15.91 -17.80 7.31
C ILE C 847 14.40 -17.70 7.11
N GLU C 848 13.92 -16.52 6.64
CA GLU C 848 12.48 -16.38 6.34
C GLU C 848 12.02 -17.34 5.25
N THR C 849 10.92 -18.04 5.52
CA THR C 849 10.37 -18.97 4.57
C THR C 849 9.76 -18.29 3.37
N ALA C 850 9.74 -18.95 2.21
CA ALA C 850 9.07 -18.45 1.04
C ALA C 850 7.88 -19.32 0.59
N ASP C 851 7.00 -18.72 -0.21
CA ASP C 851 5.80 -19.42 -0.64
C ASP C 851 6.11 -20.16 -1.97
N ARG C 852 5.13 -20.83 -2.51
CA ARG C 852 5.22 -21.57 -3.72
C ARG C 852 5.53 -20.76 -4.90
N GLN C 853 4.94 -19.59 -5.06
CA GLN C 853 5.19 -18.80 -6.25
C GLN C 853 6.59 -18.30 -6.34
N LYS C 854 7.12 -17.95 -5.21
CA LYS C 854 8.47 -17.46 -5.17
C LYS C 854 9.50 -18.60 -5.30
N THR C 855 9.21 -19.70 -4.63
CA THR C 855 9.99 -20.91 -4.82
C THR C 855 10.01 -21.29 -6.30
N LYS C 856 8.86 -21.18 -6.96
CA LYS C 856 8.80 -21.60 -8.34
C LYS C 856 9.58 -20.66 -9.22
N PHE C 857 9.62 -19.38 -8.83
CA PHE C 857 10.35 -18.43 -9.61
C PHE C 857 11.84 -18.82 -9.63
N ILE C 858 12.35 -19.24 -8.50
CA ILE C 858 13.80 -19.37 -8.31
C ILE C 858 14.24 -20.75 -8.81
N ALA C 859 13.60 -21.78 -8.31
CA ALA C 859 13.87 -23.12 -8.75
C ALA C 859 13.57 -23.32 -10.22
N GLY C 860 12.56 -22.67 -10.70
CA GLY C 860 12.11 -22.87 -12.06
C GLY C 860 12.81 -21.93 -13.01
N ARG C 861 13.62 -21.00 -12.51
CA ARG C 861 14.30 -20.06 -13.37
C ARG C 861 13.38 -19.26 -14.32
N ILE C 862 12.23 -18.83 -13.82
CA ILE C 862 11.20 -18.14 -14.63
C ILE C 862 11.65 -16.74 -14.89
N ILE C 863 11.56 -16.33 -16.16
CA ILE C 863 11.84 -14.92 -16.58
C ILE C 863 10.56 -14.11 -16.52
N PRO C 864 10.54 -13.08 -15.72
CA PRO C 864 9.43 -12.18 -15.69
C PRO C 864 9.19 -11.59 -17.07
N ALA C 865 7.92 -11.55 -17.50
CA ALA C 865 7.58 -11.13 -18.84
C ALA C 865 6.23 -10.53 -18.90
N ILE C 866 6.09 -9.57 -19.79
CA ILE C 866 4.81 -8.90 -19.95
C ILE C 866 4.66 -8.43 -21.39
N ALA C 867 3.45 -8.37 -21.92
CA ALA C 867 3.25 -7.96 -23.32
C ALA C 867 3.67 -6.56 -23.68
N THR C 868 3.54 -5.63 -22.73
CA THR C 868 3.89 -4.23 -23.02
C THR C 868 5.31 -4.07 -23.52
N THR C 869 6.28 -4.56 -22.77
CA THR C 869 7.67 -4.50 -23.15
C THR C 869 7.93 -5.24 -24.48
N THR C 870 7.29 -6.39 -24.65
CA THR C 870 7.47 -7.20 -25.80
C THR C 870 7.03 -6.44 -27.05
N SER C 871 5.89 -5.80 -27.03
CA SER C 871 5.49 -5.05 -28.21
C SER C 871 6.37 -3.87 -28.49
N LEU C 872 6.77 -3.19 -27.43
CA LEU C 872 7.51 -1.97 -27.64
C LEU C 872 8.87 -2.26 -28.29
N VAL C 873 9.58 -3.22 -27.73
CA VAL C 873 10.91 -3.62 -28.25
C VAL C 873 10.73 -4.12 -29.66
N THR C 874 9.67 -4.82 -29.96
CA THR C 874 9.50 -5.38 -31.26
C THR C 874 9.24 -4.25 -32.24
N GLY C 875 8.54 -3.23 -31.77
CA GLY C 875 8.37 -2.03 -32.60
C GLY C 875 9.69 -1.47 -32.99
N LEU C 876 10.59 -1.35 -32.01
CA LEU C 876 11.89 -0.73 -32.30
C LEU C 876 12.71 -1.58 -33.30
N VAL C 877 12.62 -2.90 -33.19
CA VAL C 877 13.28 -3.78 -34.17
C VAL C 877 12.74 -3.47 -35.55
N ASN C 878 11.44 -3.25 -35.67
CA ASN C 878 10.89 -3.09 -36.98
C ASN C 878 11.11 -1.69 -37.52
N LEU C 879 11.64 -0.78 -36.73
CA LEU C 879 12.10 0.51 -37.28
C LEU C 879 13.51 0.38 -37.80
N GLU C 880 14.33 -0.50 -37.20
CA GLU C 880 15.61 -0.84 -37.79
C GLU C 880 15.50 -1.60 -39.05
N LEU C 881 14.52 -2.48 -39.13
CA LEU C 881 14.25 -3.30 -40.31
C LEU C 881 14.19 -2.50 -41.60
N TYR C 882 13.59 -1.32 -41.52
CA TYR C 882 13.52 -0.47 -42.67
C TYR C 882 14.94 -0.15 -43.23
N LYS C 883 15.90 -0.02 -42.33
CA LYS C 883 17.22 0.35 -42.70
C LYS C 883 17.94 -0.80 -43.40
N LEU C 884 17.62 -2.06 -43.07
CA LEU C 884 18.05 -3.20 -43.87
C LEU C 884 17.46 -3.20 -45.28
N ILE C 885 16.20 -2.80 -45.39
CA ILE C 885 15.56 -2.77 -46.69
C ILE C 885 16.36 -1.82 -47.59
N ASP C 886 16.88 -0.74 -47.05
CA ASP C 886 17.61 0.23 -47.87
C ASP C 886 19.11 0.01 -47.95
N ASN C 887 19.58 -1.07 -47.33
CA ASN C 887 20.99 -1.45 -47.34
C ASN C 887 21.92 -0.39 -46.80
N LYS C 888 21.51 0.26 -45.72
CA LYS C 888 22.28 1.39 -45.21
C LYS C 888 23.68 0.90 -44.84
N THR C 889 24.67 1.64 -45.25
CA THR C 889 26.07 1.35 -44.92
C THR C 889 26.61 2.46 -44.03
N ASP C 890 25.80 3.48 -43.68
CA ASP C 890 26.32 4.48 -42.74
C ASP C 890 25.93 4.05 -41.34
N ILE C 891 26.92 3.70 -40.54
CA ILE C 891 26.74 3.18 -39.25
C ILE C 891 25.89 4.11 -38.37
N GLU C 892 25.98 5.41 -38.59
CA GLU C 892 25.32 6.37 -37.74
C GLU C 892 23.84 6.35 -37.90
N GLN C 893 23.31 5.73 -38.92
CA GLN C 893 21.88 5.71 -39.14
C GLN C 893 21.24 4.64 -38.26
N TYR C 894 22.03 3.71 -37.74
CA TYR C 894 21.44 2.56 -37.08
C TYR C 894 21.36 2.87 -35.60
N LYS C 895 20.41 2.23 -34.89
CA LYS C 895 20.20 2.44 -33.49
C LYS C 895 20.01 1.14 -32.73
N ASN C 896 20.92 0.88 -31.82
CA ASN C 896 20.71 -0.09 -30.78
C ASN C 896 19.89 0.58 -29.68
N GLY C 897 18.90 -0.12 -29.16
CA GLY C 897 17.97 0.48 -28.19
C GLY C 897 18.06 -0.23 -26.83
N PHE C 898 17.79 0.54 -25.78
CA PHE C 898 17.73 0.05 -24.45
C PHE C 898 16.59 0.67 -23.70
N VAL C 899 15.76 -0.16 -23.05
CA VAL C 899 14.60 0.44 -22.38
C VAL C 899 14.36 -0.09 -21.00
N ASN C 900 13.76 0.74 -20.17
CA ASN C 900 13.05 0.24 -19.05
C ASN C 900 11.73 0.95 -18.89
N LEU C 901 10.64 0.28 -19.15
CA LEU C 901 9.36 0.96 -19.02
C LEU C 901 8.97 1.33 -17.60
N ALA C 902 9.64 0.76 -16.61
CA ALA C 902 9.25 1.08 -15.25
C ALA C 902 9.61 2.53 -14.89
N LEU C 903 10.61 3.10 -15.55
CA LEU C 903 11.14 4.37 -15.09
C LEU C 903 10.44 5.66 -15.47
N PRO C 904 9.96 5.87 -16.69
CA PRO C 904 10.32 5.11 -17.89
C PRO C 904 11.61 5.66 -18.48
N PHE C 905 12.37 4.83 -19.14
CA PHE C 905 13.66 5.21 -19.74
C PHE C 905 13.80 4.60 -21.14
N PHE C 906 14.26 5.42 -22.09
CA PHE C 906 14.62 4.95 -23.39
C PHE C 906 15.99 5.55 -23.72
N GLY C 907 16.87 4.76 -24.25
CA GLY C 907 18.10 5.30 -24.77
C GLY C 907 18.57 4.49 -25.97
N PHE C 908 19.30 5.16 -26.84
CA PHE C 908 19.74 4.55 -28.09
C PHE C 908 21.19 4.85 -28.27
N SER C 909 21.85 3.98 -29.01
CA SER C 909 23.26 4.17 -29.33
C SER C 909 23.56 3.63 -30.68
N GLU C 910 24.42 4.30 -31.39
CA GLU C 910 24.80 3.79 -32.67
C GLU C 910 25.69 2.52 -32.48
N PRO C 911 25.56 1.55 -33.38
CA PRO C 911 26.31 0.30 -33.19
C PRO C 911 27.78 0.55 -33.22
N ILE C 912 28.48 -0.33 -32.55
CA ILE C 912 29.94 -0.34 -32.59
C ILE C 912 30.43 -0.90 -33.92
N ALA C 913 31.42 -0.21 -34.49
CA ALA C 913 32.08 -0.64 -35.76
C ALA C 913 32.83 -1.96 -35.57
N SER C 914 32.77 -2.87 -36.53
CA SER C 914 33.62 -4.05 -36.51
C SER C 914 35.13 -3.66 -36.36
N PRO C 915 35.84 -4.29 -35.46
CA PRO C 915 37.30 -4.10 -35.56
C PRO C 915 37.96 -4.48 -36.92
N LYS C 916 38.91 -3.65 -37.30
CA LYS C 916 39.66 -3.73 -38.54
C LYS C 916 41.12 -4.11 -38.26
N GLY C 917 41.73 -4.73 -39.26
CA GLY C 917 43.10 -5.12 -39.20
C GLY C 917 43.75 -4.73 -40.48
N GLU C 918 45.02 -5.08 -40.59
CA GLU C 918 45.85 -4.72 -41.71
C GLU C 918 47.00 -5.80 -41.87
N TYR C 919 47.31 -6.28 -43.07
CA TYR C 919 48.50 -7.04 -43.35
C TYR C 919 49.05 -6.46 -44.66
N ASN C 920 50.36 -6.28 -44.82
CA ASN C 920 50.86 -5.57 -46.03
C ASN C 920 50.01 -4.37 -46.57
N ASN C 921 49.60 -3.45 -45.69
CA ASN C 921 48.79 -2.30 -46.16
C ASN C 921 47.43 -2.56 -46.81
N LYS C 922 46.91 -3.76 -46.59
CA LYS C 922 45.64 -4.19 -47.01
C LYS C 922 44.79 -4.23 -45.75
N LYS C 923 43.69 -3.52 -45.82
CA LYS C 923 42.80 -3.34 -44.68
C LYS C 923 41.77 -4.48 -44.80
N TYR C 924 41.34 -5.03 -43.69
CA TYR C 924 40.36 -6.10 -43.70
C TYR C 924 39.52 -6.00 -42.42
N ASP C 925 38.39 -6.63 -42.43
CA ASP C 925 37.44 -6.60 -41.32
C ASP C 925 37.63 -7.92 -40.51
N LYS C 926 37.94 -7.78 -39.22
CA LYS C 926 38.24 -8.96 -38.43
C LYS C 926 37.03 -9.87 -38.16
N ILE C 927 35.81 -9.37 -38.31
CA ILE C 927 34.66 -10.19 -38.05
C ILE C 927 34.23 -10.83 -39.34
N TRP C 928 34.14 -9.97 -40.36
CA TRP C 928 33.37 -10.32 -41.52
C TRP C 928 34.16 -10.82 -42.71
N ASP C 929 35.42 -10.48 -42.82
CA ASP C 929 36.23 -10.85 -44.03
C ASP C 929 36.86 -12.24 -43.88
N ARG C 930 36.88 -12.97 -44.97
CA ARG C 930 37.51 -14.25 -44.96
C ARG C 930 38.03 -14.46 -46.39
N PHE C 931 39.00 -15.37 -46.54
CA PHE C 931 39.47 -15.77 -47.89
C PHE C 931 38.61 -16.92 -48.44
N ASP C 932 37.80 -16.64 -49.43
CA ASP C 932 36.93 -17.67 -50.02
C ASP C 932 37.70 -18.34 -51.16
N ILE C 933 37.98 -19.63 -51.04
CA ILE C 933 38.75 -20.35 -52.00
C ILE C 933 37.76 -21.28 -52.65
N LYS C 934 37.70 -21.22 -53.98
CA LYS C 934 36.74 -22.03 -54.71
C LYS C 934 37.36 -23.44 -55.06
N GLY C 935 36.87 -24.54 -54.49
CA GLY C 935 37.27 -25.88 -54.87
C GLY C 935 38.19 -26.54 -53.86
N ASP C 936 38.28 -27.86 -53.98
CA ASP C 936 39.10 -28.68 -53.13
C ASP C 936 40.60 -28.53 -53.53
N ILE C 937 41.15 -27.36 -53.35
CA ILE C 937 42.49 -26.95 -53.80
C ILE C 937 43.61 -27.78 -53.17
N LYS C 938 44.63 -28.02 -53.97
CA LYS C 938 45.82 -28.65 -53.48
C LYS C 938 46.57 -27.72 -52.52
N LEU C 939 47.11 -28.30 -51.46
CA LEU C 939 47.88 -27.56 -50.53
C LEU C 939 48.92 -26.70 -51.19
N SER C 940 49.65 -27.22 -52.17
CA SER C 940 50.69 -26.42 -52.81
C SER C 940 50.10 -25.18 -53.52
N ASP C 941 48.97 -25.35 -54.16
CA ASP C 941 48.31 -24.26 -54.83
C ASP C 941 47.79 -23.20 -53.83
N LEU C 942 47.33 -23.66 -52.66
CA LEU C 942 46.87 -22.79 -51.66
C LEU C 942 48.01 -21.88 -51.22
N ILE C 943 49.16 -22.50 -50.95
CA ILE C 943 50.29 -21.76 -50.44
C ILE C 943 50.73 -20.74 -51.48
N GLU C 944 50.79 -21.16 -52.71
CA GLU C 944 51.24 -20.28 -53.78
C GLU C 944 50.23 -19.12 -54.00
N HIS C 945 48.93 -19.42 -53.96
CA HIS C 945 47.90 -18.42 -54.12
C HIS C 945 48.04 -17.31 -53.03
N PHE C 946 48.35 -17.69 -51.79
CA PHE C 946 48.53 -16.74 -50.72
C PHE C 946 49.73 -15.83 -50.91
N GLU C 947 50.78 -16.38 -51.49
CA GLU C 947 51.93 -15.54 -51.71
C GLU C 947 51.73 -14.60 -52.83
N LYS C 948 51.19 -15.14 -53.90
CA LYS C 948 51.11 -14.39 -55.16
C LYS C 948 50.01 -13.32 -55.07
N ASP C 949 48.88 -13.63 -54.45
CA ASP C 949 47.71 -12.75 -54.44
C ASP C 949 47.56 -11.96 -53.20
N GLU C 950 48.01 -12.45 -52.07
CA GLU C 950 47.97 -11.69 -50.84
C GLU C 950 49.29 -11.20 -50.26
N GLY C 951 50.42 -11.58 -50.80
CA GLY C 951 51.71 -11.28 -50.13
C GLY C 951 51.88 -12.01 -48.80
N LEU C 952 51.16 -13.08 -48.60
CA LEU C 952 51.23 -13.81 -47.34
C LEU C 952 51.99 -15.19 -47.52
N GLU C 953 53.01 -15.40 -46.68
CA GLU C 953 53.70 -16.66 -46.55
C GLU C 953 52.98 -17.46 -45.50
N ILE C 954 52.28 -18.52 -45.95
CA ILE C 954 51.58 -19.35 -45.00
C ILE C 954 52.55 -20.15 -44.14
N THR C 955 52.26 -20.15 -42.85
CA THR C 955 53.21 -20.59 -41.85
C THR C 955 52.63 -21.74 -41.05
N MET C 956 51.29 -21.76 -40.93
CA MET C 956 50.52 -22.80 -40.29
C MET C 956 49.16 -22.86 -40.90
N LEU C 957 48.63 -24.05 -41.06
CA LEU C 957 47.30 -24.20 -41.59
C LEU C 957 46.66 -25.31 -40.80
N SER C 958 45.47 -25.07 -40.26
CA SER C 958 44.77 -26.06 -39.41
C SER C 958 43.26 -26.16 -39.71
N TYR C 959 42.65 -27.30 -39.38
CA TYR C 959 41.27 -27.55 -39.59
C TYR C 959 40.82 -28.05 -38.28
N GLY C 960 39.99 -27.27 -37.59
CA GLY C 960 39.63 -27.53 -36.21
C GLY C 960 40.84 -27.77 -35.31
N VAL C 961 40.87 -28.95 -34.67
CA VAL C 961 41.95 -29.40 -33.80
C VAL C 961 43.22 -29.96 -34.52
N SER C 962 43.17 -30.19 -35.84
CA SER C 962 44.29 -30.77 -36.64
C SER C 962 45.22 -29.79 -37.36
N LEU C 963 46.54 -29.90 -37.10
CA LEU C 963 47.55 -29.22 -37.89
C LEU C 963 47.72 -29.94 -39.25
N LEU C 964 47.57 -29.23 -40.34
CA LEU C 964 47.67 -29.81 -41.65
C LEU C 964 49.01 -29.49 -42.30
N TYR C 965 49.52 -28.30 -42.03
CA TYR C 965 50.76 -27.80 -42.64
C TYR C 965 51.44 -26.83 -41.70
N ALA C 966 52.76 -26.83 -41.73
CA ALA C 966 53.54 -25.82 -41.10
C ALA C 966 54.88 -25.61 -41.84
N SER C 967 55.42 -24.39 -41.77
CA SER C 967 56.54 -24.00 -42.57
C SER C 967 57.83 -24.73 -42.02
N PHE C 968 57.78 -25.22 -40.81
CA PHE C 968 58.88 -25.95 -40.20
C PHE C 968 58.89 -27.44 -40.49
N PHE C 969 57.92 -27.97 -41.25
CA PHE C 969 57.85 -29.41 -41.53
C PHE C 969 59.01 -29.86 -42.38
N PRO C 970 59.56 -31.01 -42.10
CA PRO C 970 60.66 -31.47 -42.94
C PRO C 970 60.22 -31.96 -44.32
N PRO C 971 61.13 -31.99 -45.27
CA PRO C 971 60.81 -32.40 -46.67
C PRO C 971 60.01 -33.74 -46.81
N LYS C 972 60.27 -34.72 -45.98
CA LYS C 972 59.56 -35.97 -46.07
C LYS C 972 58.13 -35.73 -45.73
N LYS C 973 57.84 -34.93 -44.71
CA LYS C 973 56.44 -34.63 -44.37
C LYS C 973 55.77 -33.75 -45.49
N LEU C 974 56.47 -32.76 -46.02
CA LEU C 974 55.93 -31.95 -47.03
C LEU C 974 55.68 -32.69 -48.31
N LYS C 975 56.51 -33.62 -48.66
CA LYS C 975 56.28 -34.37 -49.86
C LYS C 975 54.98 -35.22 -49.78
N GLU C 976 54.60 -35.76 -48.60
CA GLU C 976 53.32 -36.50 -48.45
C GLU C 976 52.10 -35.57 -48.64
N ARG C 977 52.27 -34.26 -48.40
CA ARG C 977 51.14 -33.32 -48.23
C ARG C 977 50.93 -32.30 -49.35
N LEU C 978 52.03 -31.79 -49.93
CA LEU C 978 51.93 -30.61 -50.80
C LEU C 978 51.03 -30.85 -52.02
N ASN C 979 51.05 -32.09 -52.48
CA ASN C 979 50.24 -32.43 -53.62
C ASN C 979 48.77 -32.84 -53.30
N LEU C 980 48.35 -32.78 -52.06
CA LEU C 980 47.02 -33.27 -51.68
C LEU C 980 45.94 -32.18 -51.70
N PRO C 981 44.78 -32.44 -52.31
CA PRO C 981 43.61 -31.56 -52.07
C PRO C 981 43.31 -31.52 -50.59
N ILE C 982 42.71 -30.41 -50.17
CA ILE C 982 42.50 -30.16 -48.75
C ILE C 982 41.72 -31.30 -48.09
N THR C 983 40.73 -31.85 -48.76
CA THR C 983 39.97 -32.90 -48.09
C THR C 983 40.86 -34.13 -47.87
N GLN C 984 41.73 -34.43 -48.83
CA GLN C 984 42.59 -35.57 -48.71
C GLN C 984 43.72 -35.28 -47.69
N LEU C 985 44.12 -34.03 -47.55
CA LEU C 985 44.99 -33.65 -46.48
C LEU C 985 44.37 -33.80 -45.10
N VAL C 986 43.08 -33.54 -44.99
CA VAL C 986 42.43 -33.79 -43.75
C VAL C 986 42.31 -35.28 -43.45
N LYS C 987 42.01 -36.03 -44.47
CA LYS C 987 41.99 -37.47 -44.39
C LYS C 987 43.30 -38.04 -43.85
N LEU C 988 44.41 -37.60 -44.42
CA LEU C 988 45.72 -38.13 -44.07
C LEU C 988 46.07 -37.89 -42.59
N VAL C 989 45.63 -36.76 -42.03
CA VAL C 989 46.05 -36.39 -40.65
C VAL C 989 45.13 -36.95 -39.55
N THR C 990 43.82 -36.90 -39.79
CA THR C 990 42.77 -37.37 -38.87
C THR C 990 42.35 -38.85 -39.02
N LYS C 991 42.65 -39.43 -40.19
CA LYS C 991 42.20 -40.78 -40.58
C LYS C 991 40.66 -40.88 -40.81
N LYS C 992 40.00 -39.76 -41.04
CA LYS C 992 38.56 -39.72 -41.16
C LYS C 992 38.30 -38.98 -42.47
N ASP C 993 37.40 -39.52 -43.33
CA ASP C 993 36.91 -38.79 -44.55
C ASP C 993 36.07 -37.56 -44.08
N ILE C 994 36.06 -36.50 -44.87
CA ILE C 994 35.12 -35.39 -44.63
C ILE C 994 33.75 -35.94 -44.96
N PRO C 995 32.77 -35.74 -44.07
CA PRO C 995 31.47 -36.28 -44.49
C PRO C 995 30.89 -35.64 -45.77
N ALA C 996 30.05 -36.43 -46.47
CA ALA C 996 29.42 -36.08 -47.77
C ALA C 996 28.51 -34.84 -47.70
N HIS C 997 27.75 -34.65 -46.62
CA HIS C 997 26.92 -33.40 -46.42
C HIS C 997 27.72 -32.03 -46.44
N VAL C 998 29.02 -32.11 -46.13
CA VAL C 998 29.82 -30.96 -45.87
C VAL C 998 30.19 -30.27 -47.15
N SER C 999 29.88 -28.98 -47.18
CA SER C 999 30.09 -28.18 -48.35
C SER C 999 31.17 -27.15 -48.12
N THR C 1000 31.50 -26.88 -46.84
CA THR C 1000 32.55 -25.93 -46.50
C THR C 1000 33.46 -26.43 -45.40
N MET C 1001 34.68 -25.91 -45.48
CA MET C 1001 35.65 -26.12 -44.47
C MET C 1001 36.26 -24.78 -44.13
N ILE C 1002 36.24 -24.45 -42.84
CA ILE C 1002 36.97 -23.30 -42.33
C ILE C 1002 38.35 -23.79 -41.97
N LEU C 1003 39.35 -23.05 -42.40
CA LEU C 1003 40.77 -23.29 -42.02
C LEU C 1003 41.36 -22.05 -41.39
N GLU C 1004 42.06 -22.21 -40.28
CA GLU C 1004 42.73 -21.10 -39.69
CA GLU C 1004 42.76 -21.10 -39.67
C GLU C 1004 44.19 -21.15 -40.25
N ILE C 1005 44.77 -19.98 -40.54
CA ILE C 1005 46.13 -19.80 -40.90
C ILE C 1005 46.85 -18.85 -40.02
N CSO C 1006 48.14 -19.15 -39.87
CA CSO C 1006 49.09 -18.17 -39.50
CB CSO C 1006 49.91 -18.69 -38.37
SG CSO C 1006 49.03 -19.10 -36.95
C CSO C 1006 49.93 -17.91 -40.75
O CSO C 1006 50.07 -18.75 -41.60
OD CSO C 1006 50.53 -19.29 -35.83
N ALA C 1007 50.49 -16.70 -40.84
CA ALA C 1007 51.22 -16.21 -41.95
C ALA C 1007 52.16 -15.09 -41.56
N ASP C 1008 53.21 -14.99 -42.34
CA ASP C 1008 54.13 -13.91 -42.30
C ASP C 1008 53.89 -12.99 -43.51
N ASP C 1009 54.14 -11.70 -43.31
CA ASP C 1009 53.81 -10.67 -44.31
C ASP C 1009 55.10 -10.40 -45.03
N LYS C 1010 55.08 -9.42 -45.95
CA LYS C 1010 56.34 -9.11 -46.69
C LYS C 1010 57.56 -8.64 -45.92
N GLU C 1011 57.41 -8.25 -44.65
CA GLU C 1011 58.54 -7.95 -43.80
C GLU C 1011 59.04 -9.17 -43.02
N GLY C 1012 58.49 -10.36 -43.24
CA GLY C 1012 58.84 -11.53 -42.48
C GLY C 1012 58.28 -11.64 -41.07
N GLU C 1013 57.22 -10.93 -40.81
CA GLU C 1013 56.61 -10.82 -39.51
C GLU C 1013 55.28 -11.54 -39.54
N ASP C 1014 54.99 -12.24 -38.45
CA ASP C 1014 53.72 -12.86 -38.23
C ASP C 1014 52.62 -11.73 -38.18
N VAL C 1015 51.55 -11.94 -38.92
CA VAL C 1015 50.40 -11.02 -38.89
C VAL C 1015 49.16 -11.82 -38.79
N GLU C 1016 48.19 -11.20 -38.11
CA GLU C 1016 46.82 -11.66 -38.03
C GLU C 1016 46.19 -11.45 -39.35
N VAL C 1017 45.43 -12.45 -39.76
CA VAL C 1017 44.79 -12.43 -41.01
C VAL C 1017 43.45 -13.18 -40.94
N PRO C 1018 42.52 -12.86 -41.82
CA PRO C 1018 41.30 -13.59 -41.80
C PRO C 1018 41.49 -15.11 -41.93
N PHE C 1019 40.46 -15.84 -41.57
CA PHE C 1019 40.30 -17.26 -41.85
C PHE C 1019 39.97 -17.57 -43.28
N ILE C 1020 40.06 -18.85 -43.67
CA ILE C 1020 39.83 -19.29 -45.02
C ILE C 1020 38.58 -20.11 -45.00
N THR C 1021 37.81 -20.03 -46.07
CA THR C 1021 36.77 -20.94 -46.30
C THR C 1021 36.96 -21.61 -47.63
N ILE C 1022 36.91 -22.93 -47.59
CA ILE C 1022 37.01 -23.76 -48.73
C ILE C 1022 35.58 -24.16 -49.16
N HIS C 1023 35.23 -23.85 -50.42
CA HIS C 1023 33.94 -24.16 -50.96
C HIS C 1023 34.12 -25.42 -51.81
N LEU C 1024 33.70 -26.55 -51.24
CA LEU C 1024 33.72 -27.79 -51.91
C LEU C 1024 32.68 -27.85 -52.98
N MET D 1 35.39 17.68 -12.20
CA MET D 1 33.94 17.88 -12.51
C MET D 1 33.23 16.63 -12.10
N GLN D 2 31.99 16.80 -11.73
CA GLN D 2 31.18 15.61 -11.50
C GLN D 2 30.34 15.29 -12.74
N ILE D 3 30.25 14.00 -13.04
CA ILE D 3 29.28 13.46 -13.98
C ILE D 3 28.45 12.39 -13.30
N PHE D 4 27.36 12.00 -13.96
CA PHE D 4 26.44 11.05 -13.40
C PHE D 4 26.36 9.83 -14.28
N VAL D 5 26.13 8.71 -13.63
CA VAL D 5 25.86 7.46 -14.36
C VAL D 5 24.55 6.88 -13.77
N LYS D 6 23.54 6.69 -14.63
CA LYS D 6 22.27 6.09 -14.26
C LYS D 6 22.23 4.72 -14.81
N THR D 7 21.84 3.77 -13.97
CA THR D 7 21.67 2.42 -14.43
C THR D 7 20.24 2.15 -14.91
N LEU D 8 20.09 1.03 -15.63
CA LEU D 8 18.82 0.55 -16.08
C LEU D 8 17.86 0.22 -14.92
N THR D 9 18.36 0.05 -13.72
CA THR D 9 17.50 -0.14 -12.58
C THR D 9 17.03 1.19 -11.96
N GLY D 10 17.44 2.34 -12.51
CA GLY D 10 17.13 3.60 -11.84
C GLY D 10 18.18 4.23 -10.94
N LYS D 11 19.21 3.48 -10.57
CA LYS D 11 20.25 3.96 -9.66
C LYS D 11 21.11 5.01 -10.25
N THR D 12 21.49 5.99 -9.46
CA THR D 12 22.31 7.14 -9.91
C THR D 12 23.62 7.09 -9.11
N ILE D 13 24.73 7.08 -9.83
CA ILE D 13 26.09 6.95 -9.32
C ILE D 13 26.70 8.33 -9.66
N THR D 14 27.40 8.94 -8.75
CA THR D 14 28.10 10.19 -9.03
C THR D 14 29.60 9.87 -9.13
N LEU D 15 30.28 10.44 -10.13
CA LEU D 15 31.73 10.23 -10.33
C LEU D 15 32.47 11.55 -10.35
N GLU D 16 33.70 11.53 -9.82
CA GLU D 16 34.62 12.65 -9.97
C GLU D 16 35.58 12.30 -11.11
N VAL D 17 35.53 13.10 -12.17
CA VAL D 17 36.35 12.91 -13.38
C VAL D 17 36.93 14.23 -13.82
N GLU D 18 37.85 14.17 -14.78
CA GLU D 18 38.34 15.36 -15.54
CA GLU D 18 38.36 15.32 -15.51
C GLU D 18 38.12 14.99 -17.02
N SER D 19 37.98 15.97 -17.93
CA SER D 19 37.57 15.58 -19.33
C SER D 19 38.65 14.84 -20.10
N SER D 20 39.91 15.01 -19.72
CA SER D 20 41.01 14.23 -20.32
C SER D 20 40.99 12.71 -19.98
N ASP D 21 40.21 12.30 -18.96
CA ASP D 21 40.06 10.86 -18.58
C ASP D 21 39.53 9.98 -19.69
N THR D 22 40.08 8.77 -19.74
CA THR D 22 39.69 7.78 -20.72
C THR D 22 38.38 7.12 -20.30
N ILE D 23 37.71 6.48 -21.26
CA ILE D 23 36.55 5.69 -20.95
C ILE D 23 37.00 4.53 -20.08
N ASP D 24 38.19 3.95 -20.33
CA ASP D 24 38.73 2.88 -19.43
C ASP D 24 38.77 3.34 -17.96
N ASN D 25 39.15 4.60 -17.76
CA ASN D 25 39.24 5.27 -16.43
C ASN D 25 37.87 5.36 -15.78
N VAL D 26 36.91 5.87 -16.55
CA VAL D 26 35.52 6.01 -16.06
C VAL D 26 34.99 4.62 -15.70
N LYS D 27 35.25 3.64 -16.56
CA LYS D 27 34.81 2.26 -16.31
C LYS D 27 35.42 1.65 -15.07
N SER D 28 36.66 1.96 -14.85
CA SER D 28 37.29 1.53 -13.63
C SER D 28 36.69 2.24 -12.35
N LYS D 29 36.31 3.51 -12.44
CA LYS D 29 35.59 4.13 -11.31
C LYS D 29 34.21 3.48 -11.04
N ILE D 30 33.51 3.10 -12.11
CA ILE D 30 32.23 2.41 -11.99
C ILE D 30 32.43 1.05 -11.33
N GLN D 31 33.51 0.37 -11.70
CA GLN D 31 33.90 -0.87 -11.02
C GLN D 31 34.13 -0.66 -9.54
N ASP D 32 34.84 0.40 -9.14
CA ASP D 32 35.06 0.67 -7.71
C ASP D 32 33.75 0.79 -6.98
N LYS D 33 32.76 1.48 -7.57
CA LYS D 33 31.43 1.71 -6.97
C LYS D 33 30.49 0.52 -7.06
N GLU D 34 30.35 -0.10 -8.22
CA GLU D 34 29.33 -1.13 -8.45
C GLU D 34 29.81 -2.55 -8.47
N GLY D 35 31.10 -2.76 -8.66
CA GLY D 35 31.67 -4.10 -8.75
C GLY D 35 31.51 -4.73 -10.11
N ILE D 36 31.10 -3.98 -11.11
CA ILE D 36 30.92 -4.50 -12.48
C ILE D 36 32.27 -4.41 -13.24
N PRO D 37 32.79 -5.54 -13.77
CA PRO D 37 34.05 -5.52 -14.55
C PRO D 37 33.93 -4.63 -15.76
N PRO D 38 34.98 -3.89 -16.09
CA PRO D 38 34.86 -2.96 -17.22
C PRO D 38 34.33 -3.57 -18.52
N ASP D 39 34.73 -4.79 -18.84
CA ASP D 39 34.35 -5.38 -20.12
C ASP D 39 32.85 -5.68 -20.13
N GLN D 40 32.18 -5.76 -18.97
CA GLN D 40 30.70 -5.99 -18.94
C GLN D 40 29.85 -4.73 -18.96
N GLN D 41 30.49 -3.58 -18.91
CA GLN D 41 29.85 -2.35 -18.89
C GLN D 41 29.52 -1.86 -20.30
N ARG D 42 28.25 -1.58 -20.56
CA ARG D 42 27.84 -0.77 -21.73
C ARG D 42 27.36 0.58 -21.27
N LEU D 43 28.09 1.61 -21.68
CA LEU D 43 27.82 2.96 -21.31
C LEU D 43 27.42 3.70 -22.58
N ILE D 44 26.27 4.38 -22.54
CA ILE D 44 25.84 5.23 -23.66
C ILE D 44 25.68 6.70 -23.25
N PHE D 45 25.93 7.59 -24.19
CA PHE D 45 25.68 8.99 -24.01
C PHE D 45 25.45 9.67 -25.33
N ALA D 46 24.38 10.45 -25.39
CA ALA D 46 24.10 11.29 -26.53
C ALA D 46 24.09 10.54 -27.82
N GLY D 47 23.57 9.33 -27.78
CA GLY D 47 23.42 8.50 -28.97
C GLY D 47 24.63 7.67 -29.39
N LYS D 48 25.66 7.64 -28.57
CA LYS D 48 26.91 6.87 -28.83
C LYS D 48 27.20 5.99 -27.67
N GLN D 49 27.76 4.81 -27.97
CA GLN D 49 28.28 3.88 -26.99
C GLN D 49 29.74 4.22 -26.75
N LEU D 50 30.12 4.37 -25.47
CA LEU D 50 31.46 4.82 -25.11
C LEU D 50 32.46 3.65 -25.17
N GLU D 51 33.54 3.84 -25.94
CA GLU D 51 34.51 2.76 -26.24
C GLU D 51 35.84 2.98 -25.58
N ASP D 52 36.47 1.86 -25.27
CA ASP D 52 37.75 1.82 -24.57
C ASP D 52 38.74 2.57 -25.45
N GLY D 53 39.65 3.29 -24.79
CA GLY D 53 40.72 3.99 -25.45
C GLY D 53 40.32 5.35 -26.00
N ARG D 54 39.06 5.74 -25.92
CA ARG D 54 38.68 7.13 -26.19
C ARG D 54 38.57 7.94 -24.91
N THR D 55 38.44 9.25 -25.02
CA THR D 55 38.34 10.16 -23.85
C THR D 55 36.96 10.72 -23.70
N LEU D 56 36.70 11.34 -22.56
CA LEU D 56 35.42 12.04 -22.31
C LEU D 56 35.19 13.19 -23.32
N SER D 57 36.20 14.03 -23.60
CA SER D 57 36.08 15.03 -24.70
C SER D 57 35.76 14.47 -26.06
N ASP D 58 36.21 13.25 -26.40
CA ASP D 58 35.86 12.65 -27.71
C ASP D 58 34.34 12.47 -27.89
N TYR D 59 33.60 12.39 -26.79
CA TYR D 59 32.12 12.28 -26.79
C TYR D 59 31.39 13.57 -26.31
N ASN D 60 32.12 14.65 -26.12
CA ASN D 60 31.56 15.89 -25.65
C ASN D 60 30.91 15.85 -24.26
N ILE D 61 31.54 15.14 -23.32
CA ILE D 61 30.96 14.93 -22.00
C ILE D 61 31.33 16.08 -21.10
N GLN D 62 30.35 16.98 -20.88
CA GLN D 62 30.47 18.15 -20.00
C GLN D 62 30.17 17.75 -18.53
N LYS D 63 30.37 18.73 -17.63
CA LYS D 63 29.96 18.68 -16.21
C LYS D 63 28.46 18.50 -16.13
N GLU D 64 28.05 17.64 -15.21
CA GLU D 64 26.65 17.35 -14.98
C GLU D 64 26.05 16.39 -16.07
N SER D 65 26.83 15.94 -17.06
CA SER D 65 26.32 15.04 -18.07
C SER D 65 25.93 13.75 -17.38
N THR D 66 24.88 13.12 -17.93
CA THR D 66 24.41 11.85 -17.42
C THR D 66 24.66 10.78 -18.45
N LEU D 67 25.44 9.79 -18.06
CA LEU D 67 25.71 8.55 -18.86
C LEU D 67 24.74 7.46 -18.44
N HIS D 68 24.34 6.61 -19.36
CA HIS D 68 23.48 5.48 -18.99
C HIS D 68 24.22 4.15 -19.13
N LEU D 69 24.14 3.34 -18.10
CA LEU D 69 24.77 2.07 -18.02
C LEU D 69 23.66 1.06 -18.35
N VAL D 70 23.74 0.45 -19.50
CA VAL D 70 22.68 -0.41 -20.04
C VAL D 70 23.10 -1.91 -20.19
N LEU D 71 22.15 -2.75 -20.54
CA LEU D 71 22.22 -4.15 -20.52
C LEU D 71 21.53 -4.79 -21.70
N ARG D 72 21.93 -6.04 -22.03
CA ARG D 72 21.16 -6.83 -22.97
C ARG D 72 20.40 -7.83 -22.18
N LEU D 73 19.22 -8.18 -22.67
CA LEU D 73 18.39 -9.09 -21.90
C LEU D 73 18.16 -10.30 -22.72
N ARG D 74 17.83 -11.38 -22.07
CA ARG D 74 17.77 -12.71 -22.66
CA ARG D 74 17.81 -12.68 -22.66
C ARG D 74 16.34 -13.25 -22.89
N GLY D 75 15.29 -12.61 -22.36
CA GLY D 75 13.89 -13.08 -22.50
C GLY D 75 13.28 -12.83 -23.87
N GLY D 76 12.24 -13.56 -24.22
CA GLY D 76 11.60 -13.35 -25.51
C GLY D 76 10.60 -14.36 -25.91
N MET E 1 51.14 5.45 16.69
CA MET E 1 49.69 5.42 17.08
C MET E 1 49.19 4.01 16.86
N GLN E 2 48.21 3.61 17.65
CA GLN E 2 47.53 2.34 17.38
C GLN E 2 46.24 2.57 16.56
N ILE E 3 46.03 1.69 15.59
CA ILE E 3 44.76 1.55 14.86
C ILE E 3 44.27 0.11 15.00
N PHE E 4 43.00 -0.09 14.64
CA PHE E 4 42.36 -1.38 14.77
C PHE E 4 41.92 -1.89 13.39
N VAL E 5 41.97 -3.21 13.22
CA VAL E 5 41.45 -3.87 12.02
C VAL E 5 40.49 -4.95 12.52
N LYS E 6 39.20 -4.83 12.13
CA LYS E 6 38.13 -5.80 12.46
C LYS E 6 37.81 -6.63 11.21
N THR E 7 37.66 -7.94 11.36
CA THR E 7 37.30 -8.80 10.23
C THR E 7 35.79 -9.20 10.25
N LEU E 8 35.33 -9.89 9.21
CA LEU E 8 33.97 -10.52 9.24
C LEU E 8 33.47 -11.32 10.42
N THR E 9 34.41 -12.00 11.08
CA THR E 9 34.08 -12.82 12.21
C THR E 9 33.93 -11.97 13.49
N GLY E 10 34.12 -10.64 13.44
CA GLY E 10 34.09 -9.84 14.67
C GLY E 10 35.43 -9.61 15.39
N LYS E 11 36.49 -10.36 15.04
CA LYS E 11 37.83 -10.27 15.71
C LYS E 11 38.57 -8.95 15.42
N THR E 12 39.33 -8.50 16.39
CA THR E 12 40.02 -7.23 16.29
C THR E 12 41.52 -7.54 16.34
N ILE E 13 42.25 -6.91 15.44
CA ILE E 13 43.71 -6.98 15.26
C ILE E 13 44.16 -5.56 15.66
N THR E 14 45.19 -5.43 16.49
CA THR E 14 45.72 -4.09 16.85
C THR E 14 47.05 -3.92 16.09
N LEU E 15 47.26 -2.74 15.47
CA LEU E 15 48.49 -2.43 14.72
C LEU E 15 49.18 -1.20 15.28
N GLU E 16 50.51 -1.20 15.29
CA GLU E 16 51.30 0.01 15.54
C GLU E 16 51.71 0.59 14.16
N VAL E 17 51.22 1.81 13.88
CA VAL E 17 51.44 2.53 12.62
C VAL E 17 51.83 3.99 12.92
N GLU E 18 52.29 4.71 11.88
CA GLU E 18 52.40 6.20 11.88
C GLU E 18 51.56 6.66 10.66
N SER E 19 51.07 7.90 10.65
CA SER E 19 50.14 8.31 9.60
C SER E 19 50.79 8.34 8.22
N SER E 20 52.10 8.57 8.17
CA SER E 20 52.85 8.58 6.88
C SER E 20 52.97 7.18 6.18
N ASP E 21 52.71 6.09 6.92
CA ASP E 21 52.72 4.71 6.38
C ASP E 21 51.77 4.52 5.21
N THR E 22 52.24 3.75 4.22
CA THR E 22 51.46 3.41 3.05
C THR E 22 50.43 2.31 3.41
N ILE E 23 49.44 2.15 2.55
CA ILE E 23 48.49 1.04 2.67
C ILE E 23 49.24 -0.29 2.43
N ASP E 24 50.23 -0.33 1.51
CA ASP E 24 51.13 -1.52 1.33
C ASP E 24 51.77 -1.95 2.69
N ASN E 25 52.23 -0.94 3.46
CA ASN E 25 52.84 -1.08 4.84
C ASN E 25 51.86 -1.73 5.84
N VAL E 26 50.64 -1.15 5.91
CA VAL E 26 49.57 -1.66 6.79
C VAL E 26 49.24 -3.11 6.40
N LYS E 27 49.11 -3.36 5.09
CA LYS E 27 48.83 -4.71 4.55
C LYS E 27 49.93 -5.75 4.86
N SER E 28 51.19 -5.34 4.77
CA SER E 28 52.26 -6.23 5.24
C SER E 28 52.25 -6.47 6.81
N LYS E 29 51.83 -5.51 7.65
CA LYS E 29 51.61 -5.78 9.11
C LYS E 29 50.46 -6.76 9.40
N ILE E 30 49.36 -6.64 8.64
CA ILE E 30 48.23 -7.60 8.68
C ILE E 30 48.71 -9.01 8.23
N GLN E 31 49.57 -9.09 7.21
CA GLN E 31 50.21 -10.37 6.82
C GLN E 31 51.08 -11.00 7.94
N ASP E 32 51.92 -10.21 8.64
CA ASP E 32 52.69 -10.70 9.80
C ASP E 32 51.76 -11.30 10.88
N LYS E 33 50.62 -10.66 11.15
CA LYS E 33 49.64 -11.15 12.15
C LYS E 33 48.75 -12.32 11.68
N GLU E 34 48.14 -12.20 10.50
CA GLU E 34 47.08 -13.14 10.06
C GLU E 34 47.51 -14.18 9.01
N GLY E 35 48.63 -13.95 8.34
CA GLY E 35 49.07 -14.80 7.25
C GLY E 35 48.38 -14.57 5.93
N ILE E 36 47.60 -13.49 5.80
CA ILE E 36 46.87 -13.18 4.55
C ILE E 36 47.79 -12.36 3.60
N PRO E 37 48.11 -12.89 2.37
CA PRO E 37 48.89 -12.11 1.38
C PRO E 37 48.31 -10.72 1.09
N PRO E 38 49.15 -9.66 0.95
CA PRO E 38 48.59 -8.31 0.69
C PRO E 38 47.55 -8.19 -0.49
N ASP E 39 47.77 -8.92 -1.60
CA ASP E 39 46.83 -8.85 -2.75
C ASP E 39 45.45 -9.48 -2.46
N GLN E 40 45.31 -10.33 -1.44
CA GLN E 40 44.00 -10.89 -1.04
C GLN E 40 43.23 -10.05 0.00
N GLN E 41 43.84 -8.97 0.52
CA GLN E 41 43.24 -8.12 1.55
C GLN E 41 42.38 -7.04 0.93
N ARG E 42 41.09 -7.00 1.25
CA ARG E 42 40.23 -5.81 0.96
C ARG E 42 40.02 -5.09 2.32
N LEU E 43 40.54 -3.86 2.42
CA LEU E 43 40.45 -3.04 3.62
C LEU E 43 39.56 -1.86 3.28
N ILE E 44 38.54 -1.63 4.11
CA ILE E 44 37.68 -0.46 3.94
C ILE E 44 37.67 0.44 5.19
N PHE E 45 37.47 1.72 4.97
CA PHE E 45 37.32 2.70 6.05
C PHE E 45 36.32 3.81 5.62
N ALA E 46 35.30 4.05 6.44
CA ALA E 46 34.25 5.04 6.18
C ALA E 46 33.63 4.82 4.80
N GLY E 47 33.50 3.54 4.38
CA GLY E 47 32.90 3.12 3.08
C GLY E 47 33.80 2.90 1.86
N LYS E 48 35.02 3.46 1.97
CA LYS E 48 35.97 3.66 0.86
C LYS E 48 37.00 2.56 1.03
N GLN E 49 37.46 2.01 -0.09
CA GLN E 49 38.45 0.93 -0.13
C GLN E 49 39.90 1.45 -0.20
N LEU E 50 40.78 0.95 0.70
CA LEU E 50 42.17 1.42 0.79
C LEU E 50 43.03 0.79 -0.32
N GLU E 51 43.69 1.64 -1.14
CA GLU E 51 44.46 1.23 -2.30
C GLU E 51 45.97 1.35 -2.07
N ASP E 52 46.69 0.46 -2.73
CA ASP E 52 48.17 0.25 -2.53
C ASP E 52 49.18 1.36 -2.22
N GLY E 53 49.50 2.19 -3.20
CA GLY E 53 50.44 3.29 -3.05
C GLY E 53 49.93 4.56 -2.36
N ARG E 54 48.78 4.52 -1.70
CA ARG E 54 48.29 5.68 -0.93
C ARG E 54 48.74 5.57 0.54
N THR E 55 48.62 6.65 1.31
CA THR E 55 49.03 6.68 2.73
C THR E 55 47.80 6.67 3.66
N LEU E 56 48.03 6.46 4.96
CA LEU E 56 46.95 6.57 5.99
C LEU E 56 46.34 7.99 6.04
N SER E 57 47.15 9.06 6.01
CA SER E 57 46.63 10.46 5.84
C SER E 57 45.80 10.72 4.60
N ASP E 58 46.06 10.07 3.47
CA ASP E 58 45.18 10.21 2.28
C ASP E 58 43.71 9.80 2.54
N TYR E 59 43.48 8.91 3.52
CA TYR E 59 42.14 8.44 3.96
C TYR E 59 41.67 9.02 5.33
N ASN E 60 42.42 10.00 5.88
CA ASN E 60 42.15 10.66 7.17
C ASN E 60 42.08 9.66 8.38
N ILE E 61 43.01 8.69 8.40
CA ILE E 61 43.03 7.61 9.42
C ILE E 61 43.75 8.10 10.69
N GLN E 62 42.97 8.44 11.72
CA GLN E 62 43.46 8.92 13.03
C GLN E 62 43.81 7.72 13.92
N LYS E 63 44.37 8.05 15.09
CA LYS E 63 44.56 7.12 16.24
C LYS E 63 43.20 6.57 16.72
N GLU E 64 43.17 5.27 16.98
CA GLU E 64 41.95 4.55 17.41
C GLU E 64 40.94 4.27 16.24
N SER E 65 41.27 4.65 14.99
CA SER E 65 40.38 4.37 13.84
C SER E 65 40.28 2.86 13.66
N THR E 66 39.11 2.43 13.22
CA THR E 66 38.86 1.02 12.96
C THR E 66 38.69 0.82 11.47
N LEU E 67 39.59 0.01 10.89
CA LEU E 67 39.51 -0.46 9.49
C LEU E 67 38.78 -1.79 9.46
N HIS E 68 38.02 -2.07 8.40
CA HIS E 68 37.38 -3.40 8.25
C HIS E 68 38.05 -4.22 7.11
N LEU E 69 38.44 -5.45 7.44
CA LEU E 69 39.07 -6.36 6.51
C LEU E 69 37.95 -7.25 5.99
N VAL E 70 37.63 -7.08 4.72
CA VAL E 70 36.52 -7.76 4.13
C VAL E 70 37.24 -8.80 3.15
N LEU E 71 37.64 -10.01 3.66
CA LEU E 71 38.44 -11.08 2.90
C LEU E 71 37.89 -11.37 1.48
N ARG E 72 38.74 -11.77 0.52
CA ARG E 72 38.25 -12.31 -0.80
C ARG E 72 39.21 -13.28 -1.48
S SO4 F . -25.43 9.99 12.95
O1 SO4 F . -24.05 10.05 12.46
O2 SO4 F . -26.01 8.66 13.02
O3 SO4 F . -25.57 10.53 14.32
O4 SO4 F . -26.12 10.75 11.95
CL CL G . -10.01 7.20 15.54
CL CL H . -23.40 19.37 17.36
CL CL I . -30.97 -20.99 7.97
CL CL J . -8.12 -29.80 14.75
C1 GOL K . -12.96 -1.93 34.18
O1 GOL K . -14.20 -2.47 34.67
C2 GOL K . -11.70 -2.14 35.07
O2 GOL K . -11.96 -2.98 36.18
C3 GOL K . -10.49 -2.77 34.34
O3 GOL K . -9.28 -2.83 35.15
C1 GOL L . -7.78 -10.08 43.83
O1 GOL L . -8.74 -10.79 44.66
C2 GOL L . -6.40 -9.82 44.47
O2 GOL L . -6.55 -9.68 45.89
C3 GOL L . -5.76 -8.56 43.85
O3 GOL L . -4.46 -8.15 44.32
C1 GOL M . -5.50 -17.97 24.69
O1 GOL M . -6.65 -17.07 24.36
C2 GOL M . -5.53 -18.78 26.03
O2 GOL M . -6.14 -18.12 27.14
C3 GOL M . -4.13 -19.15 26.58
O3 GOL M . -4.15 -19.67 27.95
C1 GOL N . -50.35 35.43 1.71
O1 GOL N . -50.72 36.81 1.88
C2 GOL N . -48.86 35.29 1.32
O2 GOL N . -48.45 36.16 0.24
C3 GOL N . -48.50 33.84 0.90
O3 GOL N . -49.53 32.88 1.18
C1 GOL O . -34.80 18.92 -0.61
O1 GOL O . -35.22 17.58 -0.88
C2 GOL O . -34.64 19.77 -1.88
O2 GOL O . -33.80 20.83 -1.41
C3 GOL O . -34.20 19.03 -3.21
O3 GOL O . -33.87 19.82 -4.41
C1 GOL P . -0.34 30.97 -4.04
O1 GOL P . 0.07 30.51 -2.75
C2 GOL P . 0.88 30.76 -4.89
O2 GOL P . 1.12 29.34 -4.82
C3 GOL P . 0.68 31.29 -6.32
O3 GOL P . -0.22 30.45 -7.09
C1 GOL Q . -11.97 11.32 6.81
O1 GOL Q . -12.18 11.83 8.16
C2 GOL Q . -12.37 12.30 5.67
O2 GOL Q . -11.40 13.39 5.72
C3 GOL Q . -12.39 11.65 4.25
O3 GOL Q . -13.68 11.42 3.54
C8 6O2 R . -30.62 18.84 24.34
C5 6O2 R . -32.03 14.19 23.80
C6 6O2 R . -31.42 16.57 23.78
N1 6O2 R . -32.51 11.67 22.79
C2 6O2 R . -30.50 10.77 20.74
N3 6O2 R . -31.96 15.43 24.33
C4 6O2 R . -33.29 12.23 23.70
C13 6O2 R . -30.56 20.56 26.24
C12 6O2 R . -30.58 19.71 25.30
C7 6O2 R . -31.22 17.63 24.67
C9 6O2 R . -30.19 19.04 23.07
C10 6O2 R . -30.39 18.01 22.16
C11 6O2 R . -31.00 16.80 22.48
N2 6O2 R . -33.05 13.45 24.22
C3 6O2 R . -31.44 12.33 22.38
C14 6O2 R . -31.16 13.60 22.87
N4 6O2 R . -30.05 14.01 22.24
C15 6O2 R . -29.71 13.06 21.36
N 6O2 R . -30.55 12.03 21.46
O1 6O2 R . -29.37 10.02 21.22
C16 6O2 R . -30.31 10.88 19.24
O2 6O2 R . -31.59 11.02 18.63
C17 6O2 R . -29.61 9.57 18.89
O3 6O2 R . -30.47 8.50 18.49
C1 6O2 R . -28.97 9.12 20.21
C 6O2 R . -27.43 9.03 20.09
O 6O2 R . -27.08 7.85 19.32
S 6O2 R . -26.01 7.93 18.22
O4 6O2 R . -25.95 6.69 17.51
O5 6O2 R . -26.07 9.07 17.37
N5 6O2 R . -24.66 8.15 19.04
S SO4 S . 8.31 -19.24 -20.45
O1 SO4 S . 9.52 -19.04 -21.22
O2 SO4 S . 7.94 -20.59 -20.02
O3 SO4 S . 8.50 -18.35 -19.30
O4 SO4 S . 7.27 -19.04 -21.45
CL CL T . 11.32 -5.19 -14.36
CL CL U . 10.49 -21.41 -48.09
CL CL V . 18.36 -20.95 -18.58
CL CL W . 35.92 -28.65 -37.33
MG MG X . 58.28 -16.95 -39.52
C1 GOL Y . 21.24 -16.03 14.27
O1 GOL Y . 21.76 -17.04 13.41
C2 GOL Y . 19.96 -16.58 14.90
O2 GOL Y . 20.07 -17.98 15.20
C3 GOL Y . 19.65 -15.84 16.19
O3 GOL Y . 19.85 -14.48 15.82
C1 GOL Z . 2.18 27.61 -14.86
O1 GOL Z . 1.62 28.52 -13.90
C2 GOL Z . 1.19 26.45 -15.07
O2 GOL Z . 1.30 25.58 -13.95
C3 GOL Z . 1.51 25.70 -16.37
O3 GOL Z . 1.04 26.27 -17.64
C1 GOL AA . 14.39 4.69 -32.69
O1 GOL AA . 14.05 3.99 -33.93
C2 GOL AA . 15.24 5.99 -32.67
O2 GOL AA . 15.49 6.56 -33.97
C3 GOL AA . 14.61 7.00 -31.68
O3 GOL AA . 15.32 8.25 -31.46
C1 GOL BA . 18.52 17.25 -37.62
O1 GOL BA . 18.75 17.52 -36.21
C2 GOL BA . 17.02 17.18 -38.11
O2 GOL BA . 16.69 18.32 -38.94
C3 GOL BA . 16.65 15.95 -38.99
O3 GOL BA . 15.83 16.28 -40.14
C ACT CA . -16.97 15.71 -26.22
O ACT CA . -16.65 16.91 -26.40
OXT ACT CA . -17.89 15.36 -25.41
CH3 ACT CA . -16.27 14.63 -27.02
C8 6O2 DA . 20.60 -23.54 -28.72
C5 6O2 DA . 16.29 -22.34 -30.85
C6 6O2 DA . 18.31 -23.15 -29.60
N1 6O2 DA . 13.64 -21.80 -31.35
C2 6O2 DA . 12.22 -20.55 -28.97
N3 6O2 DA . 17.60 -22.76 -30.70
C4 6O2 DA . 14.42 -22.36 -32.29
C13 6O2 DA . 23.12 -23.67 -29.30
C12 6O2 DA . 21.87 -23.61 -29.01
C7 6O2 DA . 19.71 -23.23 -29.77
C9 6O2 DA . 20.08 -23.75 -27.44
C10 6O2 DA . 18.68 -23.70 -27.24
C11 6O2 DA . 17.82 -23.43 -28.31
N2 6O2 DA . 15.71 -22.61 -32.05
C3 6O2 DA . 14.16 -21.50 -30.15
C14 6O2 DA . 15.49 -21.74 -29.86
N4 6O2 DA . 15.70 -21.33 -28.58
C15 6O2 DA . 14.53 -20.88 -28.11
N 6O2 DA . 13.61 -21.01 -29.06
O1 6O2 DA . 12.24 -19.12 -28.83
C16 6O2 DA . 11.47 -21.10 -27.78
O2 6O2 DA . 10.88 -22.37 -28.11
C17 6O2 DA . 10.47 -19.95 -27.53
O3 6O2 DA . 9.17 -20.27 -28.08
C1 6O2 DA . 11.02 -18.72 -28.25
C 6O2 DA . 11.19 -17.50 -27.34
O 6O2 DA . 9.90 -17.06 -26.87
S 6O2 DA . 9.62 -16.65 -25.43
O4 6O2 DA . 8.28 -16.16 -25.32
O5 6O2 DA . 9.89 -17.61 -24.43
N5 6O2 DA . 10.55 -15.42 -25.14
#